data_1G5I
#
_entry.id   1G5I
#
_cell.length_a   96.743
_cell.length_b   134.010
_cell.length_c   135.144
_cell.angle_alpha   90.00
_cell.angle_beta   90.00
_cell.angle_gamma   90.00
#
_symmetry.space_group_name_H-M   'P 21 21 21'
#
loop_
_entity.id
_entity.type
_entity.pdbx_description
1 polymer 'MITOCHONDRIAL DNA POLYMERASE ACCESSORY SUBUNIT'
2 non-polymer 'SODIUM ION'
3 non-polymer GLYCEROL
4 water water
#
_entity_poly.entity_id   1
_entity_poly.type   'polypeptide(L)'
_entity_poly.pdbx_seq_one_letter_code
;WLSGYAGPADGTQQPDAPEHAVAREALVDLCRRRHFLSGTPQQLSTAALLSGCHARFGPLGVELRKNLASQWWSSMVVFR
EQVFAVDSLHQEPGSSQPRDSAFRLVSPESIREILQDREPSKEQLVAFLENLLKTSGKLRATLLHGALEHYVNCLDLVNR
KLPFGLAQIGVCFHPVSNSNQTPSSVTRVGEKTEASLVWFTPTRTSSQWLDFWLRHRLLWWRKFAMSPSNFSSADCQDEL
GRKGSKLYYSFPWGKEPIETLWNLGDQELLHTYPGNVSTIQGRDGRKNVVPCVLSVSGDVDLGTLAYLYDSFQLAENSFA
RKKSLQRKVLKLHPCLAPIKVALDVGKGPTVELRQVCQGLLNELLENGISVWPGYSETVHSSLEQLHSKYDEMSVLFSVL
VTETTLENGLIQLRSRDTTMKEMMHISKLRDFLVKYLASASNVAAALDHHHHHH
;
_entity_poly.pdbx_strand_id   A,B,C,D
#
# COMPACT_ATOMS: atom_id res chain seq x y z
N GLU A 25 1.48 -47.25 -22.78
CA GLU A 25 0.04 -46.92 -22.72
C GLU A 25 -0.68 -47.71 -21.63
N ALA A 26 -0.10 -48.85 -21.26
CA ALA A 26 -0.69 -49.69 -20.23
C ALA A 26 -0.81 -48.99 -18.88
N LEU A 27 0.17 -48.15 -18.55
CA LEU A 27 0.14 -47.43 -17.28
C LEU A 27 -0.96 -46.39 -17.23
N VAL A 28 -1.02 -45.52 -18.24
CA VAL A 28 -2.04 -44.48 -18.30
C VAL A 28 -3.44 -45.08 -18.32
N ASP A 29 -3.62 -46.14 -19.09
CA ASP A 29 -4.92 -46.82 -19.20
C ASP A 29 -5.37 -47.35 -17.85
N LEU A 30 -4.45 -47.99 -17.15
CA LEU A 30 -4.76 -48.56 -15.84
C LEU A 30 -5.14 -47.43 -14.89
N CYS A 31 -4.37 -46.34 -14.96
CA CYS A 31 -4.59 -45.20 -14.09
C CYS A 31 -5.94 -44.53 -14.37
N ARG A 32 -6.30 -44.44 -15.64
CA ARG A 32 -7.58 -43.82 -15.99
C ARG A 32 -8.70 -44.75 -15.54
N ARG A 33 -8.48 -46.05 -15.72
CA ARG A 33 -9.43 -47.09 -15.36
C ARG A 33 -9.68 -47.10 -13.84
N ARG A 34 -8.61 -47.00 -13.05
CA ARG A 34 -8.75 -47.02 -11.60
C ARG A 34 -8.90 -45.64 -10.99
N HIS A 35 -9.14 -44.64 -11.84
CA HIS A 35 -9.37 -43.27 -11.40
C HIS A 35 -8.25 -42.52 -10.68
N PHE A 36 -7.02 -42.78 -11.10
CA PHE A 36 -5.88 -42.05 -10.55
C PHE A 36 -5.84 -40.84 -11.49
N LEU A 37 -6.19 -41.07 -12.74
CA LEU A 37 -6.22 -40.03 -13.77
C LEU A 37 -7.66 -39.82 -14.24
N SER A 38 -7.89 -38.67 -14.85
CA SER A 38 -9.19 -38.29 -15.37
C SER A 38 -9.02 -37.92 -16.84
N GLY A 39 -10.13 -37.59 -17.50
CA GLY A 39 -10.04 -37.17 -18.89
C GLY A 39 -10.45 -38.11 -20.00
N THR A 40 -10.72 -37.50 -21.15
CA THR A 40 -11.09 -38.21 -22.36
C THR A 40 -9.81 -38.80 -22.95
N PRO A 41 -9.95 -39.73 -23.91
CA PRO A 41 -8.75 -40.34 -24.52
C PRO A 41 -7.80 -39.32 -25.13
N GLN A 42 -8.35 -38.23 -25.66
CA GLN A 42 -7.51 -37.19 -26.25
C GLN A 42 -6.72 -36.49 -25.15
N GLN A 43 -7.27 -36.50 -23.94
CA GLN A 43 -6.63 -35.85 -22.81
C GLN A 43 -5.62 -36.76 -22.09
N LEU A 44 -5.44 -37.98 -22.58
CA LEU A 44 -4.52 -38.89 -21.95
C LEU A 44 -3.22 -39.09 -22.72
N SER A 45 -2.99 -38.27 -23.75
CA SER A 45 -1.75 -38.36 -24.51
C SER A 45 -0.70 -37.71 -23.62
N THR A 46 0.58 -37.98 -23.90
CA THR A 46 1.66 -37.41 -23.12
C THR A 46 1.67 -35.89 -23.19
N ALA A 47 1.35 -35.35 -24.36
CA ALA A 47 1.34 -33.90 -24.52
C ALA A 47 0.25 -33.28 -23.63
N ALA A 48 -0.93 -33.87 -23.66
CA ALA A 48 -2.06 -33.37 -22.86
C ALA A 48 -1.81 -33.51 -21.36
N LEU A 49 -1.10 -34.56 -20.98
CA LEU A 49 -0.80 -34.81 -19.57
C LEU A 49 0.23 -33.83 -19.02
N LEU A 50 1.11 -33.36 -19.91
CA LEU A 50 2.17 -32.43 -19.52
C LEU A 50 1.78 -30.96 -19.63
N SER A 51 0.76 -30.66 -20.43
CA SER A 51 0.34 -29.28 -20.63
C SER A 51 -0.38 -28.69 -19.41
N GLY A 52 -1.15 -29.50 -18.71
CA GLY A 52 -1.86 -29.00 -17.56
C GLY A 52 -3.09 -28.21 -17.96
N CYS A 53 -3.59 -28.47 -19.18
CA CYS A 53 -4.76 -27.77 -19.70
C CYS A 53 -6.07 -28.34 -19.19
N HIS A 54 -5.99 -29.50 -18.55
CA HIS A 54 -7.18 -30.14 -18.00
C HIS A 54 -6.84 -30.72 -16.62
N ALA A 55 -7.81 -30.80 -15.73
CA ALA A 55 -7.60 -31.35 -14.39
C ALA A 55 -7.24 -32.82 -14.59
N ARG A 56 -5.97 -33.13 -14.40
CA ARG A 56 -5.45 -34.48 -14.64
C ARG A 56 -5.86 -35.63 -13.75
N PHE A 57 -6.17 -35.33 -12.50
CA PHE A 57 -6.45 -36.39 -11.56
C PHE A 57 -7.86 -36.74 -11.17
N GLY A 58 -8.08 -38.04 -11.00
CA GLY A 58 -9.35 -38.58 -10.55
C GLY A 58 -9.27 -38.64 -9.03
N PRO A 59 -10.30 -39.11 -8.32
CA PRO A 59 -10.26 -39.16 -6.85
C PRO A 59 -9.02 -39.81 -6.24
N LEU A 60 -8.63 -40.98 -6.73
CA LEU A 60 -7.45 -41.64 -6.18
C LEU A 60 -6.18 -40.85 -6.47
N GLY A 61 -6.15 -40.16 -7.60
CA GLY A 61 -5.01 -39.33 -7.95
C GLY A 61 -4.95 -38.08 -7.09
N VAL A 62 -6.10 -37.47 -6.82
CA VAL A 62 -6.17 -36.27 -5.99
C VAL A 62 -5.69 -36.63 -4.58
N GLU A 63 -6.07 -37.81 -4.10
CA GLU A 63 -5.65 -38.30 -2.78
C GLU A 63 -4.12 -38.48 -2.73
N LEU A 64 -3.58 -39.12 -3.75
CA LEU A 64 -2.14 -39.34 -3.84
C LEU A 64 -1.41 -38.00 -3.85
N ARG A 65 -1.89 -37.06 -4.67
CA ARG A 65 -1.26 -35.75 -4.74
C ARG A 65 -1.36 -35.04 -3.39
N LYS A 66 -2.49 -35.19 -2.72
CA LYS A 66 -2.66 -34.58 -1.40
C LYS A 66 -1.62 -35.16 -0.42
N ASN A 67 -1.40 -36.47 -0.46
CA ASN A 67 -0.41 -37.10 0.41
C ASN A 67 1.00 -36.61 0.08
N LEU A 68 1.29 -36.44 -1.20
CA LEU A 68 2.60 -35.96 -1.63
C LEU A 68 2.82 -34.53 -1.09
N ALA A 69 1.81 -33.68 -1.27
CA ALA A 69 1.85 -32.30 -0.80
C ALA A 69 2.08 -32.24 0.71
N SER A 70 1.45 -33.17 1.44
CA SER A 70 1.60 -33.22 2.89
C SER A 70 3.01 -33.58 3.28
N GLN A 71 3.60 -34.51 2.55
CA GLN A 71 4.96 -34.94 2.84
C GLN A 71 5.91 -33.79 2.51
N TRP A 72 5.56 -32.98 1.52
CA TRP A 72 6.40 -31.85 1.16
C TRP A 72 6.32 -30.83 2.30
N TRP A 73 5.11 -30.55 2.75
CA TRP A 73 4.89 -29.58 3.82
C TRP A 73 5.55 -29.98 5.14
N SER A 74 5.56 -31.27 5.47
CA SER A 74 6.20 -31.73 6.69
C SER A 74 7.72 -31.56 6.62
N SER A 75 8.34 -32.01 5.54
CA SER A 75 9.80 -31.89 5.39
C SER A 75 10.30 -30.46 5.20
N MET A 76 9.53 -29.64 4.51
CA MET A 76 9.95 -28.27 4.25
C MET A 76 9.48 -27.21 5.23
N VAL A 77 8.34 -27.43 5.86
CA VAL A 77 7.80 -26.43 6.76
C VAL A 77 7.67 -26.88 8.21
N VAL A 78 6.88 -27.92 8.44
CA VAL A 78 6.66 -28.41 9.80
C VAL A 78 7.94 -28.74 10.57
N PHE A 79 8.87 -29.44 9.93
CA PHE A 79 10.12 -29.82 10.59
C PHE A 79 11.25 -28.79 10.60
N ARG A 80 11.03 -27.63 9.98
CA ARG A 80 12.07 -26.60 9.94
C ARG A 80 11.58 -25.32 10.61
N GLU A 81 12.09 -25.03 11.80
CA GLU A 81 11.65 -23.86 12.56
C GLU A 81 11.92 -22.51 11.92
N GLN A 82 12.79 -22.48 10.91
CA GLN A 82 13.09 -21.21 10.23
C GLN A 82 12.25 -21.00 8.95
N VAL A 83 11.29 -21.90 8.70
CA VAL A 83 10.45 -21.76 7.51
C VAL A 83 9.01 -21.45 7.89
N PHE A 84 8.47 -20.40 7.30
CA PHE A 84 7.10 -20.01 7.58
C PHE A 84 6.23 -20.09 6.35
N ALA A 85 4.93 -20.21 6.58
CA ALA A 85 3.98 -20.31 5.48
C ALA A 85 3.62 -18.92 4.97
N VAL A 86 3.42 -18.81 3.67
CA VAL A 86 3.03 -17.55 3.07
C VAL A 86 1.93 -17.85 2.04
N ASP A 87 0.99 -16.94 1.91
CA ASP A 87 -0.08 -17.08 0.95
C ASP A 87 -0.17 -15.82 0.10
N SER A 88 -0.35 -15.98 -1.19
CA SER A 88 -0.42 -14.81 -2.05
C SER A 88 -1.51 -14.95 -3.09
N LEU A 89 -1.96 -13.83 -3.62
CA LEU A 89 -3.00 -13.83 -4.64
C LEU A 89 -2.57 -14.56 -5.91
N HIS A 90 -3.55 -15.07 -6.64
CA HIS A 90 -3.32 -15.76 -7.91
C HIS A 90 -3.08 -14.69 -8.97
N GLN A 91 -3.63 -13.49 -8.75
CA GLN A 91 -3.49 -12.40 -9.70
C GLN A 91 -2.42 -11.38 -9.28
N GLU A 92 -1.73 -10.83 -10.26
CA GLU A 92 -0.68 -9.85 -10.02
C GLU A 92 -0.97 -8.57 -10.78
N PRO A 93 -0.43 -7.43 -10.33
CA PRO A 93 -0.63 -6.13 -10.99
C PRO A 93 -0.27 -6.19 -12.47
N GLY A 94 -1.02 -5.45 -13.28
CA GLY A 94 -0.74 -5.43 -14.70
C GLY A 94 0.40 -4.50 -15.06
N SER A 95 1.12 -4.84 -16.13
CA SER A 95 2.24 -4.02 -16.56
C SER A 95 2.34 -4.02 -18.08
N SER A 96 2.52 -5.21 -18.65
CA SER A 96 2.64 -5.39 -20.10
C SER A 96 3.91 -4.80 -20.69
N GLN A 97 4.48 -3.82 -20.01
CA GLN A 97 5.71 -3.18 -20.46
C GLN A 97 6.78 -4.22 -20.78
N PRO A 98 7.04 -5.15 -19.85
CA PRO A 98 8.06 -6.19 -20.08
C PRO A 98 7.75 -7.07 -21.29
N ARG A 99 6.48 -7.13 -21.66
CA ARG A 99 6.04 -7.92 -22.80
C ARG A 99 6.08 -9.42 -22.48
N ASP A 100 5.51 -9.79 -21.33
CA ASP A 100 5.45 -11.19 -20.90
C ASP A 100 4.20 -11.84 -21.48
N SER A 101 4.08 -13.16 -21.31
CA SER A 101 2.95 -13.89 -21.87
C SER A 101 1.80 -14.27 -20.92
N ALA A 102 1.87 -13.83 -19.67
CA ALA A 102 0.82 -14.16 -18.70
C ALA A 102 -0.56 -13.68 -19.15
N PHE A 103 -1.58 -14.49 -18.91
CA PHE A 103 -2.93 -14.13 -19.30
C PHE A 103 -3.42 -12.92 -18.52
N ARG A 104 -4.18 -12.08 -19.19
CA ARG A 104 -4.72 -10.88 -18.55
C ARG A 104 -6.14 -11.17 -18.10
N LEU A 105 -6.61 -10.44 -17.10
CA LEU A 105 -7.96 -10.62 -16.61
C LEU A 105 -8.78 -9.42 -17.09
N VAL A 106 -9.77 -9.69 -17.92
CA VAL A 106 -10.61 -8.64 -18.47
C VAL A 106 -12.09 -8.76 -18.10
N SER A 107 -12.67 -7.67 -17.63
CA SER A 107 -14.08 -7.64 -17.25
C SER A 107 -14.96 -7.73 -18.49
N PRO A 108 -15.90 -8.69 -18.50
CA PRO A 108 -16.79 -8.83 -19.65
C PRO A 108 -17.66 -7.59 -19.81
N GLU A 109 -18.02 -6.97 -18.70
CA GLU A 109 -18.85 -5.77 -18.71
C GLU A 109 -18.19 -4.68 -19.54
N SER A 110 -17.02 -4.23 -19.08
CA SER A 110 -16.27 -3.19 -19.78
C SER A 110 -16.25 -3.39 -21.29
N ILE A 111 -16.16 -4.64 -21.73
CA ILE A 111 -16.14 -4.93 -23.16
C ILE A 111 -17.53 -4.69 -23.77
N ARG A 112 -18.57 -5.10 -23.05
CA ARG A 112 -19.94 -4.93 -23.51
C ARG A 112 -20.34 -3.47 -23.46
N GLU A 113 -19.82 -2.76 -22.47
CA GLU A 113 -20.12 -1.35 -22.27
C GLU A 113 -19.66 -0.50 -23.46
N ILE A 114 -18.52 -0.87 -24.06
CA ILE A 114 -18.01 -0.11 -25.20
C ILE A 114 -18.61 -0.59 -26.52
N LEU A 115 -19.04 -1.84 -26.56
CA LEU A 115 -19.63 -2.39 -27.77
C LEU A 115 -21.11 -2.00 -27.82
N GLN A 116 -22.00 -2.97 -27.63
CA GLN A 116 -23.43 -2.67 -27.66
C GLN A 116 -23.80 -1.73 -26.52
N ASP A 117 -23.52 -0.44 -26.71
CA ASP A 117 -23.81 0.60 -25.72
C ASP A 117 -23.27 1.94 -26.17
N SER A 121 -15.56 4.89 -31.45
CA SER A 121 -14.97 4.96 -32.82
C SER A 121 -13.82 3.97 -32.98
N LYS A 122 -13.15 4.03 -34.13
CA LYS A 122 -12.03 3.14 -34.41
C LYS A 122 -10.82 3.52 -33.58
N GLU A 123 -10.70 4.80 -33.24
CA GLU A 123 -9.58 5.28 -32.44
C GLU A 123 -9.82 4.98 -30.97
N GLN A 124 -11.09 4.85 -30.60
CA GLN A 124 -11.47 4.55 -29.22
C GLN A 124 -11.25 3.07 -28.94
N LEU A 125 -11.53 2.24 -29.94
CA LEU A 125 -11.37 0.80 -29.84
C LEU A 125 -9.90 0.46 -29.58
N VAL A 126 -9.02 1.11 -30.34
CA VAL A 126 -7.58 0.90 -30.20
C VAL A 126 -7.14 1.33 -28.81
N ALA A 127 -7.65 2.47 -28.35
CA ALA A 127 -7.29 2.99 -27.04
C ALA A 127 -7.72 1.97 -25.98
N PHE A 128 -8.94 1.47 -26.11
CA PHE A 128 -9.48 0.48 -25.20
C PHE A 128 -8.59 -0.77 -25.15
N LEU A 129 -8.18 -1.26 -26.31
CA LEU A 129 -7.30 -2.43 -26.37
C LEU A 129 -5.95 -2.12 -25.72
N GLU A 130 -5.45 -0.92 -25.95
CA GLU A 130 -4.18 -0.49 -25.38
C GLU A 130 -4.31 -0.53 -23.86
N ASN A 131 -5.45 -0.09 -23.35
CA ASN A 131 -5.71 -0.09 -21.91
C ASN A 131 -5.64 -1.49 -21.33
N LEU A 132 -6.38 -2.41 -21.95
CA LEU A 132 -6.41 -3.80 -21.50
C LEU A 132 -5.01 -4.34 -21.25
N LEU A 133 -4.17 -4.21 -22.26
CA LEU A 133 -2.79 -4.68 -22.18
C LEU A 133 -1.99 -4.05 -21.05
N LYS A 134 -2.13 -2.74 -20.86
CA LYS A 134 -1.37 -2.02 -19.84
C LYS A 134 -1.89 -2.03 -18.40
N THR A 135 -3.20 -2.01 -18.21
CA THR A 135 -3.76 -1.95 -16.87
C THR A 135 -4.40 -3.22 -16.32
N SER A 136 -4.78 -4.16 -17.19
CA SER A 136 -5.41 -5.40 -16.74
C SER A 136 -4.49 -6.20 -15.83
N GLY A 137 -5.06 -6.82 -14.81
CA GLY A 137 -4.26 -7.63 -13.91
C GLY A 137 -3.90 -8.89 -14.65
N LYS A 138 -2.94 -9.65 -14.13
CA LYS A 138 -2.57 -10.89 -14.79
C LYS A 138 -2.44 -12.06 -13.80
N LEU A 139 -2.53 -13.27 -14.33
CA LEU A 139 -2.42 -14.49 -13.53
C LEU A 139 -0.95 -14.83 -13.31
N ARG A 140 -0.60 -15.16 -12.07
CA ARG A 140 0.77 -15.48 -11.72
C ARG A 140 1.34 -16.69 -12.45
N ALA A 141 2.66 -16.65 -12.67
CA ALA A 141 3.37 -17.74 -13.34
C ALA A 141 4.25 -18.51 -12.36
N THR A 142 4.58 -17.88 -11.23
CA THR A 142 5.41 -18.49 -10.19
C THR A 142 4.94 -17.98 -8.83
N LEU A 143 5.43 -18.59 -7.76
CA LEU A 143 5.05 -18.18 -6.41
C LEU A 143 6.09 -17.25 -5.78
N LEU A 144 7.21 -17.05 -6.48
CA LEU A 144 8.29 -16.19 -6.01
C LEU A 144 7.89 -14.80 -5.53
N HIS A 145 7.21 -14.04 -6.38
CA HIS A 145 6.82 -12.69 -5.99
C HIS A 145 5.93 -12.63 -4.77
N GLY A 146 5.05 -13.60 -4.60
CA GLY A 146 4.21 -13.60 -3.43
C GLY A 146 5.09 -13.64 -2.19
N ALA A 147 6.16 -14.44 -2.25
CA ALA A 147 7.08 -14.55 -1.11
C ALA A 147 7.86 -13.24 -0.90
N LEU A 148 8.41 -12.69 -1.98
CA LEU A 148 9.17 -11.45 -1.88
C LEU A 148 8.34 -10.33 -1.26
N GLU A 149 7.06 -10.26 -1.64
CA GLU A 149 6.15 -9.24 -1.13
C GLU A 149 5.87 -9.37 0.37
N HIS A 150 5.98 -10.58 0.91
CA HIS A 150 5.71 -10.82 2.32
C HIS A 150 7.01 -10.95 3.11
N TYR A 151 8.13 -10.71 2.45
CA TYR A 151 9.45 -10.82 3.09
C TYR A 151 9.69 -9.86 4.28
N VAL A 152 9.29 -8.60 4.13
CA VAL A 152 9.50 -7.63 5.19
C VAL A 152 8.68 -8.01 6.43
N ASN A 153 7.49 -8.56 6.21
CA ASN A 153 6.64 -8.99 7.30
C ASN A 153 7.28 -10.13 8.09
N CYS A 154 7.81 -11.13 7.38
CA CYS A 154 8.43 -12.25 8.06
C CYS A 154 9.73 -11.85 8.72
N LEU A 155 10.34 -10.80 8.19
CA LEU A 155 11.57 -10.25 8.74
C LEU A 155 11.27 -9.81 10.17
N ASP A 156 10.13 -9.13 10.34
CA ASP A 156 9.72 -8.66 11.65
C ASP A 156 9.41 -9.83 12.56
N LEU A 157 8.73 -10.83 12.01
CA LEU A 157 8.37 -12.01 12.79
C LEU A 157 9.58 -12.67 13.43
N VAL A 158 10.68 -12.74 12.68
CA VAL A 158 11.91 -13.37 13.18
C VAL A 158 12.95 -12.36 13.66
N ASN A 159 12.52 -11.12 13.89
CA ASN A 159 13.45 -10.09 14.35
C ASN A 159 14.65 -9.90 13.43
N ARG A 160 14.42 -10.04 12.13
CA ARG A 160 15.45 -9.87 11.10
C ARG A 160 16.56 -10.92 11.07
N LYS A 161 16.43 -11.97 11.87
CA LYS A 161 17.46 -13.01 11.91
C LYS A 161 17.50 -13.88 10.66
N LEU A 162 18.65 -13.94 10.02
CA LEU A 162 18.85 -14.76 8.84
C LEU A 162 19.55 -16.04 9.25
N PRO A 163 19.30 -17.16 8.55
CA PRO A 163 18.43 -17.31 7.40
C PRO A 163 17.02 -17.75 7.82
N PHE A 164 16.08 -17.59 6.90
CA PHE A 164 14.70 -17.99 7.12
C PHE A 164 14.05 -18.11 5.76
N GLY A 165 12.95 -18.86 5.70
CA GLY A 165 12.27 -19.05 4.44
C GLY A 165 10.76 -18.93 4.49
N LEU A 166 10.17 -18.70 3.33
CA LEU A 166 8.73 -18.57 3.16
C LEU A 166 8.30 -19.68 2.20
N ALA A 167 7.34 -20.49 2.64
CA ALA A 167 6.85 -21.62 1.86
C ALA A 167 5.39 -21.49 1.47
N GLN A 168 5.07 -21.99 0.28
CA GLN A 168 3.71 -21.95 -0.21
C GLN A 168 3.49 -23.01 -1.29
N ILE A 169 2.31 -23.61 -1.30
CA ILE A 169 1.94 -24.59 -2.31
C ILE A 169 0.69 -23.97 -2.95
N GLY A 170 0.74 -23.70 -4.24
CA GLY A 170 -0.42 -23.11 -4.90
C GLY A 170 -0.34 -23.24 -6.42
N VAL A 171 -1.47 -23.01 -7.09
CA VAL A 171 -1.52 -23.15 -8.54
C VAL A 171 -1.00 -21.91 -9.27
N CYS A 172 -0.27 -22.15 -10.36
CA CYS A 172 0.28 -21.11 -11.21
C CYS A 172 -0.17 -21.38 -12.64
N PHE A 173 -0.16 -20.36 -13.47
CA PHE A 173 -0.62 -20.48 -14.84
C PHE A 173 0.47 -20.22 -15.88
N HIS A 174 0.39 -20.94 -16.99
CA HIS A 174 1.34 -20.78 -18.06
C HIS A 174 0.66 -21.03 -19.40
N PRO A 175 1.00 -20.23 -20.42
CA PRO A 175 0.44 -20.33 -21.78
C PRO A 175 0.90 -21.60 -22.49
N VAL A 176 -0.01 -22.18 -23.28
CA VAL A 176 0.30 -23.40 -24.02
C VAL A 176 0.11 -23.22 -25.54
N SER A 177 1.14 -23.56 -26.31
CA SER A 177 1.12 -23.44 -27.76
C SER A 177 1.04 -21.97 -28.21
N THR A 187 -4.19 -20.90 -28.11
CA THR A 187 -4.12 -20.06 -26.88
C THR A 187 -4.83 -20.74 -25.69
N ARG A 188 -4.15 -21.71 -25.08
CA ARG A 188 -4.71 -22.43 -23.94
C ARG A 188 -3.97 -22.07 -22.66
N VAL A 189 -4.65 -22.20 -21.53
CA VAL A 189 -4.04 -21.89 -20.25
C VAL A 189 -3.78 -23.14 -19.43
N GLY A 190 -2.52 -23.41 -19.13
CA GLY A 190 -2.19 -24.58 -18.33
C GLY A 190 -2.10 -24.23 -16.85
N GLU A 191 -2.49 -25.16 -15.99
CA GLU A 191 -2.44 -24.93 -14.55
C GLU A 191 -1.52 -25.94 -13.90
N LYS A 192 -0.64 -25.46 -13.04
CA LYS A 192 0.31 -26.33 -12.37
C LYS A 192 0.40 -26.02 -10.88
N THR A 193 0.35 -27.07 -10.07
CA THR A 193 0.46 -26.90 -8.62
C THR A 193 1.95 -26.84 -8.30
N GLU A 194 2.40 -25.67 -7.87
CA GLU A 194 3.79 -25.47 -7.54
C GLU A 194 4.00 -25.51 -6.04
N ALA A 195 5.12 -26.10 -5.60
CA ALA A 195 5.48 -26.19 -4.18
C ALA A 195 6.75 -25.34 -4.07
N SER A 196 6.63 -24.18 -3.45
CA SER A 196 7.75 -23.28 -3.36
C SER A 196 8.33 -22.94 -1.99
N LEU A 197 9.66 -22.91 -1.94
CA LEU A 197 10.38 -22.49 -0.74
C LEU A 197 11.29 -21.36 -1.21
N VAL A 198 11.17 -20.18 -0.60
CA VAL A 198 12.04 -19.06 -0.92
C VAL A 198 12.86 -18.85 0.35
N TRP A 199 14.17 -19.06 0.21
CA TRP A 199 15.13 -18.99 1.31
C TRP A 199 16.00 -17.72 1.26
N PHE A 200 15.89 -16.90 2.31
CA PHE A 200 16.67 -15.67 2.41
C PHE A 200 17.90 -15.94 3.27
N THR A 201 19.06 -15.66 2.72
CA THR A 201 20.30 -15.94 3.42
C THR A 201 21.41 -14.98 3.03
N PRO A 202 22.39 -14.78 3.94
CA PRO A 202 23.49 -13.87 3.59
C PRO A 202 24.20 -14.44 2.36
N THR A 203 24.69 -13.56 1.50
CA THR A 203 25.38 -13.99 0.30
C THR A 203 26.50 -14.98 0.56
N ARG A 204 27.23 -14.77 1.65
CA ARG A 204 28.39 -15.62 1.96
C ARG A 204 28.07 -17.10 2.19
N THR A 205 26.84 -17.42 2.59
CA THR A 205 26.49 -18.81 2.77
C THR A 205 25.50 -19.25 1.71
N SER A 206 25.22 -18.38 0.74
CA SER A 206 24.24 -18.71 -0.30
C SER A 206 24.60 -19.96 -1.11
N SER A 207 25.89 -20.09 -1.45
CA SER A 207 26.37 -21.24 -2.21
C SER A 207 26.16 -22.55 -1.44
N GLN A 208 26.58 -22.57 -0.17
CA GLN A 208 26.40 -23.75 0.67
C GLN A 208 24.94 -24.13 0.86
N TRP A 209 24.06 -23.15 0.98
CA TRP A 209 22.62 -23.43 1.18
C TRP A 209 22.00 -24.03 -0.08
N LEU A 210 22.44 -23.56 -1.25
CA LEU A 210 21.93 -24.08 -2.50
C LEU A 210 22.27 -25.57 -2.57
N ASP A 211 23.50 -25.90 -2.18
CA ASP A 211 23.97 -27.27 -2.18
C ASP A 211 23.24 -28.09 -1.14
N PHE A 212 22.98 -27.48 0.01
CA PHE A 212 22.27 -28.19 1.07
C PHE A 212 20.86 -28.55 0.60
N TRP A 213 20.16 -27.58 0.03
CA TRP A 213 18.80 -27.82 -0.44
C TRP A 213 18.70 -28.78 -1.63
N LEU A 214 19.67 -28.70 -2.54
CA LEU A 214 19.66 -29.60 -3.70
C LEU A 214 19.72 -31.04 -3.20
N ARG A 215 20.65 -31.30 -2.27
CA ARG A 215 20.80 -32.63 -1.71
C ARG A 215 19.54 -33.05 -0.96
N HIS A 216 19.04 -32.16 -0.12
CA HIS A 216 17.84 -32.44 0.66
C HIS A 216 16.62 -32.75 -0.23
N ARG A 217 16.43 -31.98 -1.29
CA ARG A 217 15.28 -32.19 -2.17
C ARG A 217 15.40 -33.46 -2.99
N LEU A 218 16.62 -33.79 -3.45
CA LEU A 218 16.83 -35.00 -4.23
C LEU A 218 16.48 -36.23 -3.38
N LEU A 219 16.96 -36.24 -2.14
CA LEU A 219 16.71 -37.36 -1.22
C LEU A 219 15.23 -37.47 -0.86
N TRP A 220 14.52 -36.35 -0.88
CA TRP A 220 13.09 -36.32 -0.57
C TRP A 220 12.32 -37.09 -1.66
N TRP A 221 12.64 -36.82 -2.92
CA TRP A 221 11.97 -37.51 -4.03
C TRP A 221 12.33 -39.00 -4.01
N ARG A 222 13.58 -39.31 -3.72
CA ARG A 222 14.03 -40.69 -3.73
C ARG A 222 13.53 -41.61 -2.62
N LYS A 223 13.28 -41.06 -1.43
CA LYS A 223 12.82 -41.89 -0.33
C LYS A 223 11.46 -42.53 -0.56
N PHE A 224 10.69 -42.01 -1.51
CA PHE A 224 9.37 -42.58 -1.82
C PHE A 224 9.41 -43.43 -3.09
N ALA A 225 10.53 -43.40 -3.79
CA ALA A 225 10.69 -44.11 -5.06
C ALA A 225 11.04 -45.60 -5.02
N MET A 226 10.54 -46.32 -6.01
CA MET A 226 10.81 -47.75 -6.15
C MET A 226 12.15 -47.86 -6.86
N SER A 227 12.39 -46.91 -7.77
CA SER A 227 13.63 -46.83 -8.54
C SER A 227 14.18 -45.43 -8.33
N PRO A 228 14.81 -45.21 -7.16
CA PRO A 228 15.39 -43.90 -6.82
C PRO A 228 16.30 -43.31 -7.89
N SER A 229 17.05 -44.18 -8.58
CA SER A 229 17.97 -43.70 -9.61
C SER A 229 17.27 -43.00 -10.77
N ASN A 230 15.95 -43.14 -10.88
CA ASN A 230 15.23 -42.49 -11.97
C ASN A 230 14.95 -41.02 -11.64
N PHE A 231 15.32 -40.62 -10.43
CA PHE A 231 15.19 -39.23 -10.00
C PHE A 231 16.64 -38.77 -10.00
N SER A 232 16.95 -37.75 -10.78
CA SER A 232 18.30 -37.25 -10.89
C SER A 232 18.37 -35.74 -10.88
N SER A 233 19.60 -35.20 -10.86
CA SER A 233 19.83 -33.78 -10.86
C SER A 233 20.91 -33.38 -11.88
N ALA A 234 20.97 -32.09 -12.18
CA ALA A 234 21.96 -31.55 -13.09
C ALA A 234 22.11 -30.09 -12.72
N ASP A 235 23.35 -29.61 -12.72
CA ASP A 235 23.62 -28.22 -12.39
C ASP A 235 23.48 -27.37 -13.64
N CYS A 236 23.16 -26.09 -13.46
CA CYS A 236 22.98 -25.20 -14.58
C CYS A 236 23.20 -23.75 -14.19
N GLN A 237 23.03 -22.84 -15.15
CA GLN A 237 23.19 -21.42 -14.90
C GLN A 237 22.32 -20.65 -15.89
N ASP A 238 21.90 -19.44 -15.51
CA ASP A 238 21.03 -18.65 -16.38
C ASP A 238 21.76 -17.64 -17.25
N GLU A 239 20.99 -16.97 -18.10
CA GLU A 239 21.51 -15.97 -19.02
C GLU A 239 22.41 -14.96 -18.30
N LEU A 240 22.16 -14.76 -17.01
CA LEU A 240 22.92 -13.79 -16.24
C LEU A 240 24.08 -14.42 -15.46
N GLY A 241 24.30 -15.70 -15.66
CA GLY A 241 25.39 -16.37 -14.96
C GLY A 241 25.09 -16.87 -13.56
N ARG A 242 23.83 -16.78 -13.15
CA ARG A 242 23.46 -17.24 -11.82
C ARG A 242 23.41 -18.77 -11.79
N LYS A 243 23.89 -19.35 -10.70
CA LYS A 243 23.90 -20.81 -10.56
C LYS A 243 22.60 -21.40 -10.00
N GLY A 244 22.31 -22.63 -10.41
CA GLY A 244 21.12 -23.32 -9.95
C GLY A 244 21.22 -24.79 -10.29
N SER A 245 20.21 -25.57 -9.93
CA SER A 245 20.19 -26.99 -10.22
C SER A 245 18.75 -27.40 -10.54
N LYS A 246 18.60 -28.48 -11.29
CA LYS A 246 17.29 -28.98 -11.63
C LYS A 246 17.23 -30.46 -11.28
N LEU A 247 16.03 -30.91 -10.90
CA LEU A 247 15.81 -32.31 -10.55
C LEU A 247 14.92 -32.88 -11.64
N TYR A 248 15.23 -34.09 -12.08
CA TYR A 248 14.45 -34.70 -13.15
C TYR A 248 13.94 -36.07 -12.78
N TYR A 249 12.87 -36.48 -13.45
CA TYR A 249 12.37 -37.82 -13.28
C TYR A 249 12.38 -38.37 -14.70
N SER A 250 12.85 -39.61 -14.85
CA SER A 250 12.93 -40.25 -16.16
C SER A 250 11.61 -40.89 -16.59
N PHE A 251 10.77 -40.14 -17.29
CA PHE A 251 9.51 -40.68 -17.78
C PHE A 251 9.83 -41.54 -19.01
N PRO A 252 8.90 -42.40 -19.42
CA PRO A 252 9.17 -43.24 -20.61
C PRO A 252 9.55 -42.46 -21.87
N TRP A 253 9.11 -41.21 -21.98
CA TRP A 253 9.43 -40.42 -23.16
C TRP A 253 10.62 -39.51 -22.90
N GLY A 254 11.28 -39.70 -21.77
CA GLY A 254 12.43 -38.88 -21.44
C GLY A 254 12.38 -38.19 -20.09
N LYS A 255 13.46 -37.49 -19.77
CA LYS A 255 13.59 -36.76 -18.51
C LYS A 255 12.80 -35.46 -18.52
N GLU A 256 12.09 -35.18 -17.43
CA GLU A 256 11.33 -33.94 -17.30
C GLU A 256 11.71 -33.29 -15.98
N PRO A 257 11.98 -31.97 -16.00
CA PRO A 257 12.37 -31.29 -14.76
C PRO A 257 11.18 -31.18 -13.83
N ILE A 258 11.29 -31.77 -12.64
CA ILE A 258 10.18 -31.72 -11.69
C ILE A 258 10.44 -30.67 -10.61
N GLU A 259 11.66 -30.14 -10.58
CA GLU A 259 12.01 -29.14 -9.58
C GLU A 259 13.25 -28.34 -9.96
N THR A 260 13.26 -27.06 -9.63
CA THR A 260 14.41 -26.23 -9.93
C THR A 260 14.82 -25.45 -8.68
N LEU A 261 16.13 -25.20 -8.55
CA LEU A 261 16.65 -24.45 -7.43
C LEU A 261 17.57 -23.40 -8.03
N TRP A 262 17.35 -22.13 -7.69
CA TRP A 262 18.17 -21.06 -8.22
C TRP A 262 18.71 -20.15 -7.15
N ASN A 263 19.95 -19.70 -7.35
CA ASN A 263 20.55 -18.76 -6.44
C ASN A 263 20.34 -17.45 -7.22
N LEU A 264 19.28 -16.72 -6.89
CA LEU A 264 18.93 -15.50 -7.61
C LEU A 264 19.67 -14.23 -7.24
N GLY A 265 20.34 -14.22 -6.11
CA GLY A 265 21.00 -12.99 -5.70
C GLY A 265 19.93 -12.10 -5.06
N ASP A 266 20.13 -10.78 -5.08
CA ASP A 266 19.18 -9.85 -4.46
C ASP A 266 18.37 -8.96 -5.40
N GLN A 267 18.66 -9.06 -6.69
CA GLN A 267 18.01 -8.26 -7.73
C GLN A 267 16.47 -8.16 -7.60
N GLU A 268 15.79 -9.30 -7.63
CA GLU A 268 14.33 -9.32 -7.53
C GLU A 268 13.84 -8.74 -6.20
N LEU A 269 14.56 -9.06 -5.12
CA LEU A 269 14.19 -8.56 -3.80
C LEU A 269 14.33 -7.04 -3.73
N LEU A 270 15.43 -6.52 -4.29
CA LEU A 270 15.67 -5.09 -4.30
C LEU A 270 14.58 -4.38 -5.12
N HIS A 271 14.26 -4.95 -6.28
CA HIS A 271 13.25 -4.39 -7.17
C HIS A 271 11.86 -4.40 -6.55
N THR A 272 11.68 -5.23 -5.53
CA THR A 272 10.39 -5.34 -4.87
C THR A 272 10.17 -4.24 -3.83
N TYR A 273 11.25 -3.62 -3.38
CA TYR A 273 11.15 -2.59 -2.35
C TYR A 273 11.90 -1.32 -2.75
N PRO A 274 11.54 -0.73 -3.89
CA PRO A 274 12.22 0.48 -4.34
C PRO A 274 12.12 1.62 -3.35
N GLY A 275 13.27 2.20 -3.01
CA GLY A 275 13.29 3.30 -2.07
C GLY A 275 13.24 2.89 -0.61
N ASN A 276 13.25 1.59 -0.33
CA ASN A 276 13.22 1.11 1.06
C ASN A 276 14.35 0.12 1.32
N VAL A 277 15.36 0.12 0.47
CA VAL A 277 16.48 -0.81 0.61
C VAL A 277 17.14 -0.78 1.99
N SER A 278 17.29 0.41 2.57
CA SER A 278 17.90 0.56 3.87
C SER A 278 17.17 -0.19 5.00
N THR A 279 15.88 -0.46 4.80
CA THR A 279 15.08 -1.12 5.83
C THR A 279 14.61 -2.55 5.52
N ILE A 280 15.23 -3.21 4.56
CA ILE A 280 14.83 -4.59 4.26
C ILE A 280 16.00 -5.51 4.58
N GLN A 281 16.95 -5.00 5.35
CA GLN A 281 18.13 -5.77 5.71
C GLN A 281 17.90 -6.75 6.85
N GLY A 282 18.54 -7.92 6.74
CA GLY A 282 18.41 -8.91 7.78
C GLY A 282 19.73 -8.97 8.55
N ARG A 283 19.76 -9.70 9.65
CA ARG A 283 20.99 -9.81 10.44
C ARG A 283 21.75 -11.09 10.17
N ASP A 284 23.02 -10.94 9.80
CA ASP A 284 23.91 -12.07 9.58
C ASP A 284 24.90 -11.95 10.74
N GLY A 285 24.49 -12.43 11.90
CA GLY A 285 25.34 -12.32 13.08
C GLY A 285 25.24 -10.90 13.58
N ARG A 286 26.35 -10.17 13.47
CA ARG A 286 26.40 -8.79 13.92
C ARG A 286 26.37 -7.82 12.74
N LYS A 287 26.27 -8.36 11.53
CA LYS A 287 26.24 -7.53 10.34
C LYS A 287 24.84 -7.45 9.74
N ASN A 288 24.55 -6.33 9.07
CA ASN A 288 23.25 -6.13 8.44
C ASN A 288 23.50 -6.19 6.93
N VAL A 289 22.75 -7.05 6.24
CA VAL A 289 22.91 -7.19 4.80
C VAL A 289 21.57 -7.40 4.09
N VAL A 290 21.55 -7.12 2.79
CA VAL A 290 20.35 -7.37 2.01
C VAL A 290 20.60 -8.83 1.69
N PRO A 291 19.65 -9.71 2.02
CA PRO A 291 19.89 -11.12 1.74
C PRO A 291 19.88 -11.56 0.29
N CYS A 292 20.55 -12.68 0.06
CA CYS A 292 20.59 -13.31 -1.25
C CYS A 292 19.33 -14.17 -1.19
N VAL A 293 18.70 -14.41 -2.35
CA VAL A 293 17.47 -15.19 -2.39
C VAL A 293 17.61 -16.53 -3.11
N LEU A 294 17.25 -17.62 -2.45
CA LEU A 294 17.29 -18.94 -3.09
C LEU A 294 15.84 -19.36 -3.34
N SER A 295 15.54 -19.70 -4.59
CA SER A 295 14.20 -20.11 -4.95
C SER A 295 14.15 -21.59 -5.28
N VAL A 296 13.38 -22.35 -4.51
CA VAL A 296 13.22 -23.79 -4.70
C VAL A 296 11.77 -24.05 -5.10
N SER A 297 11.55 -24.49 -6.34
CA SER A 297 10.18 -24.72 -6.80
C SER A 297 9.94 -26.09 -7.42
N GLY A 298 9.02 -26.84 -6.82
CA GLY A 298 8.71 -28.17 -7.32
C GLY A 298 7.33 -28.23 -7.98
N ASP A 299 7.20 -29.12 -8.96
CA ASP A 299 5.93 -29.29 -9.66
C ASP A 299 5.27 -30.54 -9.08
N VAL A 300 4.30 -30.30 -8.21
CA VAL A 300 3.55 -31.35 -7.51
C VAL A 300 2.73 -32.28 -8.41
N ASP A 301 2.21 -31.73 -9.50
CA ASP A 301 1.41 -32.49 -10.45
C ASP A 301 2.29 -33.46 -11.23
N LEU A 302 3.40 -32.94 -11.76
CA LEU A 302 4.32 -33.77 -12.51
C LEU A 302 4.93 -34.82 -11.57
N GLY A 303 5.13 -34.40 -10.32
CA GLY A 303 5.71 -35.29 -9.33
C GLY A 303 4.75 -36.43 -9.00
N THR A 304 3.45 -36.15 -9.08
CA THR A 304 2.45 -37.17 -8.80
C THR A 304 2.45 -38.18 -9.96
N LEU A 305 2.53 -37.67 -11.19
CA LEU A 305 2.58 -38.54 -12.36
C LEU A 305 3.87 -39.36 -12.26
N ALA A 306 4.95 -38.75 -11.81
CA ALA A 306 6.23 -39.44 -11.68
C ALA A 306 6.11 -40.68 -10.81
N TYR A 307 5.45 -40.55 -9.65
CA TYR A 307 5.29 -41.71 -8.77
C TYR A 307 4.37 -42.76 -9.36
N LEU A 308 3.39 -42.33 -10.16
CA LEU A 308 2.49 -43.32 -10.77
C LEU A 308 3.31 -44.21 -11.69
N TYR A 309 4.11 -43.60 -12.57
CA TYR A 309 4.95 -44.38 -13.48
C TYR A 309 5.99 -45.20 -12.69
N ASP A 310 6.60 -44.59 -11.67
CA ASP A 310 7.61 -45.26 -10.87
C ASP A 310 7.09 -46.48 -10.13
N SER A 311 5.81 -46.45 -9.76
CA SER A 311 5.20 -47.56 -9.03
C SER A 311 4.72 -48.74 -9.88
N PHE A 312 4.54 -48.52 -11.18
CA PHE A 312 4.02 -49.57 -12.05
C PHE A 312 4.91 -50.79 -12.24
N GLN A 313 4.39 -51.94 -11.84
CA GLN A 313 5.10 -53.21 -11.94
C GLN A 313 4.25 -54.32 -12.56
N LEU A 314 4.92 -55.27 -13.21
CA LEU A 314 4.25 -56.41 -13.83
C LEU A 314 4.66 -57.72 -13.16
N ARG A 327 0.41 -60.09 -13.64
CA ARG A 327 -0.28 -59.22 -12.64
C ARG A 327 0.24 -57.78 -12.70
N LYS A 328 -0.67 -56.84 -12.92
CA LYS A 328 -0.32 -55.43 -12.96
C LYS A 328 -0.57 -54.89 -11.56
N VAL A 329 0.44 -54.25 -10.99
CA VAL A 329 0.30 -53.70 -9.66
C VAL A 329 0.99 -52.34 -9.55
N LEU A 330 0.39 -51.43 -8.79
CA LEU A 330 0.99 -50.12 -8.56
C LEU A 330 1.50 -50.18 -7.12
N LYS A 331 2.82 -50.13 -6.95
CA LYS A 331 3.40 -50.18 -5.61
C LYS A 331 3.79 -48.80 -5.09
N LEU A 332 2.79 -47.95 -4.86
CA LEU A 332 3.05 -46.62 -4.36
C LEU A 332 3.53 -46.76 -2.91
N HIS A 333 4.49 -45.92 -2.53
CA HIS A 333 5.02 -45.95 -1.17
C HIS A 333 3.87 -45.88 -0.17
N PRO A 334 3.98 -46.60 0.95
CA PRO A 334 2.93 -46.60 1.99
C PRO A 334 2.43 -45.23 2.45
N CYS A 335 3.33 -44.25 2.48
CA CYS A 335 2.94 -42.91 2.89
C CYS A 335 2.17 -42.19 1.78
N LEU A 336 2.35 -42.63 0.53
CA LEU A 336 1.67 -41.98 -0.60
C LEU A 336 0.40 -42.67 -1.08
N ALA A 337 0.34 -44.00 -0.97
CA ALA A 337 -0.82 -44.76 -1.43
C ALA A 337 -2.11 -44.16 -0.89
N PRO A 338 -3.06 -43.85 -1.78
CA PRO A 338 -4.34 -43.26 -1.34
C PRO A 338 -5.15 -44.12 -0.38
N ILE A 339 -5.26 -45.41 -0.67
CA ILE A 339 -6.03 -46.32 0.18
C ILE A 339 -5.12 -47.31 0.87
N LYS A 340 -5.12 -47.28 2.20
CA LYS A 340 -4.26 -48.18 2.95
C LYS A 340 -4.82 -49.60 3.05
N VAL A 341 -6.11 -49.74 3.26
CA VAL A 341 -6.68 -51.07 3.40
C VAL A 341 -8.10 -51.22 2.80
N ALA A 342 -8.41 -52.45 2.40
CA ALA A 342 -9.73 -52.79 1.87
C ALA A 342 -10.34 -53.87 2.78
N LEU A 343 -11.64 -53.75 3.03
CA LEU A 343 -12.35 -54.72 3.87
C LEU A 343 -13.44 -55.38 3.04
N ASP A 344 -13.45 -56.71 3.01
CA ASP A 344 -14.44 -57.47 2.27
C ASP A 344 -14.96 -58.65 3.09
N VAL A 345 -16.06 -59.23 2.64
CA VAL A 345 -16.65 -60.36 3.34
C VAL A 345 -16.61 -61.61 2.47
N GLY A 346 -16.44 -62.76 3.10
CA GLY A 346 -16.41 -64.02 2.38
C GLY A 346 -17.78 -64.64 2.48
N LYS A 347 -17.84 -65.97 2.54
CA LYS A 347 -19.11 -66.66 2.65
C LYS A 347 -19.64 -66.52 4.07
N GLY A 348 -20.96 -66.43 4.22
CA GLY A 348 -21.53 -66.32 5.55
C GLY A 348 -22.72 -65.39 5.64
N PRO A 349 -23.31 -65.24 6.84
CA PRO A 349 -24.46 -64.37 7.05
C PRO A 349 -24.14 -62.91 6.71
N THR A 350 -24.70 -62.44 5.61
CA THR A 350 -24.50 -61.08 5.12
C THR A 350 -24.50 -60.00 6.20
N VAL A 351 -25.69 -59.73 6.73
CA VAL A 351 -25.87 -58.70 7.75
C VAL A 351 -24.90 -58.73 8.92
N GLU A 352 -24.55 -59.92 9.41
CA GLU A 352 -23.64 -60.03 10.54
C GLU A 352 -22.19 -59.70 10.18
N LEU A 353 -21.74 -60.20 9.04
CA LEU A 353 -20.38 -59.96 8.59
C LEU A 353 -20.19 -58.48 8.25
N ARG A 354 -21.21 -57.89 7.65
CA ARG A 354 -21.13 -56.48 7.28
C ARG A 354 -21.02 -55.64 8.55
N GLN A 355 -21.71 -56.06 9.59
CA GLN A 355 -21.68 -55.35 10.85
C GLN A 355 -20.27 -55.37 11.41
N VAL A 356 -19.64 -56.54 11.36
CA VAL A 356 -18.28 -56.68 11.86
C VAL A 356 -17.37 -55.77 11.06
N CYS A 357 -17.54 -55.77 9.74
CA CYS A 357 -16.73 -54.94 8.86
C CYS A 357 -16.93 -53.45 9.17
N GLN A 358 -18.17 -53.07 9.45
CA GLN A 358 -18.50 -51.68 9.76
C GLN A 358 -17.81 -51.21 11.02
N GLY A 359 -17.70 -52.10 12.01
CA GLY A 359 -17.03 -51.73 13.24
C GLY A 359 -15.55 -51.51 12.98
N LEU A 360 -14.98 -52.41 12.18
CA LEU A 360 -13.57 -52.36 11.82
C LEU A 360 -13.24 -51.08 11.07
N LEU A 361 -14.13 -50.68 10.16
CA LEU A 361 -13.93 -49.46 9.36
C LEU A 361 -13.91 -48.24 10.26
N ASN A 362 -14.94 -48.09 11.08
CA ASN A 362 -15.05 -46.96 11.98
C ASN A 362 -13.79 -46.83 12.82
N GLU A 363 -13.33 -47.96 13.35
CA GLU A 363 -12.13 -47.98 14.18
C GLU A 363 -10.89 -47.49 13.40
N LEU A 364 -10.76 -47.93 12.16
CA LEU A 364 -9.63 -47.54 11.33
C LEU A 364 -9.70 -46.08 10.92
N LEU A 365 -10.85 -45.66 10.40
CA LEU A 365 -11.05 -44.28 9.96
C LEU A 365 -10.77 -43.33 11.13
N GLU A 366 -11.22 -43.73 12.31
CA GLU A 366 -11.02 -42.93 13.51
C GLU A 366 -9.53 -42.76 13.76
N ASN A 367 -8.74 -43.69 13.25
CA ASN A 367 -7.29 -43.63 13.42
C ASN A 367 -6.66 -42.98 12.19
N GLY A 368 -7.51 -42.39 11.35
CA GLY A 368 -7.01 -41.72 10.15
C GLY A 368 -6.53 -42.64 9.03
N ILE A 369 -6.70 -43.94 9.19
CA ILE A 369 -6.30 -44.89 8.16
C ILE A 369 -7.37 -45.00 7.08
N SER A 370 -7.02 -44.66 5.84
CA SER A 370 -7.99 -44.73 4.76
C SER A 370 -8.44 -46.17 4.53
N VAL A 371 -9.73 -46.35 4.26
CA VAL A 371 -10.29 -47.68 4.05
C VAL A 371 -11.26 -47.78 2.89
N TRP A 372 -11.07 -48.81 2.07
CA TRP A 372 -11.99 -49.05 0.96
C TRP A 372 -13.03 -50.05 1.47
N PRO A 373 -14.30 -49.63 1.58
CA PRO A 373 -15.34 -50.52 2.07
C PRO A 373 -15.93 -51.47 1.01
N GLY A 374 -15.14 -52.43 0.57
CA GLY A 374 -15.59 -53.38 -0.44
C GLY A 374 -16.79 -54.22 -0.03
N TYR A 375 -17.02 -54.36 1.27
CA TYR A 375 -18.13 -55.14 1.77
C TYR A 375 -19.48 -54.47 1.49
N SER A 376 -19.46 -53.21 1.09
CA SER A 376 -20.69 -52.48 0.80
C SER A 376 -21.22 -52.84 -0.58
N GLU A 377 -20.34 -53.32 -1.44
CA GLU A 377 -20.69 -53.68 -2.80
C GLU A 377 -21.57 -54.94 -2.88
N THR A 378 -22.00 -55.29 -4.09
CA THR A 378 -22.82 -56.47 -4.31
C THR A 378 -21.93 -57.71 -4.17
N VAL A 379 -20.63 -57.49 -4.18
CA VAL A 379 -19.60 -58.52 -4.04
C VAL A 379 -19.77 -59.77 -4.92
N HIS A 380 -20.18 -59.58 -6.17
CA HIS A 380 -20.36 -60.70 -7.08
C HIS A 380 -19.10 -60.90 -7.93
N SER A 381 -17.94 -60.73 -7.31
CA SER A 381 -16.66 -60.91 -7.98
C SER A 381 -15.82 -61.92 -7.21
N SER A 382 -14.99 -62.67 -7.92
CA SER A 382 -14.14 -63.66 -7.27
C SER A 382 -13.05 -63.01 -6.45
N LEU A 383 -12.37 -63.82 -5.65
CA LEU A 383 -11.30 -63.33 -4.80
C LEU A 383 -10.16 -62.82 -5.67
N GLU A 384 -9.85 -63.55 -6.74
CA GLU A 384 -8.78 -63.20 -7.64
C GLU A 384 -9.05 -61.85 -8.31
N GLN A 385 -10.29 -61.63 -8.72
CA GLN A 385 -10.67 -60.38 -9.36
C GLN A 385 -10.51 -59.23 -8.38
N LEU A 386 -10.92 -59.48 -7.15
CA LEU A 386 -10.84 -58.50 -6.08
C LEU A 386 -9.40 -58.08 -5.81
N HIS A 387 -8.53 -59.06 -5.62
CA HIS A 387 -7.14 -58.76 -5.32
C HIS A 387 -6.39 -58.12 -6.48
N SER A 388 -6.77 -58.48 -7.69
CA SER A 388 -6.13 -57.91 -8.88
C SER A 388 -6.51 -56.43 -9.00
N LYS A 389 -7.77 -56.12 -8.65
CA LYS A 389 -8.26 -54.75 -8.71
C LYS A 389 -7.57 -53.91 -7.61
N TYR A 390 -7.52 -54.46 -6.40
CA TYR A 390 -6.88 -53.79 -5.28
C TYR A 390 -5.40 -53.52 -5.56
N ASP A 391 -4.76 -54.44 -6.26
CA ASP A 391 -3.36 -54.31 -6.60
C ASP A 391 -3.18 -53.12 -7.54
N GLU A 392 -4.14 -52.95 -8.44
CA GLU A 392 -4.12 -51.86 -9.42
C GLU A 392 -4.45 -50.52 -8.77
N MET A 393 -5.17 -50.58 -7.65
CA MET A 393 -5.57 -49.38 -6.93
C MET A 393 -4.50 -49.06 -5.90
N SER A 394 -3.48 -49.91 -5.85
CA SER A 394 -2.36 -49.74 -4.92
C SER A 394 -2.72 -49.94 -3.45
N VAL A 395 -3.85 -50.60 -3.19
CA VAL A 395 -4.28 -50.86 -1.83
C VAL A 395 -3.17 -51.65 -1.11
N LEU A 396 -2.73 -51.15 0.03
CA LEU A 396 -1.64 -51.81 0.77
C LEU A 396 -1.98 -53.18 1.31
N PHE A 397 -3.16 -53.30 1.90
CA PHE A 397 -3.63 -54.55 2.49
C PHE A 397 -5.12 -54.76 2.29
N SER A 398 -5.51 -56.01 2.04
CA SER A 398 -6.91 -56.35 1.88
C SER A 398 -7.26 -57.34 2.98
N VAL A 399 -8.38 -57.10 3.64
CA VAL A 399 -8.81 -57.98 4.71
C VAL A 399 -10.09 -58.69 4.30
N LEU A 400 -10.19 -59.96 4.69
CA LEU A 400 -11.37 -60.75 4.38
C LEU A 400 -11.99 -61.24 5.67
N VAL A 401 -13.23 -60.83 5.90
CA VAL A 401 -13.99 -61.22 7.08
C VAL A 401 -14.99 -62.29 6.66
N THR A 402 -14.98 -63.42 7.36
CA THR A 402 -15.87 -64.53 7.02
C THR A 402 -16.57 -65.17 8.22
N GLU A 403 -17.25 -66.28 7.95
CA GLU A 403 -17.98 -67.05 8.96
C GLU A 403 -17.00 -67.41 10.06
N THR A 404 -15.84 -67.92 9.66
CA THR A 404 -14.78 -68.30 10.59
C THR A 404 -14.53 -67.16 11.56
N THR A 405 -14.41 -65.95 11.02
CA THR A 405 -14.16 -64.77 11.84
C THR A 405 -15.15 -64.66 12.97
N LEU A 406 -16.43 -64.92 12.67
CA LEU A 406 -17.46 -64.84 13.67
C LEU A 406 -17.24 -65.88 14.77
N GLU A 407 -16.49 -66.94 14.44
CA GLU A 407 -16.21 -68.02 15.38
C GLU A 407 -14.96 -67.79 16.23
N ASN A 408 -13.80 -67.60 15.58
CA ASN A 408 -12.57 -67.38 16.33
C ASN A 408 -11.94 -66.01 16.14
N GLY A 409 -12.71 -65.07 15.60
CA GLY A 409 -12.22 -63.70 15.39
C GLY A 409 -11.04 -63.52 14.45
N LEU A 410 -10.66 -64.55 13.72
CA LEU A 410 -9.54 -64.48 12.80
C LEU A 410 -9.97 -63.96 11.43
N ILE A 411 -9.10 -63.17 10.80
CA ILE A 411 -9.37 -62.62 9.49
C ILE A 411 -8.17 -62.84 8.59
N GLN A 412 -8.42 -62.96 7.29
CA GLN A 412 -7.36 -63.17 6.32
C GLN A 412 -6.80 -61.83 5.82
N LEU A 413 -5.50 -61.67 5.93
CA LEU A 413 -4.83 -60.45 5.52
C LEU A 413 -3.90 -60.71 4.34
N ARG A 414 -4.16 -60.02 3.22
CA ARG A 414 -3.31 -60.18 2.05
C ARG A 414 -2.51 -58.89 1.83
N SER A 415 -1.22 -59.05 1.61
CA SER A 415 -0.33 -57.93 1.36
C SER A 415 -0.18 -57.70 -0.13
N ARG A 416 -0.29 -56.44 -0.54
CA ARG A 416 -0.17 -56.08 -1.95
C ARG A 416 1.23 -56.36 -2.44
N ASP A 417 2.21 -56.04 -1.60
CA ASP A 417 3.62 -56.20 -1.96
C ASP A 417 4.08 -57.63 -2.26
N THR A 418 3.80 -58.56 -1.35
CA THR A 418 4.22 -59.96 -1.51
C THR A 418 3.08 -60.83 -2.04
N THR A 419 1.85 -60.37 -1.87
CA THR A 419 0.66 -61.09 -2.29
C THR A 419 0.44 -62.33 -1.44
N MET A 420 1.16 -62.42 -0.32
CA MET A 420 1.02 -63.55 0.59
C MET A 420 -0.09 -63.27 1.58
N LYS A 421 -0.92 -64.28 1.84
CA LYS A 421 -2.03 -64.13 2.77
C LYS A 421 -1.64 -64.68 4.14
N GLU A 422 -2.43 -64.34 5.15
CA GLU A 422 -2.16 -64.80 6.50
C GLU A 422 -3.25 -64.41 7.50
N MET A 423 -3.47 -65.28 8.49
CA MET A 423 -4.49 -65.05 9.51
C MET A 423 -3.98 -64.17 10.64
N MET A 424 -4.90 -63.40 11.21
CA MET A 424 -4.57 -62.50 12.30
C MET A 424 -5.88 -62.21 13.03
N HIS A 425 -5.82 -61.97 14.33
CA HIS A 425 -7.04 -61.70 15.07
C HIS A 425 -7.53 -60.27 14.83
N ILE A 426 -8.82 -60.16 14.50
CA ILE A 426 -9.44 -58.87 14.20
C ILE A 426 -9.17 -57.76 15.22
N SER A 427 -8.71 -58.14 16.41
CA SER A 427 -8.45 -57.14 17.44
C SER A 427 -7.04 -56.57 17.34
N LYS A 428 -6.22 -57.15 16.48
CA LYS A 428 -4.84 -56.69 16.30
C LYS A 428 -4.61 -55.94 14.99
N LEU A 429 -5.60 -55.96 14.10
CA LEU A 429 -5.47 -55.29 12.81
C LEU A 429 -5.12 -53.82 12.91
N ARG A 430 -5.84 -53.08 13.75
CA ARG A 430 -5.58 -51.65 13.90
C ARG A 430 -4.14 -51.38 14.31
N ASP A 431 -3.68 -52.10 15.33
CA ASP A 431 -2.32 -51.93 15.81
C ASP A 431 -1.30 -52.26 14.73
N PHE A 432 -1.52 -53.34 14.00
CA PHE A 432 -0.60 -53.72 12.93
C PHE A 432 -0.50 -52.64 11.88
N LEU A 433 -1.65 -52.12 11.45
CA LEU A 433 -1.68 -51.10 10.42
C LEU A 433 -1.04 -49.78 10.89
N VAL A 434 -1.48 -49.29 12.04
CA VAL A 434 -0.95 -48.05 12.59
C VAL A 434 0.57 -48.11 12.69
N LYS A 435 1.08 -49.25 13.14
CA LYS A 435 2.52 -49.45 13.30
C LYS A 435 3.23 -49.59 11.97
N TYR A 436 2.65 -50.36 11.05
CA TYR A 436 3.27 -50.57 9.75
C TYR A 436 3.48 -49.22 9.05
N LEU A 437 2.46 -48.36 9.13
CA LEU A 437 2.53 -47.05 8.52
C LEU A 437 3.55 -46.15 9.22
N ALA A 438 3.56 -46.14 10.55
CA ALA A 438 4.49 -45.30 11.31
C ALA A 438 5.94 -45.69 11.01
N SER A 439 6.17 -46.98 10.88
CA SER A 439 7.51 -47.48 10.60
C SER A 439 7.98 -47.03 9.20
N ALA A 440 7.08 -47.07 8.22
CA ALA A 440 7.40 -46.66 6.86
C ALA A 440 7.70 -45.17 6.87
N SER A 441 6.85 -44.43 7.56
CA SER A 441 6.97 -42.99 7.68
C SER A 441 8.25 -42.61 8.42
N ASN A 442 8.63 -43.42 9.41
CA ASN A 442 9.83 -43.16 10.19
C ASN A 442 11.09 -43.46 9.39
N VAL A 443 11.04 -44.48 8.55
CA VAL A 443 12.17 -44.82 7.70
C VAL A 443 12.39 -43.68 6.71
N ALA A 444 11.30 -43.18 6.14
CA ALA A 444 11.37 -42.11 5.17
C ALA A 444 11.89 -40.82 5.82
N ALA A 445 11.58 -40.63 7.10
CA ALA A 445 12.03 -39.45 7.83
C ALA A 445 13.45 -39.64 8.40
N ALA A 446 14.10 -40.73 8.04
CA ALA A 446 15.46 -41.01 8.52
C ALA A 446 16.39 -39.81 8.46
N LEU A 447 16.62 -39.31 7.25
CA LEU A 447 17.51 -38.19 7.05
C LEU A 447 16.90 -36.79 6.94
N ASP A 448 15.69 -36.58 7.45
CA ASP A 448 15.09 -35.25 7.31
C ASP A 448 15.91 -34.15 7.99
N HIS A 449 16.73 -34.53 8.97
CA HIS A 449 17.55 -33.54 9.66
C HIS A 449 19.03 -33.75 9.47
N HIS A 450 19.38 -34.62 8.53
CA HIS A 450 20.77 -34.90 8.21
C HIS A 450 21.43 -33.61 7.71
N HIS A 451 22.60 -33.29 8.24
CA HIS A 451 23.31 -32.09 7.82
C HIS A 451 24.17 -32.32 6.57
N HIS A 452 23.58 -32.10 5.41
CA HIS A 452 24.29 -32.29 4.14
C HIS A 452 25.52 -31.38 4.04
N HIS A 453 26.63 -31.95 3.56
CA HIS A 453 27.90 -31.24 3.39
C HIS A 453 28.21 -30.24 4.50
N ARG B 24 -7.26 2.46 15.52
CA ARG B 24 -7.42 1.11 14.88
C ARG B 24 -8.04 0.14 15.87
N GLU B 25 -9.02 -0.65 15.40
CA GLU B 25 -9.70 -1.63 16.23
C GLU B 25 -8.72 -2.61 16.89
N ALA B 26 -8.89 -2.81 18.19
CA ALA B 26 -8.03 -3.67 18.99
C ALA B 26 -7.71 -5.06 18.46
N LEU B 27 -8.73 -5.82 18.10
CA LEU B 27 -8.52 -7.17 17.59
C LEU B 27 -7.68 -7.18 16.31
N VAL B 28 -8.10 -6.37 15.33
CA VAL B 28 -7.39 -6.31 14.06
C VAL B 28 -5.94 -5.82 14.24
N ASP B 29 -5.76 -4.86 15.14
CA ASP B 29 -4.45 -4.29 15.41
C ASP B 29 -3.53 -5.36 16.01
N LEU B 30 -4.04 -6.14 16.96
CA LEU B 30 -3.28 -7.20 17.60
C LEU B 30 -2.95 -8.26 16.54
N CYS B 31 -3.94 -8.60 15.73
CA CYS B 31 -3.76 -9.59 14.69
C CYS B 31 -2.71 -9.19 13.68
N ARG B 32 -2.65 -7.91 13.34
CA ARG B 32 -1.65 -7.44 12.38
C ARG B 32 -0.27 -7.46 13.04
N ARG B 33 -0.20 -6.97 14.29
CA ARG B 33 1.05 -6.92 15.04
C ARG B 33 1.65 -8.31 15.25
N ARG B 34 0.79 -9.31 15.44
CA ARG B 34 1.27 -10.67 15.69
C ARG B 34 1.31 -11.54 14.43
N HIS B 35 1.11 -10.89 13.30
CA HIS B 35 1.15 -11.56 12.02
C HIS B 35 0.14 -12.64 11.72
N PHE B 36 -1.07 -12.47 12.25
CA PHE B 36 -2.16 -13.36 11.94
C PHE B 36 -2.66 -12.74 10.63
N LEU B 37 -2.60 -11.42 10.58
CA LEU B 37 -3.04 -10.68 9.39
C LEU B 37 -1.86 -10.03 8.70
N SER B 38 -2.07 -9.64 7.44
CA SER B 38 -1.04 -8.99 6.63
C SER B 38 -1.64 -7.69 6.11
N GLY B 39 -0.90 -7.01 5.23
CA GLY B 39 -1.40 -5.79 4.63
C GLY B 39 -1.00 -4.49 5.27
N THR B 40 -1.27 -3.41 4.55
CA THR B 40 -0.98 -2.07 5.00
C THR B 40 -2.16 -1.68 5.88
N PRO B 41 -2.00 -0.65 6.73
CA PRO B 41 -3.09 -0.21 7.61
C PRO B 41 -4.42 0.02 6.91
N GLN B 42 -4.37 0.57 5.71
CA GLN B 42 -5.58 0.83 4.94
C GLN B 42 -6.29 -0.48 4.60
N GLN B 43 -5.52 -1.55 4.40
CA GLN B 43 -6.11 -2.84 4.07
C GLN B 43 -6.64 -3.58 5.30
N LEU B 44 -6.68 -2.91 6.44
CA LEU B 44 -7.17 -3.56 7.66
C LEU B 44 -8.57 -3.07 8.02
N SER B 45 -9.20 -2.33 7.11
CA SER B 45 -10.55 -1.86 7.34
C SER B 45 -11.48 -3.06 7.09
N THR B 46 -12.69 -3.01 7.62
CA THR B 46 -13.66 -4.08 7.45
C THR B 46 -13.98 -4.38 6.00
N ALA B 47 -14.09 -3.34 5.18
CA ALA B 47 -14.39 -3.54 3.77
C ALA B 47 -13.23 -4.26 3.06
N ALA B 48 -11.99 -3.85 3.34
CA ALA B 48 -10.84 -4.49 2.72
C ALA B 48 -10.75 -5.97 3.11
N LEU B 49 -10.91 -6.24 4.40
CA LEU B 49 -10.83 -7.60 4.91
C LEU B 49 -11.96 -8.50 4.37
N LEU B 50 -13.10 -7.90 4.05
CA LEU B 50 -14.21 -8.67 3.54
C LEU B 50 -14.13 -8.87 2.03
N SER B 51 -13.62 -7.88 1.32
CA SER B 51 -13.52 -7.92 -0.14
C SER B 51 -12.64 -9.04 -0.70
N GLY B 52 -11.58 -9.38 0.02
CA GLY B 52 -10.69 -10.42 -0.44
C GLY B 52 -9.82 -9.93 -1.57
N CYS B 53 -9.63 -8.61 -1.65
CA CYS B 53 -8.83 -8.03 -2.72
C CYS B 53 -7.34 -7.90 -2.42
N HIS B 54 -6.90 -8.49 -1.32
CA HIS B 54 -5.48 -8.50 -0.96
C HIS B 54 -5.29 -9.78 -0.15
N ALA B 55 -4.07 -10.32 -0.13
CA ALA B 55 -3.79 -11.52 0.64
C ALA B 55 -3.87 -11.09 2.10
N ARG B 56 -4.96 -11.49 2.75
CA ARG B 56 -5.24 -11.12 4.14
C ARG B 56 -4.37 -11.61 5.27
N PHE B 57 -3.86 -12.83 5.14
CA PHE B 57 -3.12 -13.44 6.23
C PHE B 57 -1.60 -13.46 6.25
N GLY B 58 -1.06 -13.31 7.47
CA GLY B 58 0.37 -13.37 7.67
C GLY B 58 0.69 -14.82 8.03
N PRO B 59 1.95 -15.14 8.38
CA PRO B 59 2.30 -16.53 8.72
C PRO B 59 1.41 -17.22 9.76
N LEU B 60 1.09 -16.53 10.85
CA LEU B 60 0.26 -17.15 11.87
C LEU B 60 -1.18 -17.34 11.38
N GLY B 61 -1.64 -16.44 10.52
CA GLY B 61 -2.99 -16.57 9.99
C GLY B 61 -3.07 -17.70 8.98
N VAL B 62 -2.03 -17.83 8.17
CA VAL B 62 -1.98 -18.89 7.17
C VAL B 62 -1.96 -20.26 7.89
N GLU B 63 -1.27 -20.35 9.02
CA GLU B 63 -1.22 -21.61 9.78
C GLU B 63 -2.60 -21.92 10.37
N LEU B 64 -3.21 -20.89 10.96
CA LEU B 64 -4.54 -21.04 11.55
C LEU B 64 -5.51 -21.53 10.49
N ARG B 65 -5.49 -20.88 9.34
CA ARG B 65 -6.38 -21.25 8.24
C ARG B 65 -6.11 -22.68 7.77
N LYS B 66 -4.86 -23.08 7.77
CA LYS B 66 -4.51 -24.43 7.36
C LYS B 66 -5.08 -25.44 8.38
N ASN B 67 -4.99 -25.10 9.65
CA ASN B 67 -5.53 -25.99 10.68
C ASN B 67 -7.06 -26.11 10.49
N LEU B 68 -7.71 -24.99 10.17
CA LEU B 68 -9.17 -25.00 9.95
C LEU B 68 -9.51 -25.86 8.75
N ALA B 69 -8.71 -25.76 7.68
CA ALA B 69 -8.96 -26.55 6.49
C ALA B 69 -8.76 -28.03 6.80
N SER B 70 -7.78 -28.37 7.64
CA SER B 70 -7.54 -29.76 8.00
C SER B 70 -8.74 -30.34 8.74
N GLN B 71 -9.24 -29.58 9.70
CA GLN B 71 -10.38 -30.04 10.48
C GLN B 71 -11.59 -30.20 9.58
N TRP B 72 -11.70 -29.37 8.55
CA TRP B 72 -12.83 -29.49 7.63
C TRP B 72 -12.67 -30.78 6.83
N TRP B 73 -11.46 -31.02 6.32
CA TRP B 73 -11.19 -32.23 5.54
C TRP B 73 -11.44 -33.50 6.38
N SER B 74 -11.06 -33.47 7.65
CA SER B 74 -11.27 -34.62 8.53
C SER B 74 -12.75 -34.94 8.67
N SER B 75 -13.54 -33.95 9.08
CA SER B 75 -14.96 -34.16 9.28
C SER B 75 -15.76 -34.45 8.03
N MET B 76 -15.46 -33.74 6.96
CA MET B 76 -16.21 -33.87 5.71
C MET B 76 -15.75 -34.95 4.75
N VAL B 77 -14.46 -35.29 4.79
CA VAL B 77 -13.92 -36.27 3.87
C VAL B 77 -13.29 -37.51 4.51
N VAL B 78 -12.31 -37.30 5.38
CA VAL B 78 -11.65 -38.43 6.04
C VAL B 78 -12.60 -39.36 6.80
N PHE B 79 -13.53 -38.79 7.57
CA PHE B 79 -14.48 -39.58 8.36
C PHE B 79 -15.79 -39.96 7.69
N ARG B 80 -15.85 -39.85 6.36
CA ARG B 80 -17.07 -40.20 5.64
C ARG B 80 -16.69 -40.98 4.39
N GLU B 81 -16.88 -42.30 4.45
CA GLU B 81 -16.53 -43.18 3.33
C GLU B 81 -17.19 -42.86 2.01
N GLN B 82 -18.31 -42.15 2.03
CA GLN B 82 -19.01 -41.82 0.79
C GLN B 82 -18.54 -40.51 0.13
N VAL B 83 -17.55 -39.84 0.71
CA VAL B 83 -17.05 -38.58 0.14
C VAL B 83 -15.64 -38.73 -0.41
N PHE B 84 -15.46 -38.34 -1.66
CA PHE B 84 -14.18 -38.42 -2.32
C PHE B 84 -13.65 -37.04 -2.70
N ALA B 85 -12.33 -36.93 -2.74
CA ALA B 85 -11.67 -35.69 -3.09
C ALA B 85 -11.74 -35.44 -4.59
N VAL B 86 -11.87 -34.17 -4.97
CA VAL B 86 -11.92 -33.81 -6.37
C VAL B 86 -11.11 -32.52 -6.58
N ASP B 87 -10.48 -32.41 -7.74
CA ASP B 87 -9.71 -31.23 -8.08
C ASP B 87 -10.15 -30.75 -9.46
N SER B 88 -10.29 -29.44 -9.62
CA SER B 88 -10.73 -28.89 -10.89
C SER B 88 -9.99 -27.59 -11.21
N LEU B 89 -10.04 -27.20 -12.47
CA LEU B 89 -9.34 -25.99 -12.92
C LEU B 89 -9.91 -24.72 -12.33
N HIS B 90 -9.10 -23.65 -12.35
CA HIS B 90 -9.53 -22.37 -11.83
C HIS B 90 -10.33 -21.61 -12.88
N GLN B 91 -10.24 -22.06 -14.13
CA GLN B 91 -11.02 -21.40 -15.17
C GLN B 91 -12.02 -22.35 -15.81
N GLU B 92 -13.18 -21.79 -16.16
CA GLU B 92 -14.25 -22.55 -16.79
C GLU B 92 -14.42 -22.02 -18.21
N PRO B 93 -15.10 -22.79 -19.08
CA PRO B 93 -15.32 -22.35 -20.47
C PRO B 93 -16.26 -21.15 -20.61
N GLY B 94 -16.10 -20.41 -21.70
CA GLY B 94 -16.94 -19.23 -21.92
C GLY B 94 -18.28 -19.56 -22.51
N ARG B 99 -21.14 -17.49 -16.00
CA ARG B 99 -20.22 -16.48 -16.60
C ARG B 99 -20.60 -15.08 -16.16
N ASP B 100 -21.50 -14.46 -16.91
CA ASP B 100 -21.98 -13.11 -16.62
C ASP B 100 -20.87 -12.10 -16.34
N SER B 101 -20.55 -11.90 -15.06
CA SER B 101 -19.55 -10.93 -14.67
C SER B 101 -18.14 -11.45 -14.41
N ALA B 102 -17.97 -12.77 -14.43
CA ALA B 102 -16.65 -13.36 -14.19
C ALA B 102 -15.65 -12.84 -15.21
N PHE B 103 -14.47 -12.45 -14.73
CA PHE B 103 -13.43 -11.93 -15.60
C PHE B 103 -12.97 -13.00 -16.58
N ARG B 104 -12.62 -12.56 -17.78
CA ARG B 104 -12.17 -13.46 -18.83
C ARG B 104 -10.65 -13.48 -18.94
N LEU B 105 -10.09 -14.66 -19.23
CA LEU B 105 -8.64 -14.79 -19.39
C LEU B 105 -8.31 -14.50 -20.84
N VAL B 106 -7.43 -13.53 -21.06
CA VAL B 106 -7.05 -13.17 -22.42
C VAL B 106 -5.54 -13.14 -22.62
N SER B 107 -5.06 -13.84 -23.64
CA SER B 107 -3.62 -13.87 -23.92
C SER B 107 -3.21 -12.49 -24.43
N PRO B 108 -2.13 -11.91 -23.86
CA PRO B 108 -1.70 -10.59 -24.31
C PRO B 108 -1.19 -10.60 -25.76
N GLU B 109 -0.51 -11.67 -26.14
CA GLU B 109 0.02 -11.78 -27.49
C GLU B 109 -1.07 -11.50 -28.50
N SER B 110 -2.24 -12.11 -28.31
CA SER B 110 -3.37 -11.92 -29.19
C SER B 110 -3.77 -10.45 -29.28
N ILE B 111 -3.61 -9.72 -28.19
CA ILE B 111 -3.97 -8.31 -28.19
C ILE B 111 -2.87 -7.52 -28.89
N ARG B 112 -1.63 -7.97 -28.73
CA ARG B 112 -0.50 -7.30 -29.36
C ARG B 112 -0.53 -7.52 -30.87
N GLU B 113 -1.08 -8.64 -31.29
CA GLU B 113 -1.18 -8.97 -32.71
C GLU B 113 -2.02 -7.91 -33.43
N ILE B 114 -3.16 -7.58 -32.85
CA ILE B 114 -4.05 -6.59 -33.45
C ILE B 114 -3.50 -5.16 -33.36
N LEU B 115 -2.86 -4.83 -32.23
CA LEU B 115 -2.30 -3.50 -32.04
C LEU B 115 -1.12 -3.24 -32.99
N GLN B 116 -0.65 -4.31 -33.64
CA GLN B 116 0.47 -4.21 -34.58
C GLN B 116 -0.02 -3.72 -35.93
N ASP B 117 -1.25 -4.11 -36.27
CA ASP B 117 -1.87 -3.72 -37.53
C ASP B 117 -1.77 -2.22 -37.78
N ARG B 118 -1.31 -1.84 -38.97
CA ARG B 118 -1.17 -0.44 -39.31
C ARG B 118 -2.56 0.06 -39.72
N GLU B 119 -3.38 -0.87 -40.21
CA GLU B 119 -4.74 -0.54 -40.63
C GLU B 119 -5.73 -0.80 -39.49
N PRO B 120 -6.39 0.26 -39.02
CA PRO B 120 -7.36 0.10 -37.93
C PRO B 120 -8.57 -0.75 -38.33
N SER B 121 -9.59 -0.09 -38.86
CA SER B 121 -10.80 -0.75 -39.31
C SER B 121 -11.70 -1.16 -38.15
N LYS B 122 -12.72 -0.36 -37.90
CA LYS B 122 -13.67 -0.60 -36.82
C LYS B 122 -14.29 -2.00 -36.94
N GLU B 123 -14.19 -2.59 -38.11
CA GLU B 123 -14.75 -3.92 -38.36
C GLU B 123 -13.88 -5.02 -37.77
N GLN B 124 -12.57 -4.90 -37.95
CA GLN B 124 -11.62 -5.88 -37.43
C GLN B 124 -11.52 -5.78 -35.90
N LEU B 125 -11.53 -4.56 -35.40
CA LEU B 125 -11.44 -4.32 -33.96
C LEU B 125 -12.67 -4.81 -33.21
N VAL B 126 -13.86 -4.38 -33.65
CA VAL B 126 -15.11 -4.79 -33.01
C VAL B 126 -15.27 -6.29 -33.05
N ALA B 127 -14.86 -6.90 -34.16
CA ALA B 127 -14.97 -8.34 -34.32
C ALA B 127 -14.05 -9.04 -33.32
N PHE B 128 -13.03 -8.31 -32.87
CA PHE B 128 -12.06 -8.82 -31.92
C PHE B 128 -12.63 -8.80 -30.51
N LEU B 129 -13.10 -7.64 -30.08
CA LEU B 129 -13.69 -7.49 -28.75
C LEU B 129 -14.95 -8.34 -28.65
N GLU B 130 -15.42 -8.81 -29.79
CA GLU B 130 -16.61 -9.66 -29.86
C GLU B 130 -16.19 -11.11 -29.64
N ASN B 131 -15.17 -11.52 -30.38
CA ASN B 131 -14.65 -12.89 -30.28
C ASN B 131 -14.13 -13.20 -28.89
N LEU B 132 -13.64 -12.18 -28.18
CA LEU B 132 -13.13 -12.37 -26.83
C LEU B 132 -14.30 -12.71 -25.93
N LEU B 133 -15.35 -11.89 -26.03
CA LEU B 133 -16.55 -12.06 -25.23
C LEU B 133 -17.26 -13.40 -25.45
N LYS B 134 -16.83 -14.16 -26.45
CA LYS B 134 -17.47 -15.44 -26.75
C LYS B 134 -16.59 -16.68 -26.71
N THR B 135 -15.28 -16.51 -26.80
CA THR B 135 -14.39 -17.66 -26.79
C THR B 135 -13.42 -17.73 -25.61
N SER B 136 -13.27 -16.63 -24.89
CA SER B 136 -12.36 -16.57 -23.75
C SER B 136 -12.85 -17.30 -22.51
N GLY B 137 -11.96 -18.04 -21.87
CA GLY B 137 -12.34 -18.74 -20.65
C GLY B 137 -12.54 -17.72 -19.54
N LYS B 138 -13.13 -18.13 -18.44
CA LYS B 138 -13.38 -17.22 -17.32
C LYS B 138 -13.00 -17.84 -15.97
N LEU B 139 -12.72 -16.98 -14.98
CA LEU B 139 -12.35 -17.43 -13.63
C LEU B 139 -13.57 -17.98 -12.90
N ARG B 140 -13.41 -19.16 -12.30
CA ARG B 140 -14.49 -19.80 -11.56
C ARG B 140 -14.97 -18.98 -10.36
N ALA B 141 -16.28 -18.97 -10.14
CA ALA B 141 -16.85 -18.22 -9.01
C ALA B 141 -17.23 -19.18 -7.90
N THR B 142 -17.25 -20.46 -8.21
CA THR B 142 -17.57 -21.49 -7.22
C THR B 142 -16.91 -22.80 -7.64
N LEU B 143 -16.88 -23.77 -6.72
CA LEU B 143 -16.28 -25.07 -7.01
C LEU B 143 -17.33 -26.07 -7.53
N LEU B 144 -18.59 -25.65 -7.59
CA LEU B 144 -19.67 -26.52 -8.05
C LEU B 144 -19.42 -27.23 -9.37
N HIS B 145 -19.17 -26.47 -10.42
CA HIS B 145 -18.96 -27.04 -11.73
C HIS B 145 -17.82 -28.03 -11.86
N GLY B 146 -16.79 -27.83 -11.06
CA GLY B 146 -15.67 -28.76 -11.09
C GLY B 146 -16.13 -30.11 -10.58
N ALA B 147 -17.02 -30.08 -9.59
CA ALA B 147 -17.57 -31.30 -9.01
C ALA B 147 -18.47 -31.99 -10.03
N LEU B 148 -19.33 -31.21 -10.69
CA LEU B 148 -20.24 -31.76 -11.69
C LEU B 148 -19.46 -32.42 -12.83
N GLU B 149 -18.40 -31.77 -13.27
CA GLU B 149 -17.60 -32.32 -14.36
C GLU B 149 -16.93 -33.63 -14.00
N HIS B 150 -16.61 -33.84 -12.71
CA HIS B 150 -15.98 -35.08 -12.31
C HIS B 150 -16.94 -36.13 -11.77
N TYR B 151 -18.24 -35.82 -11.86
CA TYR B 151 -19.29 -36.72 -11.34
C TYR B 151 -19.33 -38.11 -11.97
N VAL B 152 -19.37 -38.18 -13.29
CA VAL B 152 -19.43 -39.46 -13.98
C VAL B 152 -18.26 -40.37 -13.61
N ASN B 153 -17.08 -39.80 -13.45
CA ASN B 153 -15.93 -40.63 -13.10
C ASN B 153 -16.08 -41.24 -11.71
N CYS B 154 -16.56 -40.45 -10.75
CA CYS B 154 -16.73 -40.96 -9.38
C CYS B 154 -17.91 -41.93 -9.30
N LEU B 155 -18.90 -41.71 -10.15
CA LEU B 155 -20.07 -42.60 -10.20
C LEU B 155 -19.55 -44.01 -10.53
N ASP B 156 -18.64 -44.07 -11.49
CA ASP B 156 -18.03 -45.33 -11.90
C ASP B 156 -17.24 -45.91 -10.73
N LEU B 157 -16.45 -45.08 -10.07
CA LEU B 157 -15.65 -45.54 -8.93
C LEU B 157 -16.50 -46.22 -7.85
N VAL B 158 -17.69 -45.68 -7.57
CA VAL B 158 -18.55 -46.25 -6.55
C VAL B 158 -19.59 -47.21 -7.11
N ASN B 159 -19.37 -47.67 -8.33
CA ASN B 159 -20.30 -48.58 -8.97
C ASN B 159 -21.73 -48.04 -9.06
N ARG B 160 -21.84 -46.74 -9.35
CA ARG B 160 -23.11 -46.06 -9.49
C ARG B 160 -23.97 -46.00 -8.22
N LYS B 161 -23.42 -46.45 -7.11
CA LYS B 161 -24.16 -46.44 -5.85
C LYS B 161 -24.36 -45.02 -5.31
N LEU B 162 -25.61 -44.64 -5.05
CA LEU B 162 -25.91 -43.32 -4.48
C LEU B 162 -26.21 -43.58 -3.00
N PRO B 163 -25.95 -42.60 -2.12
CA PRO B 163 -25.39 -41.27 -2.38
C PRO B 163 -23.88 -41.22 -2.18
N PHE B 164 -23.27 -40.15 -2.64
CA PHE B 164 -21.84 -39.95 -2.46
C PHE B 164 -21.53 -38.49 -2.72
N GLY B 165 -20.40 -38.04 -2.20
CA GLY B 165 -20.02 -36.66 -2.39
C GLY B 165 -18.62 -36.45 -2.92
N LEU B 166 -18.40 -35.29 -3.52
CA LEU B 166 -17.10 -34.91 -4.06
C LEU B 166 -16.74 -33.64 -3.30
N ALA B 167 -15.56 -33.63 -2.67
CA ALA B 167 -15.11 -32.48 -1.89
C ALA B 167 -13.83 -31.83 -2.42
N GLN B 168 -13.75 -30.51 -2.24
CA GLN B 168 -12.60 -29.74 -2.68
C GLN B 168 -12.46 -28.41 -1.95
N ILE B 169 -11.23 -28.05 -1.62
CA ILE B 169 -10.95 -26.76 -0.98
C ILE B 169 -10.07 -26.02 -1.98
N GLY B 170 -10.56 -24.89 -2.48
CA GLY B 170 -9.77 -24.13 -3.44
C GLY B 170 -10.23 -22.69 -3.53
N VAL B 171 -9.44 -21.85 -4.17
CA VAL B 171 -9.78 -20.44 -4.29
C VAL B 171 -10.73 -20.16 -5.45
N CYS B 172 -11.66 -19.24 -5.21
CA CYS B 172 -12.64 -18.82 -6.19
C CYS B 172 -12.53 -17.32 -6.33
N PHE B 173 -12.95 -16.80 -7.48
CA PHE B 173 -12.87 -15.38 -7.76
C PHE B 173 -14.21 -14.68 -7.83
N HIS B 174 -14.29 -13.53 -7.18
CA HIS B 174 -15.52 -12.77 -7.13
C HIS B 174 -15.31 -11.32 -7.46
N PRO B 175 -15.86 -10.84 -8.59
CA PRO B 175 -15.70 -9.44 -8.98
C PRO B 175 -16.29 -8.56 -7.87
N VAL B 176 -15.55 -7.53 -7.47
CA VAL B 176 -16.02 -6.63 -6.41
C VAL B 176 -16.98 -5.56 -6.93
N SER B 177 -17.99 -5.24 -6.12
CA SER B 177 -18.99 -4.24 -6.48
C SER B 177 -19.71 -4.61 -7.77
N ARG B 188 -11.38 -4.64 -9.47
CA ARG B 188 -10.63 -5.65 -8.68
C ARG B 188 -11.52 -6.86 -8.39
N VAL B 189 -10.93 -8.05 -8.45
CA VAL B 189 -11.69 -9.26 -8.19
C VAL B 189 -11.12 -9.92 -6.93
N GLY B 190 -11.98 -10.14 -5.94
CA GLY B 190 -11.54 -10.74 -4.71
C GLY B 190 -11.27 -12.23 -4.84
N GLU B 191 -10.44 -12.76 -3.96
CA GLU B 191 -10.15 -14.18 -3.97
C GLU B 191 -10.55 -14.75 -2.63
N LYS B 192 -11.25 -15.87 -2.67
CA LYS B 192 -11.72 -16.50 -1.45
C LYS B 192 -11.50 -18.00 -1.48
N THR B 193 -11.05 -18.54 -0.36
CA THR B 193 -10.84 -19.97 -0.27
C THR B 193 -12.16 -20.59 0.13
N GLU B 194 -12.66 -21.45 -0.75
CA GLU B 194 -13.93 -22.11 -0.52
C GLU B 194 -13.70 -23.59 -0.22
N ALA B 195 -14.45 -24.11 0.76
CA ALA B 195 -14.39 -25.51 1.15
C ALA B 195 -15.73 -26.08 0.69
N SER B 196 -15.72 -26.89 -0.36
CA SER B 196 -16.97 -27.40 -0.91
C SER B 196 -17.25 -28.89 -0.92
N LEU B 197 -18.49 -29.22 -0.59
CA LEU B 197 -18.94 -30.60 -0.63
C LEU B 197 -20.15 -30.60 -1.56
N VAL B 198 -20.14 -31.44 -2.56
CA VAL B 198 -21.26 -31.53 -3.48
C VAL B 198 -21.77 -32.95 -3.28
N TRP B 199 -23.02 -33.03 -2.83
CA TRP B 199 -23.67 -34.29 -2.51
C TRP B 199 -24.68 -34.72 -3.56
N PHE B 200 -24.51 -35.95 -4.06
CA PHE B 200 -25.41 -36.52 -5.07
C PHE B 200 -26.28 -37.56 -4.37
N THR B 201 -27.59 -37.35 -4.38
CA THR B 201 -28.48 -38.27 -3.71
C THR B 201 -29.86 -38.31 -4.38
N PRO B 202 -30.61 -39.41 -4.19
CA PRO B 202 -31.93 -39.49 -4.80
C PRO B 202 -32.76 -38.32 -4.31
N THR B 203 -33.55 -37.73 -5.21
CA THR B 203 -34.39 -36.58 -4.85
C THR B 203 -35.23 -36.87 -3.61
N ARG B 204 -35.70 -38.12 -3.49
CA ARG B 204 -36.53 -38.49 -2.36
C ARG B 204 -35.86 -38.34 -1.00
N THR B 205 -34.52 -38.29 -0.97
CA THR B 205 -33.81 -38.12 0.31
C THR B 205 -33.07 -36.78 0.36
N SER B 206 -33.19 -35.98 -0.69
CA SER B 206 -32.50 -34.69 -0.75
C SER B 206 -32.77 -33.75 0.42
N SER B 207 -34.03 -33.57 0.77
CA SER B 207 -34.37 -32.67 1.88
C SER B 207 -33.84 -33.16 3.23
N GLN B 208 -33.86 -34.48 3.42
CA GLN B 208 -33.37 -35.08 4.65
C GLN B 208 -31.86 -34.85 4.77
N TRP B 209 -31.16 -35.04 3.65
CA TRP B 209 -29.72 -34.85 3.64
C TRP B 209 -29.36 -33.37 3.85
N LEU B 210 -30.14 -32.46 3.24
CA LEU B 210 -29.87 -31.04 3.41
C LEU B 210 -29.94 -30.64 4.87
N ASP B 211 -30.95 -31.15 5.57
CA ASP B 211 -31.13 -30.85 6.98
C ASP B 211 -29.99 -31.48 7.81
N PHE B 212 -29.54 -32.67 7.40
CA PHE B 212 -28.46 -33.33 8.11
C PHE B 212 -27.19 -32.48 8.00
N TRP B 213 -26.84 -32.08 6.78
CA TRP B 213 -25.66 -31.27 6.55
C TRP B 213 -25.72 -29.93 7.28
N LEU B 214 -26.89 -29.28 7.25
CA LEU B 214 -27.09 -28.01 7.94
C LEU B 214 -26.71 -28.14 9.41
N ARG B 215 -27.25 -29.15 10.08
CA ARG B 215 -26.96 -29.36 11.48
C ARG B 215 -25.50 -29.75 11.72
N HIS B 216 -24.98 -30.63 10.87
CA HIS B 216 -23.60 -31.10 10.97
C HIS B 216 -22.61 -29.95 10.79
N ARG B 217 -22.84 -29.10 9.79
CA ARG B 217 -21.93 -28.00 9.53
C ARG B 217 -21.98 -26.94 10.65
N LEU B 218 -23.18 -26.63 11.13
CA LEU B 218 -23.29 -25.64 12.20
C LEU B 218 -22.57 -26.10 13.47
N LEU B 219 -22.67 -27.40 13.76
CA LEU B 219 -22.02 -27.95 14.94
C LEU B 219 -20.51 -27.95 14.78
N TRP B 220 -20.06 -28.16 13.53
CA TRP B 220 -18.63 -28.14 13.25
C TRP B 220 -18.05 -26.76 13.59
N TRP B 221 -18.71 -25.71 13.14
CA TRP B 221 -18.26 -24.35 13.43
C TRP B 221 -18.29 -24.10 14.93
N ARG B 222 -19.35 -24.54 15.59
CA ARG B 222 -19.51 -24.31 17.02
C ARG B 222 -18.54 -25.06 17.93
N LYS B 223 -18.09 -26.24 17.53
CA LYS B 223 -17.20 -26.99 18.39
C LYS B 223 -15.86 -26.34 18.68
N PHE B 224 -15.44 -25.41 17.81
CA PHE B 224 -14.18 -24.70 17.99
C PHE B 224 -14.35 -23.31 18.61
N ALA B 225 -15.60 -22.87 18.77
CA ALA B 225 -15.89 -21.54 19.28
C ALA B 225 -15.94 -21.34 20.79
N MET B 226 -15.52 -20.15 21.20
CA MET B 226 -15.55 -19.76 22.60
C MET B 226 -16.99 -19.34 22.89
N SER B 227 -17.62 -18.71 21.90
CA SER B 227 -19.00 -18.29 22.01
C SER B 227 -19.76 -18.91 20.84
N PRO B 228 -20.12 -20.19 20.96
CA PRO B 228 -20.84 -20.89 19.89
C PRO B 228 -22.14 -20.23 19.44
N SER B 229 -22.81 -19.51 20.34
CA SER B 229 -24.07 -18.84 19.98
C SER B 229 -23.87 -17.76 18.92
N ASN B 230 -22.63 -17.34 18.69
CA ASN B 230 -22.37 -16.33 17.69
C ASN B 230 -22.38 -16.92 16.28
N PHE B 231 -22.48 -18.25 16.21
CA PHE B 231 -22.56 -18.94 14.92
C PHE B 231 -24.03 -19.35 14.82
N SER B 232 -24.74 -18.75 13.87
CA SER B 232 -26.16 -19.02 13.68
C SER B 232 -26.51 -19.48 12.27
N SER B 233 -27.81 -19.67 12.03
CA SER B 233 -28.29 -20.13 10.73
C SER B 233 -29.70 -19.63 10.40
N ALA B 234 -30.03 -19.67 9.11
CA ALA B 234 -31.35 -19.24 8.64
C ALA B 234 -31.61 -19.94 7.34
N ASP B 235 -32.89 -20.10 7.00
CA ASP B 235 -33.29 -20.73 5.76
C ASP B 235 -33.31 -19.66 4.68
N CYS B 236 -33.26 -20.08 3.43
CA CYS B 236 -33.28 -19.14 2.33
C CYS B 236 -33.67 -19.84 1.05
N GLN B 237 -33.89 -19.07 0.00
CA GLN B 237 -34.22 -19.65 -1.29
C GLN B 237 -33.69 -18.74 -2.36
N ASP B 238 -33.35 -19.30 -3.52
CA ASP B 238 -32.83 -18.46 -4.59
C ASP B 238 -33.96 -17.92 -5.47
N GLU B 239 -33.59 -17.40 -6.64
CA GLU B 239 -34.57 -16.83 -7.56
C GLU B 239 -35.45 -17.87 -8.22
N LEU B 240 -34.96 -19.10 -8.32
CA LEU B 240 -35.73 -20.18 -8.93
C LEU B 240 -36.63 -20.85 -7.89
N GLY B 241 -36.53 -20.40 -6.65
CA GLY B 241 -37.36 -20.98 -5.60
C GLY B 241 -36.75 -22.19 -4.91
N ARG B 242 -35.53 -22.55 -5.28
CA ARG B 242 -34.86 -23.70 -4.65
C ARG B 242 -34.52 -23.38 -3.20
N LYS B 243 -34.78 -24.33 -2.32
CA LYS B 243 -34.54 -24.16 -0.89
C LYS B 243 -33.08 -24.30 -0.47
N GLY B 244 -32.72 -23.59 0.60
CA GLY B 244 -31.36 -23.67 1.10
C GLY B 244 -31.22 -23.11 2.50
N SER B 245 -29.98 -23.05 2.98
CA SER B 245 -29.70 -22.53 4.32
C SER B 245 -28.36 -21.81 4.33
N LYS B 246 -28.18 -20.91 5.26
CA LYS B 246 -26.94 -20.18 5.36
C LYS B 246 -26.51 -20.13 6.81
N LEU B 247 -25.19 -20.14 7.01
CA LEU B 247 -24.64 -20.08 8.35
C LEU B 247 -24.00 -18.71 8.45
N TYR B 248 -24.09 -18.09 9.63
CA TYR B 248 -23.54 -16.76 9.82
C TYR B 248 -22.67 -16.67 11.07
N TYR B 249 -21.78 -15.69 11.09
CA TYR B 249 -20.99 -15.45 12.29
C TYR B 249 -21.32 -14.01 12.66
N SER B 250 -21.51 -13.73 13.93
CA SER B 250 -21.83 -12.36 14.33
C SER B 250 -20.60 -11.51 14.56
N PHE B 251 -20.13 -10.87 13.50
CA PHE B 251 -18.97 -10.01 13.61
C PHE B 251 -19.41 -8.75 14.34
N PRO B 252 -18.47 -7.96 14.87
CA PRO B 252 -18.86 -6.74 15.58
C PRO B 252 -19.75 -5.79 14.77
N TRP B 253 -19.54 -5.73 13.46
CA TRP B 253 -20.33 -4.84 12.62
C TRP B 253 -21.63 -5.47 12.15
N GLY B 254 -21.81 -6.75 12.43
CA GLY B 254 -23.01 -7.44 12.01
C GLY B 254 -22.76 -8.85 11.53
N LYS B 255 -23.83 -9.56 11.20
CA LYS B 255 -23.75 -10.94 10.72
C LYS B 255 -23.25 -11.03 9.27
N GLU B 256 -22.42 -12.01 9.01
CA GLU B 256 -21.90 -12.23 7.66
C GLU B 256 -22.04 -13.70 7.33
N PRO B 257 -22.53 -14.03 6.12
CA PRO B 257 -22.68 -15.43 5.73
C PRO B 257 -21.31 -16.11 5.56
N ILE B 258 -21.10 -17.22 6.26
CA ILE B 258 -19.83 -17.93 6.15
C ILE B 258 -20.00 -19.26 5.42
N GLU B 259 -21.24 -19.65 5.17
CA GLU B 259 -21.51 -20.93 4.50
C GLU B 259 -22.92 -20.98 3.92
N THR B 260 -23.05 -21.54 2.73
CA THR B 260 -24.38 -21.67 2.13
C THR B 260 -24.64 -23.12 1.70
N LEU B 261 -25.85 -23.59 1.94
CA LEU B 261 -26.26 -24.94 1.56
C LEU B 261 -27.45 -24.85 0.59
N TRP B 262 -27.33 -25.47 -0.58
CA TRP B 262 -28.41 -25.43 -1.57
C TRP B 262 -28.86 -26.80 -2.04
N ASN B 263 -30.15 -26.93 -2.27
CA ASN B 263 -30.70 -28.16 -2.83
C ASN B 263 -30.94 -27.70 -4.27
N LEU B 264 -29.96 -27.97 -5.13
CA LEU B 264 -30.02 -27.54 -6.51
C LEU B 264 -30.87 -28.37 -7.46
N GLY B 265 -31.23 -29.58 -7.06
CA GLY B 265 -31.98 -30.43 -7.97
C GLY B 265 -31.01 -30.97 -9.00
N ASP B 266 -31.46 -31.20 -10.23
CA ASP B 266 -30.57 -31.74 -11.25
C ASP B 266 -30.23 -30.82 -12.44
N GLN B 267 -30.83 -29.64 -12.46
CA GLN B 267 -30.59 -28.68 -13.54
C GLN B 267 -29.15 -28.65 -14.04
N GLU B 268 -28.23 -28.22 -13.17
CA GLU B 268 -26.81 -28.10 -13.50
C GLU B 268 -26.17 -29.42 -13.96
N LEU B 269 -26.55 -30.53 -13.34
CA LEU B 269 -25.97 -31.81 -13.73
C LEU B 269 -26.34 -32.17 -15.16
N LEU B 270 -27.60 -31.96 -15.53
CA LEU B 270 -28.06 -32.25 -16.88
C LEU B 270 -27.35 -31.33 -17.87
N HIS B 271 -27.23 -30.05 -17.51
CA HIS B 271 -26.57 -29.08 -18.37
C HIS B 271 -25.10 -29.45 -18.60
N THR B 272 -24.53 -30.20 -17.67
CA THR B 272 -23.13 -30.61 -17.76
C THR B 272 -22.93 -31.80 -18.69
N TYR B 273 -23.91 -32.68 -18.77
CA TYR B 273 -23.81 -33.86 -19.61
C TYR B 273 -24.95 -34.00 -20.60
N PRO B 274 -25.02 -33.06 -21.56
CA PRO B 274 -26.10 -33.12 -22.55
C PRO B 274 -25.97 -34.39 -23.41
N GLY B 275 -27.08 -35.06 -23.67
CA GLY B 275 -27.05 -36.27 -24.48
C GLY B 275 -27.15 -37.60 -23.75
N ASN B 276 -25.99 -38.14 -23.35
CA ASN B 276 -25.93 -39.44 -22.67
C ASN B 276 -26.42 -39.46 -21.23
N VAL B 277 -27.73 -39.41 -21.03
CA VAL B 277 -28.30 -39.41 -19.68
C VAL B 277 -28.03 -40.74 -18.96
N SER B 278 -27.93 -41.81 -19.74
CA SER B 278 -27.70 -43.14 -19.19
C SER B 278 -26.36 -43.27 -18.47
N THR B 279 -25.38 -42.46 -18.85
CA THR B 279 -24.08 -42.52 -18.23
C THR B 279 -24.04 -41.79 -16.89
N ILE B 280 -25.05 -40.98 -16.61
CA ILE B 280 -25.06 -40.24 -15.35
C ILE B 280 -26.07 -40.75 -14.33
N GLN B 281 -26.83 -41.79 -14.66
CA GLN B 281 -27.79 -42.31 -13.70
C GLN B 281 -27.13 -43.17 -12.64
N GLY B 282 -27.51 -42.92 -11.39
CA GLY B 282 -26.97 -43.67 -10.29
C GLY B 282 -28.02 -44.63 -9.80
N ARG B 283 -27.64 -45.51 -8.89
CA ARG B 283 -28.58 -46.49 -8.36
C ARG B 283 -29.22 -46.07 -7.04
N ASP B 284 -30.56 -46.17 -6.99
CA ASP B 284 -31.31 -45.89 -5.76
C ASP B 284 -32.03 -47.20 -5.51
N GLY B 285 -31.30 -48.19 -5.02
CA GLY B 285 -31.89 -49.49 -4.79
C GLY B 285 -32.02 -50.13 -6.15
N ARG B 286 -33.24 -50.46 -6.54
CA ARG B 286 -33.49 -51.10 -7.83
C ARG B 286 -33.69 -50.06 -8.94
N LYS B 287 -33.81 -48.80 -8.55
CA LYS B 287 -34.03 -47.75 -9.53
C LYS B 287 -32.78 -47.06 -10.03
N ASN B 288 -32.83 -46.58 -11.26
CA ASN B 288 -31.75 -45.87 -11.89
C ASN B 288 -32.28 -44.45 -12.04
N VAL B 289 -31.62 -43.48 -11.41
CA VAL B 289 -32.08 -42.11 -11.43
C VAL B 289 -30.97 -41.06 -11.55
N VAL B 290 -31.30 -39.94 -12.19
CA VAL B 290 -30.36 -38.83 -12.30
C VAL B 290 -30.48 -38.26 -10.89
N PRO B 291 -29.36 -38.19 -10.16
CA PRO B 291 -29.39 -37.67 -8.80
C PRO B 291 -29.66 -36.19 -8.62
N CYS B 292 -30.16 -35.86 -7.44
CA CYS B 292 -30.41 -34.49 -7.07
C CYS B 292 -29.07 -34.03 -6.49
N VAL B 293 -28.72 -32.76 -6.71
CA VAL B 293 -27.45 -32.23 -6.25
C VAL B 293 -27.57 -31.26 -5.07
N LEU B 294 -26.78 -31.49 -4.02
CA LEU B 294 -26.77 -30.59 -2.87
C LEU B 294 -25.39 -29.93 -2.87
N SER B 295 -25.37 -28.61 -2.67
CA SER B 295 -24.13 -27.85 -2.64
C SER B 295 -23.90 -27.29 -1.24
N VAL B 296 -22.80 -27.69 -0.59
CA VAL B 296 -22.48 -27.21 0.76
C VAL B 296 -21.13 -26.48 0.71
N SER B 297 -21.16 -25.16 0.70
CA SER B 297 -19.92 -24.37 0.59
C SER B 297 -19.61 -23.41 1.72
N GLY B 298 -18.41 -23.55 2.27
CA GLY B 298 -17.99 -22.66 3.34
C GLY B 298 -16.86 -21.73 2.91
N ASP B 299 -16.83 -20.55 3.50
CA ASP B 299 -15.80 -19.56 3.23
C ASP B 299 -14.74 -19.73 4.30
N VAL B 300 -13.65 -20.42 3.97
CA VAL B 300 -12.55 -20.68 4.90
C VAL B 300 -11.79 -19.43 5.37
N ASP B 301 -11.76 -18.40 4.53
CA ASP B 301 -11.09 -17.17 4.89
C ASP B 301 -11.90 -16.39 5.91
N LEU B 302 -13.19 -16.20 5.61
CA LEU B 302 -14.07 -15.50 6.52
C LEU B 302 -14.17 -16.27 7.82
N GLY B 303 -14.15 -17.59 7.72
CA GLY B 303 -14.21 -18.42 8.91
C GLY B 303 -12.97 -18.22 9.78
N THR B 304 -11.84 -17.97 9.14
CA THR B 304 -10.61 -17.76 9.86
C THR B 304 -10.73 -16.44 10.61
N LEU B 305 -11.28 -15.42 9.93
CA LEU B 305 -11.47 -14.13 10.57
C LEU B 305 -12.45 -14.26 11.71
N ALA B 306 -13.46 -15.11 11.52
CA ALA B 306 -14.49 -15.35 12.53
C ALA B 306 -13.90 -15.88 13.84
N TYR B 307 -13.01 -16.87 13.74
CA TYR B 307 -12.41 -17.43 14.95
C TYR B 307 -11.46 -16.46 15.64
N LEU B 308 -10.84 -15.58 14.86
CA LEU B 308 -9.94 -14.60 15.43
C LEU B 308 -10.74 -13.64 16.31
N TYR B 309 -11.88 -13.14 15.80
CA TYR B 309 -12.72 -12.24 16.59
C TYR B 309 -13.30 -12.99 17.79
N ASP B 310 -13.71 -14.24 17.58
CA ASP B 310 -14.29 -15.08 18.63
C ASP B 310 -13.29 -15.46 19.72
N SER B 311 -12.00 -15.48 19.38
CA SER B 311 -10.98 -15.84 20.36
C SER B 311 -10.57 -14.67 21.25
N PHE B 312 -10.81 -13.46 20.78
CA PHE B 312 -10.44 -12.24 21.50
C PHE B 312 -11.07 -12.08 22.88
N GLN B 313 -10.22 -12.00 23.89
CA GLN B 313 -10.67 -11.82 25.26
C GLN B 313 -9.76 -10.86 26.03
N LEU B 314 -10.38 -9.85 26.62
CA LEU B 314 -9.64 -8.88 27.41
C LEU B 314 -9.58 -9.55 28.77
N ALA B 315 -9.01 -10.75 28.77
CA ALA B 315 -8.88 -11.57 29.97
C ALA B 315 -7.47 -11.53 30.57
N GLU B 316 -7.39 -11.85 31.85
CA GLU B 316 -6.13 -11.86 32.59
C GLU B 316 -6.33 -12.51 33.95
N ARG B 327 -4.59 -5.92 28.77
CA ARG B 327 -3.92 -7.21 28.42
C ARG B 327 -4.88 -8.10 27.65
N LYS B 328 -4.59 -8.32 26.38
CA LYS B 328 -5.45 -9.14 25.55
C LYS B 328 -4.88 -10.52 25.27
N VAL B 329 -5.76 -11.48 25.04
CA VAL B 329 -5.34 -12.83 24.76
C VAL B 329 -6.25 -13.44 23.70
N LEU B 330 -5.69 -14.26 22.81
CA LEU B 330 -6.50 -14.93 21.80
C LEU B 330 -6.64 -16.37 22.26
N LYS B 331 -7.85 -16.77 22.61
CA LYS B 331 -8.07 -18.14 23.08
C LYS B 331 -8.58 -19.07 21.99
N LEU B 332 -7.78 -19.21 20.93
CA LEU B 332 -8.13 -20.09 19.82
C LEU B 332 -8.13 -21.54 20.30
N HIS B 333 -9.07 -22.33 19.81
CA HIS B 333 -9.15 -23.72 20.19
C HIS B 333 -7.79 -24.38 19.96
N PRO B 334 -7.37 -25.31 20.85
CA PRO B 334 -6.08 -25.99 20.73
C PRO B 334 -5.82 -26.62 19.37
N CYS B 335 -6.87 -27.07 18.70
CA CYS B 335 -6.72 -27.68 17.38
C CYS B 335 -6.49 -26.64 16.30
N LEU B 336 -6.86 -25.39 16.58
CA LEU B 336 -6.68 -24.32 15.60
C LEU B 336 -5.46 -23.42 15.84
N ALA B 337 -5.13 -23.19 17.11
CA ALA B 337 -4.00 -22.34 17.45
C ALA B 337 -2.80 -22.72 16.60
N PRO B 338 -2.21 -21.74 15.87
CA PRO B 338 -1.06 -21.99 15.00
C PRO B 338 0.21 -22.44 15.72
N ILE B 339 0.49 -21.86 16.87
CA ILE B 339 1.67 -22.22 17.64
C ILE B 339 1.27 -22.90 18.94
N LYS B 340 1.66 -24.16 19.11
CA LYS B 340 1.27 -24.88 20.32
C LYS B 340 2.17 -24.63 21.54
N VAL B 341 3.47 -24.47 21.31
CA VAL B 341 4.39 -24.26 22.42
C VAL B 341 5.52 -23.27 22.14
N ALA B 342 5.93 -22.54 23.16
CA ALA B 342 7.04 -21.59 23.01
C ALA B 342 8.15 -22.00 23.97
N LEU B 343 9.40 -21.92 23.51
CA LEU B 343 10.56 -22.28 24.33
C LEU B 343 11.50 -21.08 24.54
N ASP B 344 11.84 -20.81 25.79
CA ASP B 344 12.74 -19.70 26.13
C ASP B 344 13.75 -20.10 27.20
N VAL B 345 14.83 -19.32 27.32
CA VAL B 345 15.84 -19.62 28.32
C VAL B 345 15.80 -18.54 29.40
N GLY B 346 16.04 -18.95 30.64
CA GLY B 346 16.06 -18.01 31.73
C GLY B 346 17.52 -17.63 31.97
N LYS B 347 17.81 -16.99 33.10
CA LYS B 347 19.18 -16.60 33.40
C LYS B 347 20.08 -17.84 33.49
N GLY B 348 21.29 -17.72 32.99
CA GLY B 348 22.23 -18.83 33.02
C GLY B 348 23.17 -18.85 31.83
N PRO B 349 23.89 -19.96 31.62
CA PRO B 349 24.83 -20.10 30.49
C PRO B 349 24.13 -20.18 29.13
N THR B 350 24.14 -19.08 28.39
CA THR B 350 23.50 -19.00 27.07
C THR B 350 23.65 -20.23 26.19
N VAL B 351 24.88 -20.55 25.79
CA VAL B 351 25.13 -21.69 24.90
C VAL B 351 24.62 -23.03 25.43
N GLU B 352 24.75 -23.25 26.74
CA GLU B 352 24.30 -24.50 27.33
C GLU B 352 22.77 -24.58 27.33
N LEU B 353 22.15 -23.50 27.76
CA LEU B 353 20.69 -23.43 27.83
C LEU B 353 20.06 -23.59 26.44
N ARG B 354 20.60 -22.89 25.44
CA ARG B 354 20.08 -22.96 24.09
C ARG B 354 20.19 -24.37 23.53
N GLN B 355 21.28 -25.05 23.88
CA GLN B 355 21.50 -26.41 23.42
C GLN B 355 20.39 -27.32 23.92
N VAL B 356 19.93 -27.06 25.14
CA VAL B 356 18.85 -27.87 25.71
C VAL B 356 17.55 -27.55 24.98
N CYS B 357 17.33 -26.27 24.71
CA CYS B 357 16.12 -25.86 24.01
C CYS B 357 16.06 -26.50 22.63
N GLN B 358 17.21 -26.56 21.95
CA GLN B 358 17.27 -27.13 20.61
C GLN B 358 16.83 -28.59 20.63
N GLY B 359 17.35 -29.35 21.57
CA GLY B 359 16.99 -30.76 21.66
C GLY B 359 15.50 -30.92 21.88
N LEU B 360 14.94 -30.07 22.74
CA LEU B 360 13.52 -30.10 23.03
C LEU B 360 12.67 -29.72 21.80
N LEU B 361 13.13 -28.71 21.07
CA LEU B 361 12.41 -28.28 19.88
C LEU B 361 12.39 -29.41 18.82
N ASN B 362 13.54 -30.02 18.57
CA ASN B 362 13.63 -31.09 17.59
C ASN B 362 12.70 -32.25 17.96
N GLU B 363 12.60 -32.53 19.25
CA GLU B 363 11.73 -33.60 19.74
C GLU B 363 10.26 -33.30 19.44
N LEU B 364 9.85 -32.06 19.70
CA LEU B 364 8.47 -31.67 19.46
C LEU B 364 8.13 -31.57 17.96
N LEU B 365 8.99 -30.92 17.18
CA LEU B 365 8.76 -30.79 15.75
C LEU B 365 8.62 -32.15 15.08
N GLU B 366 9.43 -33.11 15.51
CA GLU B 366 9.39 -34.45 14.93
C GLU B 366 8.05 -35.10 15.21
N ASN B 367 7.37 -34.61 16.25
CA ASN B 367 6.06 -35.12 16.61
C ASN B 367 4.99 -34.21 16.02
N GLY B 368 5.39 -33.34 15.10
CA GLY B 368 4.47 -32.44 14.43
C GLY B 368 3.90 -31.29 15.25
N ILE B 369 4.41 -31.09 16.46
CA ILE B 369 3.96 -30.02 17.34
C ILE B 369 4.69 -28.73 16.94
N SER B 370 3.94 -27.66 16.70
CA SER B 370 4.54 -26.39 16.31
C SER B 370 5.18 -25.73 17.53
N VAL B 371 6.38 -25.22 17.35
CA VAL B 371 7.12 -24.59 18.43
C VAL B 371 7.70 -23.23 18.05
N TRP B 372 7.59 -22.27 18.97
CA TRP B 372 8.16 -20.96 18.74
C TRP B 372 9.51 -20.97 19.47
N PRO B 373 10.62 -20.82 18.72
CA PRO B 373 11.96 -20.83 19.33
C PRO B 373 12.38 -19.48 19.89
N GLY B 374 11.70 -19.03 20.95
CA GLY B 374 12.03 -17.75 21.53
C GLY B 374 13.47 -17.65 22.02
N TYR B 375 14.03 -18.77 22.45
CA TYR B 375 15.39 -18.81 22.95
C TYR B 375 16.40 -18.35 21.90
N SER B 376 15.96 -18.31 20.65
CA SER B 376 16.80 -17.91 19.54
C SER B 376 17.03 -16.40 19.55
N GLU B 377 16.10 -15.66 20.14
CA GLU B 377 16.19 -14.21 20.18
C GLU B 377 17.43 -13.71 20.93
N THR B 378 18.05 -12.68 20.37
CA THR B 378 19.25 -12.09 20.95
C THR B 378 18.84 -11.00 21.93
N VAL B 379 17.81 -10.26 21.58
CA VAL B 379 17.31 -9.19 22.44
C VAL B 379 16.62 -9.84 23.64
N HIS B 380 16.79 -9.23 24.80
CA HIS B 380 16.18 -9.74 26.02
C HIS B 380 14.86 -9.06 26.31
N SER B 381 13.93 -9.80 26.91
CA SER B 381 12.63 -9.27 27.28
C SER B 381 12.26 -9.89 28.63
N SER B 382 11.52 -9.15 29.44
CA SER B 382 11.11 -9.66 30.74
C SER B 382 10.17 -10.85 30.55
N LEU B 383 9.94 -11.60 31.62
CA LEU B 383 9.05 -12.76 31.55
C LEU B 383 7.61 -12.32 31.32
N GLU B 384 7.22 -11.21 31.93
CA GLU B 384 5.87 -10.69 31.79
C GLU B 384 5.63 -10.32 30.34
N GLN B 385 6.63 -9.67 29.72
CA GLN B 385 6.56 -9.25 28.33
C GLN B 385 6.41 -10.44 27.41
N LEU B 386 7.12 -11.51 27.73
CA LEU B 386 7.08 -12.74 26.96
C LEU B 386 5.68 -13.34 26.99
N HIS B 387 5.19 -13.60 28.19
CA HIS B 387 3.87 -14.18 28.37
C HIS B 387 2.74 -13.35 27.77
N SER B 388 2.90 -12.03 27.76
CA SER B 388 1.87 -11.17 27.19
C SER B 388 1.84 -11.42 25.70
N LYS B 389 3.02 -11.43 25.10
CA LYS B 389 3.16 -11.65 23.68
C LYS B 389 2.63 -13.04 23.28
N TYR B 390 3.00 -14.06 24.06
CA TYR B 390 2.55 -15.42 23.76
C TYR B 390 1.04 -15.56 23.87
N ASP B 391 0.42 -14.82 24.77
CA ASP B 391 -1.03 -14.86 24.91
C ASP B 391 -1.66 -14.18 23.69
N GLU B 392 -1.03 -13.13 23.16
CA GLU B 392 -1.55 -12.44 21.99
C GLU B 392 -1.38 -13.37 20.77
N MET B 393 -0.37 -14.22 20.79
CA MET B 393 -0.09 -15.14 19.69
C MET B 393 -0.88 -16.43 19.81
N SER B 394 -1.61 -16.56 20.92
CA SER B 394 -2.44 -17.73 21.21
C SER B 394 -1.62 -18.99 21.53
N VAL B 395 -0.37 -18.80 21.91
CA VAL B 395 0.47 -19.92 22.28
C VAL B 395 -0.18 -20.68 23.45
N LEU B 396 -0.39 -21.98 23.27
CA LEU B 396 -1.01 -22.80 24.30
C LEU B 396 -0.17 -22.94 25.56
N PHE B 397 1.11 -23.30 25.40
CA PHE B 397 2.01 -23.47 26.53
C PHE B 397 3.34 -22.75 26.33
N SER B 398 3.88 -22.24 27.43
CA SER B 398 5.14 -21.53 27.42
C SER B 398 6.11 -22.27 28.36
N VAL B 399 7.29 -22.60 27.84
CA VAL B 399 8.31 -23.32 28.60
C VAL B 399 9.59 -22.49 28.79
N LEU B 400 10.10 -22.49 30.01
CA LEU B 400 11.31 -21.74 30.34
C LEU B 400 12.40 -22.66 30.87
N VAL B 401 13.52 -22.69 30.15
CA VAL B 401 14.66 -23.51 30.54
C VAL B 401 15.65 -22.60 31.27
N THR B 402 16.03 -22.98 32.48
CA THR B 402 16.95 -22.18 33.28
C THR B 402 18.11 -22.97 33.87
N GLU B 403 18.92 -22.29 34.68
CA GLU B 403 20.06 -22.90 35.34
C GLU B 403 19.57 -24.13 36.08
N THR B 404 18.44 -23.96 36.76
CA THR B 404 17.81 -25.04 37.51
C THR B 404 17.66 -26.26 36.61
N THR B 405 17.14 -26.04 35.40
CA THR B 405 16.94 -27.12 34.44
C THR B 405 18.25 -27.89 34.22
N LEU B 406 19.36 -27.15 34.20
CA LEU B 406 20.66 -27.76 33.99
C LEU B 406 21.07 -28.67 35.16
N GLU B 407 20.50 -28.43 36.34
CA GLU B 407 20.83 -29.23 37.52
C GLU B 407 19.90 -30.42 37.73
N ASN B 408 18.59 -30.16 37.84
CA ASN B 408 17.63 -31.24 38.08
C ASN B 408 16.71 -31.56 36.90
N GLY B 409 16.96 -30.94 35.74
CA GLY B 409 16.16 -31.19 34.56
C GLY B 409 14.71 -30.75 34.58
N LEU B 410 14.36 -29.85 35.50
CA LEU B 410 13.00 -29.35 35.61
C LEU B 410 12.81 -28.03 34.87
N ILE B 411 11.70 -27.91 34.15
CA ILE B 411 11.40 -26.68 33.41
C ILE B 411 10.13 -26.05 33.95
N GLN B 412 9.98 -24.75 33.73
CA GLN B 412 8.81 -24.01 34.17
C GLN B 412 7.82 -23.99 32.98
N LEU B 413 6.63 -24.55 33.20
CA LEU B 413 5.60 -24.61 32.17
C LEU B 413 4.40 -23.74 32.50
N ARG B 414 4.13 -22.75 31.67
CA ARG B 414 2.99 -21.86 31.91
C ARG B 414 1.92 -22.07 30.85
N SER B 415 0.69 -22.25 31.29
CA SER B 415 -0.40 -22.46 30.37
C SER B 415 -1.05 -21.14 30.00
N ARG B 416 -1.52 -21.03 28.76
CA ARG B 416 -2.17 -19.82 28.29
C ARG B 416 -3.50 -19.65 29.02
N ASP B 417 -4.34 -20.67 28.95
CA ASP B 417 -5.68 -20.64 29.54
C ASP B 417 -5.84 -20.33 31.03
N THR B 418 -5.00 -20.91 31.88
CA THR B 418 -5.10 -20.66 33.31
C THR B 418 -4.07 -19.63 33.78
N THR B 419 -3.03 -19.42 32.97
CA THR B 419 -2.00 -18.44 33.30
C THR B 419 -1.23 -18.82 34.54
N MET B 420 -1.27 -20.10 34.90
CA MET B 420 -0.58 -20.61 36.08
C MET B 420 0.70 -21.35 35.68
N LYS B 421 1.78 -21.11 36.42
CA LYS B 421 3.06 -21.75 36.17
C LYS B 421 3.30 -22.98 37.04
N GLU B 422 4.05 -23.94 36.53
CA GLU B 422 4.35 -25.17 37.27
C GLU B 422 5.61 -25.87 36.76
N MET B 423 6.29 -26.58 37.65
CA MET B 423 7.51 -27.29 37.29
C MET B 423 7.20 -28.68 36.75
N MET B 424 8.02 -29.12 35.81
CA MET B 424 7.84 -30.42 35.16
C MET B 424 9.20 -30.87 34.62
N HIS B 425 9.46 -32.17 34.62
CA HIS B 425 10.74 -32.66 34.13
C HIS B 425 10.79 -32.70 32.61
N ILE B 426 11.82 -32.07 32.05
CA ILE B 426 12.00 -31.99 30.61
C ILE B 426 11.75 -33.31 29.88
N SER B 427 11.86 -34.42 30.59
CA SER B 427 11.66 -35.74 29.98
C SER B 427 10.19 -36.09 29.78
N LYS B 428 9.30 -35.33 30.45
CA LYS B 428 7.88 -35.59 30.36
C LYS B 428 7.12 -34.64 29.44
N LEU B 429 7.74 -33.50 29.12
CA LEU B 429 7.11 -32.49 28.28
C LEU B 429 6.51 -33.02 26.99
N ARG B 430 7.32 -33.72 26.19
CA ARG B 430 6.86 -34.26 24.92
C ARG B 430 5.57 -35.08 25.05
N ASP B 431 5.51 -35.95 26.05
CA ASP B 431 4.34 -36.79 26.26
C ASP B 431 3.11 -36.00 26.70
N PHE B 432 3.31 -35.03 27.57
CA PHE B 432 2.23 -34.19 28.07
C PHE B 432 1.54 -33.44 26.94
N LEU B 433 2.33 -32.88 26.05
CA LEU B 433 1.81 -32.10 24.93
C LEU B 433 1.13 -32.97 23.87
N VAL B 434 1.80 -34.04 23.46
CA VAL B 434 1.23 -34.93 22.46
C VAL B 434 -0.12 -35.43 22.96
N LYS B 435 -0.18 -35.77 24.25
CA LYS B 435 -1.41 -36.27 24.85
C LYS B 435 -2.49 -35.20 24.91
N TYR B 436 -2.14 -34.05 25.48
CA TYR B 436 -3.07 -32.92 25.63
C TYR B 436 -3.74 -32.57 24.31
N LEU B 437 -2.95 -32.45 23.26
CA LEU B 437 -3.48 -32.11 21.95
C LEU B 437 -4.34 -33.25 21.41
N ALA B 438 -3.84 -34.47 21.52
CA ALA B 438 -4.59 -35.63 21.03
C ALA B 438 -5.91 -35.71 21.78
N SER B 439 -5.93 -35.19 23.01
CA SER B 439 -7.12 -35.20 23.83
C SER B 439 -8.12 -34.14 23.38
N ALA B 440 -7.62 -32.98 22.97
CA ALA B 440 -8.46 -31.87 22.51
C ALA B 440 -9.08 -32.21 21.17
N SER B 441 -8.30 -32.91 20.34
CA SER B 441 -8.74 -33.31 19.02
C SER B 441 -9.75 -34.46 19.09
N ASN B 442 -9.61 -35.32 20.10
CA ASN B 442 -10.51 -36.45 20.27
C ASN B 442 -11.90 -35.99 20.66
N VAL B 443 -11.97 -34.92 21.46
CA VAL B 443 -13.24 -34.36 21.89
C VAL B 443 -14.07 -34.04 20.64
N ALA B 444 -13.37 -33.85 19.51
CA ALA B 444 -13.98 -33.56 18.22
C ALA B 444 -15.22 -32.68 18.35
N GLU C 25 -10.64 48.10 18.46
CA GLU C 25 -11.22 47.83 17.12
C GLU C 25 -10.43 48.56 16.03
N ALA C 26 -9.72 49.61 16.43
CA ALA C 26 -8.95 50.40 15.47
C ALA C 26 -7.97 49.56 14.65
N LEU C 27 -7.51 48.44 15.19
CA LEU C 27 -6.57 47.60 14.48
C LEU C 27 -7.26 46.76 13.41
N VAL C 28 -8.28 46.01 13.83
CA VAL C 28 -9.02 45.16 12.91
C VAL C 28 -9.63 45.99 11.79
N ASP C 29 -10.22 47.11 12.18
CA ASP C 29 -10.85 48.02 11.24
C ASP C 29 -9.88 48.52 10.19
N LEU C 30 -8.68 48.90 10.62
CA LEU C 30 -7.66 49.37 9.70
C LEU C 30 -7.23 48.22 8.80
N CYS C 31 -7.13 47.04 9.38
CA CYS C 31 -6.70 45.87 8.64
C CYS C 31 -7.72 45.46 7.59
N ARG C 32 -9.00 45.71 7.86
CA ARG C 32 -10.05 45.39 6.90
C ARG C 32 -10.06 46.42 5.77
N ARG C 33 -9.86 47.69 6.13
CA ARG C 33 -9.84 48.79 5.18
C ARG C 33 -8.64 48.72 4.22
N ARG C 34 -7.52 48.22 4.71
CA ARG C 34 -6.33 48.13 3.88
C ARG C 34 -6.17 46.74 3.27
N HIS C 35 -7.16 45.88 3.51
CA HIS C 35 -7.18 44.54 2.97
C HIS C 35 -6.15 43.54 3.48
N PHE C 36 -5.77 43.68 4.73
CA PHE C 36 -4.87 42.72 5.33
C PHE C 36 -5.86 41.62 5.71
N LEU C 37 -7.04 42.06 6.16
CA LEU C 37 -8.10 41.16 6.56
C LEU C 37 -9.28 41.22 5.59
N SER C 38 -10.08 40.16 5.60
CA SER C 38 -11.26 40.08 4.74
C SER C 38 -12.47 39.85 5.65
N GLY C 39 -13.65 39.78 5.06
CA GLY C 39 -14.84 39.51 5.86
C GLY C 39 -15.85 40.62 6.13
N THR C 40 -17.05 40.19 6.51
CA THR C 40 -18.15 41.07 6.85
C THR C 40 -17.93 41.50 8.29
N PRO C 41 -18.59 42.60 8.70
CA PRO C 41 -18.42 43.04 10.09
C PRO C 41 -18.58 41.92 11.11
N GLN C 42 -19.47 40.97 10.83
CA GLN C 42 -19.71 39.85 11.72
C GLN C 42 -18.57 38.83 11.78
N GLN C 43 -17.75 38.79 10.72
CA GLN C 43 -16.62 37.87 10.67
C GLN C 43 -15.35 38.52 11.17
N LEU C 44 -15.48 39.74 11.70
CA LEU C 44 -14.33 40.47 12.21
C LEU C 44 -14.23 40.50 13.74
N SER C 45 -15.16 39.83 14.41
CA SER C 45 -15.12 39.78 15.86
C SER C 45 -13.95 38.87 16.24
N THR C 46 -13.51 38.95 17.49
CA THR C 46 -12.40 38.12 17.93
C THR C 46 -12.67 36.62 17.76
N ALA C 47 -13.89 36.20 18.07
CA ALA C 47 -14.26 34.80 17.95
C ALA C 47 -14.17 34.31 16.50
N ALA C 48 -14.74 35.07 15.58
CA ALA C 48 -14.72 34.67 14.17
C ALA C 48 -13.28 34.67 13.63
N LEU C 49 -12.47 35.63 14.06
CA LEU C 49 -11.10 35.71 13.58
C LEU C 49 -10.24 34.53 14.04
N LEU C 50 -10.57 33.97 15.21
CA LEU C 50 -9.81 32.84 15.75
C LEU C 50 -10.38 31.48 15.33
N SER C 51 -11.67 31.45 15.01
CA SER C 51 -12.32 30.20 14.62
C SER C 51 -11.81 29.61 13.31
N GLY C 52 -11.48 30.47 12.36
CA GLY C 52 -11.00 29.99 11.06
C GLY C 52 -12.13 29.46 10.19
N CYS C 53 -13.36 29.91 10.44
CA CYS C 53 -14.50 29.46 9.67
C CYS C 53 -14.67 30.18 8.34
N HIS C 54 -13.87 31.23 8.15
CA HIS C 54 -13.90 31.99 6.91
C HIS C 54 -12.46 32.34 6.59
N ALA C 55 -12.16 32.53 5.30
CA ALA C 55 -10.80 32.90 4.89
C ALA C 55 -10.56 34.31 5.43
N ARG C 56 -9.78 34.40 6.50
CA ARG C 56 -9.49 35.66 7.19
C ARG C 56 -8.73 36.76 6.48
N PHE C 57 -7.88 36.40 5.54
CA PHE C 57 -7.07 37.41 4.91
C PHE C 57 -7.46 37.88 3.52
N GLY C 58 -7.11 39.14 3.25
CA GLY C 58 -7.35 39.76 1.98
C GLY C 58 -6.00 39.77 1.26
N PRO C 59 -5.89 40.42 0.10
CA PRO C 59 -4.65 40.48 -0.67
C PRO C 59 -3.36 40.77 0.10
N LEU C 60 -3.34 41.82 0.90
CA LEU C 60 -2.13 42.16 1.65
C LEU C 60 -1.88 41.16 2.77
N GLY C 61 -2.94 40.64 3.36
CA GLY C 61 -2.80 39.66 4.43
C GLY C 61 -2.26 38.34 3.89
N VAL C 62 -2.74 37.92 2.73
CA VAL C 62 -2.28 36.67 2.13
C VAL C 62 -0.80 36.76 1.79
N GLU C 63 -0.35 37.94 1.39
CA GLU C 63 1.05 38.17 1.05
C GLU C 63 1.91 38.16 2.31
N LEU C 64 1.38 38.73 3.38
CA LEU C 64 2.11 38.76 4.64
C LEU C 64 2.32 37.34 5.14
N ARG C 65 1.25 36.55 5.14
CA ARG C 65 1.33 35.18 5.58
C ARG C 65 2.28 34.38 4.69
N LYS C 66 2.25 34.65 3.40
CA LYS C 66 3.15 33.94 2.50
C LYS C 66 4.59 34.23 2.91
N ASN C 67 4.86 35.49 3.24
CA ASN C 67 6.20 35.87 3.67
C ASN C 67 6.59 35.13 4.95
N LEU C 68 5.66 35.06 5.91
CA LEU C 68 5.91 34.37 7.17
C LEU C 68 6.16 32.87 6.94
N ALA C 69 5.33 32.25 6.10
CA ALA C 69 5.49 30.83 5.81
C ALA C 69 6.84 30.59 5.15
N SER C 70 7.22 31.52 4.29
CA SER C 70 8.49 31.45 3.59
C SER C 70 9.65 31.53 4.57
N GLN C 71 9.54 32.40 5.56
CA GLN C 71 10.57 32.56 6.57
C GLN C 71 10.63 31.33 7.47
N TRP C 72 9.50 30.67 7.65
CA TRP C 72 9.42 29.46 8.47
C TRP C 72 10.16 28.35 7.73
N TRP C 73 9.86 28.20 6.45
CA TRP C 73 10.50 27.18 5.63
C TRP C 73 12.02 27.34 5.57
N SER C 74 12.49 28.59 5.54
CA SER C 74 13.93 28.86 5.48
C SER C 74 14.63 28.42 6.75
N SER C 75 14.10 28.86 7.90
CA SER C 75 14.67 28.52 9.19
C SER C 75 14.52 27.06 9.57
N MET C 76 13.41 26.45 9.19
CA MET C 76 13.16 25.08 9.57
C MET C 76 13.61 24.02 8.59
N VAL C 77 13.56 24.32 7.30
CA VAL C 77 13.95 23.33 6.32
C VAL C 77 15.19 23.69 5.49
N VAL C 78 15.22 24.90 4.95
CA VAL C 78 16.34 25.33 4.12
C VAL C 78 17.69 25.39 4.83
N PHE C 79 17.68 25.85 6.09
CA PHE C 79 18.92 25.97 6.83
C PHE C 79 19.31 24.75 7.66
N ARG C 80 18.51 23.69 7.58
CA ARG C 80 18.81 22.46 8.33
C ARG C 80 18.96 21.28 7.39
N GLU C 81 20.15 20.71 7.34
CA GLU C 81 20.42 19.59 6.44
C GLU C 81 19.74 18.28 6.85
N GLN C 82 19.32 18.17 8.11
CA GLN C 82 18.66 16.96 8.60
C GLN C 82 17.13 17.07 8.57
N VAL C 83 16.59 18.11 7.96
CA VAL C 83 15.12 18.26 7.90
C VAL C 83 14.72 18.17 6.43
N PHE C 84 13.73 17.32 6.13
CA PHE C 84 13.28 17.17 4.76
C PHE C 84 11.80 17.47 4.64
N ALA C 85 11.38 17.83 3.44
CA ALA C 85 9.99 18.15 3.21
C ALA C 85 9.15 16.89 3.10
N VAL C 86 7.90 16.98 3.51
CA VAL C 86 6.99 15.86 3.39
C VAL C 86 5.63 16.43 2.98
N ASP C 87 4.89 15.68 2.17
CA ASP C 87 3.57 16.11 1.74
C ASP C 87 2.64 14.93 1.95
N SER C 88 1.47 15.19 2.49
CA SER C 88 0.51 14.14 2.76
C SER C 88 -0.89 14.63 2.40
N LEU C 89 -1.82 13.70 2.22
CA LEU C 89 -3.20 14.03 1.87
C LEU C 89 -3.97 14.76 2.94
N HIS C 90 -5.00 15.48 2.51
CA HIS C 90 -5.85 16.20 3.44
C HIS C 90 -6.87 15.20 4.02
N GLN C 91 -7.11 14.13 3.27
CA GLN C 91 -8.05 13.08 3.62
C GLN C 91 -7.38 11.93 4.34
N GLU C 92 -8.08 11.35 5.32
CA GLU C 92 -7.56 10.21 6.07
C GLU C 92 -8.59 9.08 6.02
N PRO C 93 -8.13 7.82 6.10
CA PRO C 93 -9.03 6.66 6.07
C PRO C 93 -10.22 6.79 7.01
N GLY C 94 -11.39 6.35 6.55
CA GLY C 94 -12.57 6.41 7.37
C GLY C 94 -12.49 5.45 8.53
N SER C 95 -12.75 5.95 9.74
CA SER C 95 -12.72 5.12 10.94
C SER C 95 -13.78 5.57 11.95
N SER C 96 -14.48 4.60 12.52
CA SER C 96 -15.52 4.91 13.50
C SER C 96 -15.28 4.19 14.83
N GLN C 97 -14.03 4.18 15.28
CA GLN C 97 -13.68 3.52 16.53
C GLN C 97 -14.19 4.34 17.72
N PRO C 98 -13.66 5.57 17.91
CA PRO C 98 -14.09 6.40 19.04
C PRO C 98 -15.15 7.40 18.58
N ARG C 99 -14.97 8.66 18.99
CA ARG C 99 -15.88 9.74 18.61
C ARG C 99 -15.07 10.85 17.96
N ASP C 100 -14.24 10.46 16.99
CA ASP C 100 -13.37 11.35 16.25
C ASP C 100 -13.71 12.83 16.24
N SER C 101 -14.88 13.16 15.70
CA SER C 101 -15.35 14.55 15.59
C SER C 101 -14.87 15.18 14.28
N ALA C 102 -13.93 14.53 13.61
CA ALA C 102 -13.41 15.04 12.34
C ALA C 102 -14.52 14.90 11.29
N PHE C 103 -14.63 15.89 10.41
CA PHE C 103 -15.67 15.88 9.39
C PHE C 103 -15.47 14.77 8.37
N ARG C 104 -16.58 14.13 7.99
CA ARG C 104 -16.55 13.02 7.04
C ARG C 104 -16.83 13.49 5.62
N LEU C 105 -16.30 12.75 4.64
CA LEU C 105 -16.50 13.08 3.23
C LEU C 105 -17.47 12.10 2.63
N VAL C 106 -18.66 12.59 2.26
CA VAL C 106 -19.72 11.76 1.70
C VAL C 106 -20.05 12.06 0.24
N SER C 107 -20.11 11.00 -0.57
CA SER C 107 -20.45 11.17 -1.99
C SER C 107 -21.93 11.52 -2.13
N PRO C 108 -22.24 12.67 -2.73
CA PRO C 108 -23.65 13.04 -2.88
C PRO C 108 -24.37 12.03 -3.78
N GLU C 109 -23.61 11.43 -4.69
CA GLU C 109 -24.16 10.45 -5.60
C GLU C 109 -24.70 9.24 -4.84
N SER C 110 -23.96 8.79 -3.84
CA SER C 110 -24.39 7.64 -3.06
C SER C 110 -25.65 7.94 -2.25
N ILE C 111 -25.93 9.22 -1.99
CA ILE C 111 -27.12 9.58 -1.23
C ILE C 111 -28.33 9.68 -2.16
N ARG C 112 -28.07 9.98 -3.43
CA ARG C 112 -29.14 10.09 -4.42
C ARG C 112 -29.55 8.71 -4.91
N GLU C 113 -28.61 7.77 -4.87
CA GLU C 113 -28.86 6.39 -5.30
C GLU C 113 -29.76 5.64 -4.33
N ILE C 114 -29.80 6.09 -3.08
CA ILE C 114 -30.61 5.46 -2.06
C ILE C 114 -31.88 6.28 -1.80
N LEU C 115 -32.12 7.28 -2.64
CA LEU C 115 -33.30 8.13 -2.47
C LEU C 115 -34.09 8.25 -3.76
N GLN C 116 -33.59 7.64 -4.83
CA GLN C 116 -34.26 7.69 -6.12
C GLN C 116 -34.42 6.29 -6.71
N ASP C 117 -34.30 5.27 -5.86
CA ASP C 117 -34.44 3.88 -6.30
C ASP C 117 -35.20 3.06 -5.25
N SER C 121 -36.40 1.94 2.38
CA SER C 121 -36.62 1.09 3.58
C SER C 121 -36.00 1.73 4.83
N LYS C 122 -36.74 1.73 5.92
CA LYS C 122 -36.25 2.30 7.18
C LYS C 122 -35.11 1.44 7.73
N GLU C 123 -34.98 0.24 7.18
CA GLU C 123 -33.94 -0.70 7.61
C GLU C 123 -32.60 -0.33 6.99
N GLN C 124 -32.60 -0.19 5.66
CA GLN C 124 -31.39 0.15 4.91
C GLN C 124 -30.92 1.59 5.15
N LEU C 125 -31.87 2.47 5.47
CA LEU C 125 -31.56 3.87 5.71
C LEU C 125 -30.64 4.03 6.91
N VAL C 126 -30.92 3.28 7.98
CA VAL C 126 -30.09 3.34 9.19
C VAL C 126 -28.77 2.64 8.90
N ALA C 127 -28.81 1.61 8.04
CA ALA C 127 -27.61 0.89 7.68
C ALA C 127 -26.70 1.81 6.88
N PHE C 128 -27.31 2.58 6.00
CA PHE C 128 -26.59 3.53 5.15
C PHE C 128 -25.88 4.58 6.01
N LEU C 129 -26.59 5.12 6.99
CA LEU C 129 -26.03 6.13 7.88
C LEU C 129 -24.91 5.56 8.75
N GLU C 130 -25.08 4.33 9.21
CA GLU C 130 -24.06 3.69 10.05
C GLU C 130 -22.80 3.53 9.21
N ASN C 131 -23.01 3.26 7.92
CA ASN C 131 -21.92 3.07 6.99
C ASN C 131 -21.16 4.37 6.73
N LEU C 132 -21.85 5.51 6.75
CA LEU C 132 -21.19 6.78 6.52
C LEU C 132 -20.20 7.04 7.63
N LEU C 133 -20.60 6.71 8.86
CA LEU C 133 -19.75 6.93 10.02
C LEU C 133 -18.57 5.96 10.07
N LYS C 134 -18.78 4.75 9.55
CA LYS C 134 -17.75 3.73 9.58
C LYS C 134 -16.74 3.70 8.43
N THR C 135 -17.21 3.92 7.22
CA THR C 135 -16.34 3.86 6.05
C THR C 135 -15.93 5.17 5.38
N SER C 136 -16.65 6.25 5.66
CA SER C 136 -16.33 7.53 5.04
C SER C 136 -14.98 8.06 5.50
N GLY C 137 -14.19 8.56 4.56
CA GLY C 137 -12.89 9.11 4.90
C GLY C 137 -13.15 10.39 5.66
N LYS C 138 -12.11 10.95 6.28
CA LYS C 138 -12.27 12.18 7.02
C LYS C 138 -11.15 13.17 6.75
N LEU C 139 -11.40 14.44 7.04
CA LEU C 139 -10.40 15.47 6.84
C LEU C 139 -9.45 15.45 8.04
N ARG C 140 -8.15 15.59 7.76
CA ARG C 140 -7.12 15.58 8.80
C ARG C 140 -7.23 16.77 9.75
N ALA C 141 -6.85 16.55 11.01
CA ALA C 141 -6.90 17.60 12.04
C ALA C 141 -5.49 18.08 12.40
N THR C 142 -4.48 17.31 11.99
CA THR C 142 -3.08 17.64 12.24
C THR C 142 -2.25 17.07 11.10
N LEU C 143 -0.99 17.47 11.03
CA LEU C 143 -0.07 17.01 9.99
C LEU C 143 0.87 15.93 10.54
N LEU C 144 0.68 15.56 11.80
CA LEU C 144 1.53 14.56 12.43
C LEU C 144 1.58 13.23 11.70
N HIS C 145 0.40 12.67 11.46
CA HIS C 145 0.33 11.38 10.79
C HIS C 145 0.92 11.35 9.42
N GLY C 146 0.85 12.47 8.70
CA GLY C 146 1.46 12.53 7.38
C GLY C 146 2.96 12.31 7.49
N ALA C 147 3.58 12.84 8.54
CA ALA C 147 5.01 12.68 8.73
C ALA C 147 5.37 11.26 9.17
N LEU C 148 4.56 10.69 10.06
CA LEU C 148 4.81 9.34 10.55
C LEU C 148 4.72 8.32 9.42
N GLU C 149 3.77 8.52 8.50
CA GLU C 149 3.59 7.61 7.38
C GLU C 149 4.72 7.70 6.34
N HIS C 150 5.44 8.82 6.34
CA HIS C 150 6.52 8.98 5.38
C HIS C 150 7.88 8.78 6.06
N TYR C 151 7.86 8.42 7.33
CA TYR C 151 9.08 8.20 8.10
C TYR C 151 9.98 7.10 7.55
N VAL C 152 9.40 5.94 7.23
CA VAL C 152 10.19 4.84 6.71
C VAL C 152 10.90 5.24 5.42
N ASN C 153 10.22 6.02 4.58
CA ASN C 153 10.83 6.48 3.34
C ASN C 153 12.03 7.39 3.62
N CYS C 154 11.86 8.35 4.52
CA CYS C 154 12.97 9.25 4.84
C CYS C 154 14.12 8.52 5.52
N LEU C 155 13.78 7.48 6.28
CA LEU C 155 14.78 6.69 6.96
C LEU C 155 15.73 6.12 5.88
N ASP C 156 15.17 5.68 4.76
CA ASP C 156 15.99 5.15 3.68
C ASP C 156 16.89 6.26 3.12
N LEU C 157 16.29 7.42 2.89
CA LEU C 157 17.00 8.57 2.33
C LEU C 157 18.23 8.96 3.14
N VAL C 158 18.12 8.94 4.47
CA VAL C 158 19.26 9.30 5.30
C VAL C 158 20.02 8.09 5.81
N ASN C 159 19.81 6.93 5.18
CA ASN C 159 20.49 5.73 5.59
C ASN C 159 20.27 5.38 7.06
N ARG C 160 19.08 5.70 7.56
CA ARG C 160 18.68 5.41 8.93
C ARG C 160 19.36 6.22 10.01
N LYS C 161 20.15 7.21 9.63
CA LYS C 161 20.84 8.04 10.63
C LYS C 161 19.91 8.99 11.38
N LEU C 162 19.91 8.92 12.71
CA LEU C 162 19.11 9.81 13.52
C LEU C 162 20.07 10.86 14.07
N PRO C 163 19.57 12.07 14.38
CA PRO C 163 18.17 12.46 14.24
C PRO C 163 17.90 13.09 12.88
N PHE C 164 16.62 13.24 12.56
CA PHE C 164 16.20 13.90 11.32
C PHE C 164 14.73 14.28 11.45
N GLY C 165 14.26 15.17 10.59
CA GLY C 165 12.89 15.58 10.69
C GLY C 165 12.18 15.74 9.37
N LEU C 166 10.87 15.72 9.43
CA LEU C 166 10.01 15.86 8.26
C LEU C 166 9.16 17.11 8.51
N ALA C 167 9.20 18.04 7.55
CA ALA C 167 8.46 19.29 7.66
C ALA C 167 7.38 19.51 6.62
N GLN C 168 6.29 20.15 7.04
CA GLN C 168 5.17 20.44 6.14
C GLN C 168 4.33 21.62 6.63
N ILE C 169 3.88 22.42 5.67
CA ILE C 169 3.01 23.55 5.94
C ILE C 169 1.77 23.22 5.13
N GLY C 170 0.63 23.09 5.81
CA GLY C 170 -0.60 22.75 5.12
C GLY C 170 -1.80 22.99 6.00
N VAL C 171 -2.97 23.02 5.37
CA VAL C 171 -4.20 23.27 6.10
C VAL C 171 -4.76 22.04 6.77
N CYS C 172 -5.26 22.25 7.98
CA CYS C 172 -5.85 21.19 8.76
C CYS C 172 -7.26 21.67 9.08
N PHE C 173 -8.15 20.75 9.46
CA PHE C 173 -9.53 21.13 9.74
C PHE C 173 -9.98 20.76 11.15
N HIS C 174 -10.79 21.63 11.74
CA HIS C 174 -11.30 21.38 13.08
C HIS C 174 -12.75 21.81 13.23
N PRO C 175 -13.52 21.05 14.01
CA PRO C 175 -14.94 21.39 14.21
C PRO C 175 -15.08 22.63 15.09
N VAL C 176 -16.05 23.47 14.76
CA VAL C 176 -16.29 24.70 15.53
C VAL C 176 -17.75 24.70 15.98
N SER C 177 -17.96 24.44 17.27
CA SER C 177 -19.31 24.42 17.84
C SER C 177 -20.07 25.71 17.55
N THR C 187 -22.96 22.96 13.47
CA THR C 187 -21.46 22.87 13.57
C THR C 187 -20.82 23.23 12.23
N ARG C 188 -19.88 24.16 12.26
CA ARG C 188 -19.16 24.60 11.06
C ARG C 188 -17.75 24.02 11.08
N VAL C 189 -17.04 24.15 9.96
CA VAL C 189 -15.69 23.63 9.93
C VAL C 189 -14.66 24.76 9.84
N GLY C 190 -13.66 24.69 10.71
CA GLY C 190 -12.62 25.70 10.72
C GLY C 190 -11.39 25.20 10.00
N GLU C 191 -10.69 26.10 9.31
CA GLU C 191 -9.49 25.73 8.60
C GLU C 191 -8.31 26.50 9.16
N LYS C 192 -7.26 25.76 9.52
CA LYS C 192 -6.07 26.37 10.06
C LYS C 192 -4.84 25.95 9.25
N THR C 193 -3.96 26.90 8.97
CA THR C 193 -2.74 26.58 8.25
C THR C 193 -1.71 26.27 9.32
N GLU C 194 -1.25 25.03 9.33
CA GLU C 194 -0.28 24.58 10.31
C GLU C 194 1.11 24.38 9.70
N ALA C 195 2.14 24.76 10.45
CA ALA C 195 3.53 24.59 10.01
C ALA C 195 4.09 23.53 10.96
N SER C 196 4.33 22.34 10.43
CA SER C 196 4.79 21.24 11.26
C SER C 196 6.19 20.69 11.05
N LEU C 197 6.83 20.37 12.17
CA LEU C 197 8.14 19.75 12.14
C LEU C 197 8.02 18.52 13.04
N VAL C 198 8.32 17.35 12.47
CA VAL C 198 8.27 16.12 13.23
C VAL C 198 9.71 15.63 13.25
N TRP C 199 10.29 15.69 14.45
CA TRP C 199 11.68 15.36 14.71
C TRP C 199 11.86 13.97 15.34
N PHE C 200 12.62 13.12 14.65
CA PHE C 200 12.88 11.77 15.12
C PHE C 200 14.26 11.69 15.78
N THR C 201 14.31 11.32 17.05
CA THR C 201 15.57 11.26 17.77
C THR C 201 15.62 10.14 18.80
N PRO C 202 16.84 9.69 19.18
CA PRO C 202 16.92 8.62 20.19
C PRO C 202 16.30 9.19 21.46
N THR C 203 15.65 8.34 22.25
CA THR C 203 15.03 8.81 23.48
C THR C 203 16.02 9.49 24.41
N ARG C 204 17.28 9.05 24.33
CA ARG C 204 18.32 9.58 25.19
C ARG C 204 18.62 11.07 24.97
N THR C 205 18.28 11.61 23.81
CA THR C 205 18.53 13.03 23.55
C THR C 205 17.23 13.77 23.34
N SER C 206 16.11 13.08 23.50
CA SER C 206 14.80 13.70 23.28
C SER C 206 14.55 14.94 24.13
N SER C 207 14.91 14.87 25.40
CA SER C 207 14.71 16.01 26.31
C SER C 207 15.49 17.23 25.86
N GLN C 208 16.75 17.03 25.52
CA GLN C 208 17.60 18.11 25.06
C GLN C 208 17.09 18.74 23.76
N TRP C 209 16.63 17.90 22.84
CA TRP C 209 16.13 18.38 21.56
C TRP C 209 14.85 19.18 21.73
N LEU C 210 13.99 18.74 22.64
CA LEU C 210 12.75 19.49 22.89
C LEU C 210 13.14 20.90 23.38
N ASP C 211 14.13 20.95 24.28
CA ASP C 211 14.58 22.24 24.81
C ASP C 211 15.19 23.07 23.68
N PHE C 212 15.99 22.43 22.85
CA PHE C 212 16.62 23.11 21.72
C PHE C 212 15.56 23.75 20.82
N TRP C 213 14.58 22.96 20.39
CA TRP C 213 13.56 23.46 19.49
C TRP C 213 12.69 24.57 20.10
N LEU C 214 12.39 24.44 21.39
CA LEU C 214 11.61 25.44 22.10
C LEU C 214 12.33 26.78 22.01
N ARG C 215 13.61 26.76 22.32
CA ARG C 215 14.45 27.95 22.29
C ARG C 215 14.52 28.54 20.89
N HIS C 216 14.74 27.67 19.92
CA HIS C 216 14.84 28.07 18.52
C HIS C 216 13.56 28.71 18.00
N ARG C 217 12.41 28.11 18.31
CA ARG C 217 11.14 28.63 17.83
C ARG C 217 10.77 29.97 18.47
N LEU C 218 11.08 30.14 19.74
CA LEU C 218 10.75 31.39 20.42
C LEU C 218 11.59 32.54 19.85
N LEU C 219 12.86 32.29 19.58
CA LEU C 219 13.71 33.33 19.02
C LEU C 219 13.24 33.64 17.60
N TRP C 220 12.70 32.63 16.93
CA TRP C 220 12.19 32.81 15.58
C TRP C 220 11.03 33.80 15.61
N TRP C 221 10.07 33.60 16.51
CA TRP C 221 8.93 34.51 16.59
C TRP C 221 9.34 35.91 17.03
N ARG C 222 10.31 35.99 17.93
CA ARG C 222 10.77 37.28 18.44
C ARG C 222 11.55 38.14 17.46
N LYS C 223 12.34 37.52 16.59
CA LYS C 223 13.15 38.28 15.65
C LYS C 223 12.36 39.17 14.68
N PHE C 224 11.07 38.91 14.50
CA PHE C 224 10.25 39.72 13.60
C PHE C 224 9.33 40.67 14.38
N ALA C 225 9.32 40.55 15.70
CA ALA C 225 8.44 41.35 16.54
C ALA C 225 8.96 42.72 16.97
N MET C 226 8.04 43.66 17.13
CA MET C 226 8.35 45.01 17.59
C MET C 226 8.52 44.92 19.09
N SER C 227 7.66 44.11 19.72
CA SER C 227 7.69 43.88 21.15
C SER C 227 7.84 42.39 21.39
N PRO C 228 9.09 41.88 21.36
CA PRO C 228 9.41 40.46 21.57
C PRO C 228 8.89 39.87 22.87
N SER C 229 8.81 40.68 23.92
CA SER C 229 8.33 40.15 25.20
C SER C 229 6.87 39.71 25.13
N ASN C 230 6.18 40.07 24.05
CA ASN C 230 4.77 39.69 23.90
C ASN C 230 4.64 38.26 23.39
N PHE C 231 5.78 37.63 23.10
CA PHE C 231 5.81 36.25 22.67
C PHE C 231 6.47 35.53 23.84
N SER C 232 5.79 34.54 24.40
CA SER C 232 6.32 33.81 25.54
C SER C 232 6.07 32.31 25.45
N SER C 233 6.63 31.57 26.39
CA SER C 233 6.47 30.14 26.43
C SER C 233 6.06 29.67 27.82
N ALA C 234 5.57 28.45 27.89
CA ALA C 234 5.14 27.85 29.14
C ALA C 234 5.20 26.34 28.97
N ASP C 235 5.70 25.66 29.99
CA ASP C 235 5.81 24.22 29.94
C ASP C 235 4.46 23.61 30.29
N CYS C 236 4.25 22.39 29.84
CA CYS C 236 3.00 21.71 30.09
C CYS C 236 3.22 20.22 29.98
N GLN C 237 2.18 19.45 30.27
CA GLN C 237 2.26 17.99 30.17
C GLN C 237 0.87 17.48 29.86
N ASP C 238 0.78 16.31 29.22
CA ASP C 238 -0.52 15.78 28.87
C ASP C 238 -1.08 14.75 29.83
N GLU C 239 -2.30 14.31 29.55
CA GLU C 239 -3.01 13.31 30.34
C GLU C 239 -2.14 12.09 30.63
N LEU C 240 -1.28 11.74 29.68
CA LEU C 240 -0.41 10.58 29.82
C LEU C 240 0.88 10.90 30.57
N GLY C 241 1.17 12.18 30.76
CA GLY C 241 2.39 12.54 31.48
C GLY C 241 3.56 12.88 30.58
N ARG C 242 3.29 13.01 29.29
CA ARG C 242 4.36 13.35 28.35
C ARG C 242 4.64 14.84 28.48
N LYS C 243 5.89 15.23 28.31
CA LYS C 243 6.26 16.64 28.43
C LYS C 243 6.18 17.42 27.12
N GLY C 244 5.89 18.71 27.23
CA GLY C 244 5.79 19.58 26.08
C GLY C 244 5.89 21.03 26.50
N SER C 245 5.72 21.94 25.54
CA SER C 245 5.76 23.37 25.82
C SER C 245 4.90 24.09 24.80
N LYS C 246 4.38 25.23 25.18
CA LYS C 246 3.56 26.01 24.27
C LYS C 246 4.12 27.41 24.14
N LEU C 247 3.92 28.01 22.98
CA LEU C 247 4.37 29.37 22.74
C LEU C 247 3.12 30.22 22.60
N TYR C 248 3.13 31.39 23.22
CA TYR C 248 1.97 32.27 23.21
C TYR C 248 2.31 33.65 22.67
N TYR C 249 1.28 34.36 22.22
CA TYR C 249 1.43 35.74 21.80
C TYR C 249 0.40 36.46 22.66
N SER C 250 0.77 37.62 23.19
CA SER C 250 -0.15 38.38 24.03
C SER C 250 -1.04 39.28 23.21
N PHE C 251 -2.21 38.75 22.83
CA PHE C 251 -3.18 39.52 22.07
C PHE C 251 -3.83 40.48 23.07
N PRO C 252 -4.53 41.51 22.58
CA PRO C 252 -5.18 42.44 23.51
C PRO C 252 -6.15 41.76 24.47
N TRP C 253 -6.79 40.69 24.00
CA TRP C 253 -7.74 39.97 24.84
C TRP C 253 -7.09 38.88 25.69
N GLY C 254 -5.78 38.71 25.56
CA GLY C 254 -5.09 37.70 26.34
C GLY C 254 -4.11 36.85 25.54
N LYS C 255 -3.42 35.95 26.24
CA LYS C 255 -2.45 35.06 25.60
C LYS C 255 -3.14 33.95 24.83
N GLU C 256 -2.69 33.74 23.60
CA GLU C 256 -3.24 32.68 22.76
C GLU C 256 -2.09 31.79 22.33
N PRO C 257 -2.24 30.47 22.51
CA PRO C 257 -1.15 29.57 22.10
C PRO C 257 -1.01 29.62 20.57
N ILE C 258 0.20 29.85 20.07
CA ILE C 258 0.43 29.91 18.62
C ILE C 258 1.28 28.74 18.14
N GLU C 259 1.87 28.01 19.09
CA GLU C 259 2.70 26.87 18.75
C GLU C 259 2.84 25.91 19.92
N THR C 260 2.87 24.61 19.64
CA THR C 260 3.03 23.61 20.68
C THR C 260 4.14 22.64 20.31
N LEU C 261 4.86 22.18 21.32
CA LEU C 261 5.96 21.25 21.13
C LEU C 261 5.74 20.08 22.09
N TRP C 262 5.67 18.88 21.56
CA TRP C 262 5.44 17.71 22.39
C TRP C 262 6.44 16.60 22.21
N ASN C 263 6.85 16.02 23.33
CA ASN C 263 7.76 14.90 23.29
C ASN C 263 6.77 13.73 23.36
N LEU C 264 6.37 13.24 22.19
CA LEU C 264 5.38 12.18 22.10
C LEU C 264 5.86 10.77 22.46
N GLY C 265 7.15 10.51 22.36
CA GLY C 265 7.60 9.17 22.63
C GLY C 265 7.49 8.38 21.33
N ASP C 266 7.36 7.05 21.41
CA ASP C 266 7.29 6.24 20.20
C ASP C 266 5.93 5.58 19.91
N GLN C 267 4.97 5.82 20.78
CA GLN C 267 3.63 5.26 20.70
C GLN C 267 2.94 5.43 19.33
N GLU C 268 2.77 6.66 18.89
CA GLU C 268 2.11 6.95 17.60
C GLU C 268 2.87 6.35 16.43
N LEU C 269 4.20 6.40 16.51
CA LEU C 269 5.03 5.86 15.46
C LEU C 269 4.87 4.34 15.37
N LEU C 270 4.89 3.68 16.53
CA LEU C 270 4.75 2.24 16.56
C LEU C 270 3.41 1.85 15.93
N HIS C 271 2.35 2.55 16.35
CA HIS C 271 1.01 2.32 15.86
C HIS C 271 0.87 2.53 14.35
N THR C 272 1.77 3.32 13.78
CA THR C 272 1.72 3.59 12.35
C THR C 272 2.26 2.43 11.49
N TYR C 273 3.09 1.57 12.10
CA TYR C 273 3.69 0.44 11.39
C TYR C 273 3.46 -0.91 12.09
N PRO C 274 2.18 -1.33 12.23
CA PRO C 274 1.90 -2.60 12.90
C PRO C 274 2.52 -3.81 12.20
N GLY C 275 3.22 -4.64 12.96
CA GLY C 275 3.85 -5.82 12.40
C GLY C 275 5.15 -5.55 11.67
N ASN C 276 5.64 -4.31 11.70
CA ASN C 276 6.89 -3.97 11.01
C ASN C 276 7.86 -3.19 11.91
N VAL C 277 7.67 -3.30 13.22
CA VAL C 277 8.52 -2.58 14.16
C VAL C 277 10.01 -2.90 14.03
N SER C 278 10.33 -4.14 13.69
CA SER C 278 11.72 -4.54 13.52
C SER C 278 12.45 -3.80 12.40
N THR C 279 11.70 -3.29 11.42
CA THR C 279 12.31 -2.60 10.29
C THR C 279 12.11 -1.09 10.22
N ILE C 280 11.84 -0.46 11.36
CA ILE C 280 11.63 0.98 11.38
C ILE C 280 12.62 1.61 12.35
N GLN C 281 13.68 0.89 12.66
CA GLN C 281 14.66 1.41 13.61
C GLN C 281 15.71 2.32 12.98
N GLY C 282 16.12 3.33 13.73
CA GLY C 282 17.12 4.24 13.23
C GLY C 282 18.41 3.99 13.97
N ARG C 283 19.49 4.61 13.51
CA ARG C 283 20.78 4.42 14.15
C ARG C 283 21.17 5.57 15.07
N ASP C 284 21.40 5.25 16.34
CA ASP C 284 21.85 6.24 17.30
C ASP C 284 23.30 5.83 17.53
N GLY C 285 24.19 6.39 16.73
CA GLY C 285 25.59 6.01 16.85
C GLY C 285 25.69 4.62 16.24
N ARG C 286 25.99 3.62 17.07
CA ARG C 286 26.09 2.24 16.59
C ARG C 286 24.89 1.44 17.08
N LYS C 287 24.06 2.07 17.91
CA LYS C 287 22.87 1.43 18.44
C LYS C 287 21.68 1.60 17.51
N ASN C 288 20.79 0.60 17.48
CA ASN C 288 19.59 0.65 16.67
C ASN C 288 18.42 0.83 17.61
N VAL C 289 17.58 1.83 17.33
CA VAL C 289 16.44 2.11 18.18
C VAL C 289 15.22 2.67 17.45
N VAL C 290 14.04 2.44 18.04
CA VAL C 290 12.83 2.99 17.47
C VAL C 290 12.93 4.39 18.05
N PRO C 291 12.92 5.41 17.18
CA PRO C 291 13.03 6.78 17.68
C PRO C 291 11.87 7.34 18.48
N CYS C 292 12.19 8.37 19.26
CA CYS C 292 11.22 9.09 20.05
C CYS C 292 10.77 10.17 19.06
N VAL C 293 9.53 10.65 19.18
CA VAL C 293 9.02 11.65 18.26
C VAL C 293 8.70 12.96 18.93
N LEU C 294 9.26 14.06 18.41
CA LEU C 294 8.96 15.38 18.94
C LEU C 294 8.13 16.02 17.84
N SER C 295 6.99 16.58 18.20
CA SER C 295 6.10 17.21 17.24
C SER C 295 6.06 18.70 17.52
N VAL C 296 6.42 19.51 16.53
CA VAL C 296 6.44 20.96 16.66
C VAL C 296 5.43 21.55 15.68
N SER C 297 4.33 22.09 16.19
CA SER C 297 3.29 22.65 15.32
C SER C 297 2.94 24.11 15.58
N GLY C 298 3.11 24.93 14.56
CA GLY C 298 2.80 26.33 14.69
C GLY C 298 1.57 26.68 13.89
N ASP C 299 0.84 27.69 14.36
CA ASP C 299 -0.36 28.15 13.68
C ASP C 299 0.02 29.40 12.89
N VAL C 300 0.24 29.20 11.59
CA VAL C 300 0.63 30.27 10.70
C VAL C 300 -0.39 31.40 10.58
N ASP C 301 -1.68 31.05 10.61
CA ASP C 301 -2.74 32.05 10.50
C ASP C 301 -2.79 32.94 11.74
N LEU C 302 -2.82 32.30 12.90
CA LEU C 302 -2.84 33.01 14.16
C LEU C 302 -1.54 33.81 14.28
N GLY C 303 -0.45 33.23 13.78
CA GLY C 303 0.85 33.90 13.81
C GLY C 303 0.81 35.19 13.00
N THR C 304 0.11 35.14 11.87
CA THR C 304 -0.01 36.31 11.00
C THR C 304 -0.80 37.40 11.73
N LEU C 305 -1.88 37.01 12.41
CA LEU C 305 -2.69 37.96 13.15
C LEU C 305 -1.82 38.60 14.23
N ALA C 306 -1.00 37.78 14.90
CA ALA C 306 -0.12 38.28 15.96
C ALA C 306 0.79 39.42 15.47
N TYR C 307 1.45 39.21 14.33
CA TYR C 307 2.32 40.24 13.78
C TYR C 307 1.55 41.49 13.38
N LEU C 308 0.29 41.32 12.99
CA LEU C 308 -0.51 42.49 12.61
C LEU C 308 -0.73 43.34 13.86
N TYR C 309 -1.15 42.70 14.96
CA TYR C 309 -1.39 43.41 16.22
C TYR C 309 -0.08 44.03 16.74
N ASP C 310 0.98 43.24 16.73
CA ASP C 310 2.30 43.64 17.21
C ASP C 310 2.90 44.83 16.47
N SER C 311 2.49 45.00 15.21
CA SER C 311 3.01 46.08 14.37
C SER C 311 2.25 47.41 14.49
N PHE C 312 1.09 47.38 15.13
CA PHE C 312 0.27 48.58 15.28
C PHE C 312 0.84 49.62 16.25
N GLN C 313 0.92 50.87 15.80
CA GLN C 313 1.41 52.00 16.60
C GLN C 313 0.83 53.34 16.14
N LEU C 314 1.05 54.37 16.95
CA LEU C 314 0.57 55.71 16.67
C LEU C 314 1.75 56.61 16.29
N ARG C 327 -2.30 59.04 11.65
CA ARG C 327 -1.54 58.83 12.91
C ARG C 327 -1.38 57.34 13.22
N LYS C 328 -1.95 56.50 12.36
CA LYS C 328 -1.87 55.05 12.55
C LYS C 328 -0.87 54.46 11.55
N VAL C 329 -0.05 53.51 12.01
CA VAL C 329 0.94 52.88 11.16
C VAL C 329 1.18 51.42 11.55
N LEU C 330 1.42 50.58 10.55
CA LEU C 330 1.71 49.17 10.77
C LEU C 330 3.20 49.00 10.51
N LYS C 331 3.98 48.77 11.56
CA LYS C 331 5.42 48.60 11.40
C LYS C 331 5.84 47.14 11.28
N LEU C 332 5.34 46.47 10.24
CA LEU C 332 5.68 45.08 10.00
C LEU C 332 7.15 44.99 9.63
N HIS C 333 7.81 43.92 10.07
CA HIS C 333 9.21 43.72 9.76
C HIS C 333 9.42 43.74 8.24
N PRO C 334 10.51 44.36 7.77
CA PRO C 334 10.82 44.44 6.33
C PRO C 334 10.76 43.11 5.57
N CYS C 335 11.03 42.02 6.27
CA CYS C 335 10.99 40.70 5.64
C CYS C 335 9.54 40.23 5.46
N LEU C 336 8.66 40.74 6.30
CA LEU C 336 7.26 40.35 6.27
C LEU C 336 6.33 41.28 5.51
N ALA C 337 6.59 42.59 5.61
CA ALA C 337 5.74 43.58 4.94
C ALA C 337 5.49 43.19 3.48
N PRO C 338 4.21 43.11 3.07
CA PRO C 338 3.79 42.75 1.71
C PRO C 338 4.29 43.66 0.60
N ILE C 339 4.19 44.96 0.82
CA ILE C 339 4.64 45.95 -0.16
C ILE C 339 5.87 46.67 0.35
N LYS C 340 6.99 46.53 -0.34
CA LYS C 340 8.22 47.16 0.09
C LYS C 340 8.30 48.64 -0.32
N VAL C 341 7.82 48.96 -1.52
CA VAL C 341 7.87 50.34 -1.99
C VAL C 341 6.66 50.76 -2.80
N ALA C 342 6.38 52.07 -2.76
CA ALA C 342 5.27 52.68 -3.50
C ALA C 342 5.85 53.80 -4.38
N LEU C 343 5.42 53.85 -5.64
CA LEU C 343 5.91 54.88 -6.56
C LEU C 343 4.78 55.82 -6.95
N ASP C 344 5.01 57.12 -6.81
CA ASP C 344 4.01 58.13 -7.16
C ASP C 344 4.66 59.29 -7.91
N VAL C 345 3.86 60.00 -8.71
CA VAL C 345 4.37 61.14 -9.46
C VAL C 345 3.87 62.44 -8.85
N GLY C 346 4.67 63.49 -8.99
CA GLY C 346 4.27 64.79 -8.48
C GLY C 346 3.76 65.64 -9.62
N LYS C 347 3.80 66.95 -9.45
CA LYS C 347 3.34 67.86 -10.50
C LYS C 347 4.31 67.81 -11.67
N GLY C 348 3.77 67.86 -12.89
CA GLY C 348 4.62 67.82 -14.07
C GLY C 348 3.98 67.11 -15.24
N PRO C 349 4.72 66.87 -16.34
CA PRO C 349 4.18 66.19 -17.53
C PRO C 349 3.82 64.74 -17.23
N THR C 350 2.52 64.47 -17.15
CA THR C 350 2.01 63.14 -16.86
C THR C 350 2.73 62.03 -17.62
N VAL C 351 2.46 61.94 -18.92
CA VAL C 351 3.07 60.92 -19.77
C VAL C 351 4.58 60.71 -19.58
N GLU C 352 5.31 61.78 -19.32
CA GLU C 352 6.75 61.68 -19.14
C GLU C 352 7.13 61.17 -17.76
N LEU C 353 6.36 61.58 -16.75
CA LEU C 353 6.61 61.15 -15.38
C LEU C 353 6.25 59.69 -15.20
N ARG C 354 5.12 59.30 -15.78
CA ARG C 354 4.67 57.92 -15.68
C ARG C 354 5.65 56.98 -16.35
N GLN C 355 6.27 57.43 -17.43
CA GLN C 355 7.24 56.61 -18.15
C GLN C 355 8.44 56.33 -17.26
N VAL C 356 8.86 57.34 -16.50
CA VAL C 356 10.00 57.19 -15.62
C VAL C 356 9.62 56.27 -14.46
N CYS C 357 8.34 56.29 -14.10
CA CYS C 357 7.84 55.47 -13.02
C CYS C 357 7.75 54.02 -13.48
N GLN C 358 7.28 53.81 -14.71
CA GLN C 358 7.16 52.49 -15.29
C GLN C 358 8.50 51.77 -15.38
N GLY C 359 9.50 52.45 -15.93
CA GLY C 359 10.81 51.86 -16.06
C GLY C 359 11.40 51.47 -14.71
N LEU C 360 11.13 52.29 -13.70
CA LEU C 360 11.64 52.02 -12.36
C LEU C 360 10.94 50.81 -11.75
N LEU C 361 9.62 50.72 -11.96
CA LEU C 361 8.82 49.61 -11.44
C LEU C 361 9.34 48.30 -12.02
N ASN C 362 9.52 48.27 -13.34
CA ASN C 362 10.02 47.08 -14.03
C ASN C 362 11.33 46.64 -13.40
N GLU C 363 12.25 47.58 -13.24
CA GLU C 363 13.56 47.29 -12.65
C GLU C 363 13.41 46.65 -11.28
N LEU C 364 12.56 47.24 -10.44
CA LEU C 364 12.34 46.73 -9.10
C LEU C 364 11.68 45.35 -9.15
N LEU C 365 10.58 45.23 -9.89
CA LEU C 365 9.88 43.95 -10.00
C LEU C 365 10.85 42.88 -10.46
N GLU C 366 11.72 43.23 -11.41
CA GLU C 366 12.70 42.29 -11.92
C GLU C 366 13.64 41.84 -10.83
N ASN C 367 13.79 42.65 -9.80
CA ASN C 367 14.67 42.31 -8.69
C ASN C 367 13.86 41.66 -7.57
N GLY C 368 12.64 41.27 -7.88
CA GLY C 368 11.78 40.63 -6.90
C GLY C 368 11.29 41.52 -5.78
N ILE C 369 11.32 42.83 -5.99
CA ILE C 369 10.86 43.77 -4.97
C ILE C 369 9.41 44.15 -5.26
N SER C 370 8.53 43.98 -4.27
CA SER C 370 7.12 44.30 -4.45
C SER C 370 6.96 45.82 -4.52
N VAL C 371 6.16 46.28 -5.47
CA VAL C 371 5.96 47.71 -5.66
C VAL C 371 4.50 48.07 -5.87
N TRP C 372 4.08 49.15 -5.23
CA TRP C 372 2.71 49.62 -5.38
C TRP C 372 2.78 50.77 -6.39
N PRO C 373 2.20 50.58 -7.57
CA PRO C 373 2.23 51.61 -8.61
C PRO C 373 1.18 52.70 -8.40
N GLY C 374 1.39 53.57 -7.41
CA GLY C 374 0.44 54.63 -7.14
C GLY C 374 0.27 55.59 -8.30
N TYR C 375 1.31 55.70 -9.14
CA TYR C 375 1.26 56.58 -10.29
C TYR C 375 0.20 56.15 -11.29
N SER C 376 -0.17 54.88 -11.24
CA SER C 376 -1.18 54.34 -12.15
C SER C 376 -2.53 55.01 -11.90
N GLU C 377 -2.77 55.40 -10.65
CA GLU C 377 -4.01 56.06 -10.28
C GLU C 377 -4.09 57.44 -10.92
N THR C 378 -4.95 57.57 -11.93
CA THR C 378 -5.11 58.85 -12.61
C THR C 378 -6.03 59.75 -11.80
N VAL C 379 -6.02 59.54 -10.48
CA VAL C 379 -6.85 60.31 -9.57
C VAL C 379 -6.07 61.48 -8.96
N HIS C 380 -6.62 62.07 -7.90
CA HIS C 380 -6.00 63.20 -7.24
C HIS C 380 -6.09 63.10 -5.72
N SER C 381 -4.95 62.94 -5.07
CA SER C 381 -4.90 62.85 -3.61
C SER C 381 -3.65 63.57 -3.13
N SER C 382 -3.77 64.28 -2.01
CA SER C 382 -2.64 65.02 -1.45
C SER C 382 -1.51 64.10 -1.00
N LEU C 383 -0.33 64.67 -0.77
CA LEU C 383 0.82 63.90 -0.33
C LEU C 383 0.59 63.33 1.07
N GLU C 384 0.04 64.14 1.95
CA GLU C 384 -0.24 63.72 3.32
C GLU C 384 -1.22 62.56 3.34
N GLN C 385 -2.19 62.58 2.42
CA GLN C 385 -3.19 61.53 2.33
C GLN C 385 -2.53 60.25 1.86
N LEU C 386 -1.58 60.39 0.95
CA LEU C 386 -0.86 59.27 0.38
C LEU C 386 0.01 58.58 1.43
N HIS C 387 0.78 59.38 2.16
CA HIS C 387 1.69 58.83 3.16
C HIS C 387 0.98 58.16 4.34
N SER C 388 -0.20 58.63 4.70
CA SER C 388 -0.92 58.02 5.81
C SER C 388 -1.53 56.69 5.36
N LYS C 389 -1.86 56.60 4.07
CA LYS C 389 -2.43 55.38 3.52
C LYS C 389 -1.32 54.33 3.45
N TYR C 390 -0.18 54.73 2.90
CA TYR C 390 0.96 53.83 2.78
C TYR C 390 1.44 53.34 4.14
N ASP C 391 1.43 54.22 5.14
CA ASP C 391 1.85 53.85 6.49
C ASP C 391 0.88 52.81 7.04
N GLU C 392 -0.38 52.90 6.65
CA GLU C 392 -1.38 51.95 7.10
C GLU C 392 -1.20 50.63 6.34
N MET C 393 -0.69 50.73 5.12
CA MET C 393 -0.46 49.55 4.29
C MET C 393 0.91 48.94 4.60
N SER C 394 1.61 49.54 5.56
CA SER C 394 2.93 49.08 5.98
C SER C 394 4.01 49.25 4.92
N VAL C 395 3.70 49.96 3.85
CA VAL C 395 4.69 50.20 2.80
C VAL C 395 5.98 50.67 3.47
N LEU C 396 7.11 50.06 3.13
CA LEU C 396 8.38 50.44 3.73
C LEU C 396 8.86 51.83 3.34
N PHE C 397 8.89 52.09 2.04
CA PHE C 397 9.35 53.35 1.48
C PHE C 397 8.41 53.83 0.37
N SER C 398 8.23 55.15 0.27
CA SER C 398 7.40 55.73 -0.80
C SER C 398 8.28 56.67 -1.62
N VAL C 399 8.27 56.48 -2.92
CA VAL C 399 9.08 57.27 -3.85
C VAL C 399 8.21 58.22 -4.66
N LEU C 400 8.72 59.44 -4.87
CA LEU C 400 8.01 60.45 -5.62
C LEU C 400 8.84 60.97 -6.79
N VAL C 401 8.32 60.78 -8.00
CA VAL C 401 8.99 61.23 -9.21
C VAL C 401 8.35 62.54 -9.63
N THR C 402 9.16 63.55 -9.87
CA THR C 402 8.65 64.87 -10.24
C THR C 402 9.37 65.52 -11.42
N GLU C 403 8.96 66.74 -11.73
CA GLU C 403 9.57 67.50 -12.81
C GLU C 403 11.07 67.51 -12.52
N THR C 404 11.41 67.82 -11.28
CA THR C 404 12.80 67.87 -10.84
C THR C 404 13.55 66.63 -11.29
N THR C 405 12.96 65.47 -11.05
CA THR C 405 13.57 64.20 -11.42
C THR C 405 13.89 64.19 -12.90
N LEU C 406 12.98 64.74 -13.70
CA LEU C 406 13.17 64.80 -15.15
C LEU C 406 14.41 65.57 -15.57
N GLU C 407 14.81 66.55 -14.76
CA GLU C 407 15.99 67.36 -15.05
C GLU C 407 17.19 66.83 -14.29
N ASN C 408 17.03 66.78 -12.97
CA ASN C 408 18.06 66.33 -12.04
C ASN C 408 18.27 64.81 -12.03
N GLY C 409 17.17 64.08 -11.93
CA GLY C 409 17.24 62.63 -11.89
C GLY C 409 16.97 62.18 -10.46
N LEU C 410 16.89 63.16 -9.56
CA LEU C 410 16.63 62.89 -8.16
C LEU C 410 15.16 62.63 -7.90
N ILE C 411 14.88 61.77 -6.91
CA ILE C 411 13.53 61.43 -6.53
C ILE C 411 13.42 61.57 -5.03
N GLN C 412 12.23 61.86 -4.52
CA GLN C 412 12.04 61.98 -3.08
C GLN C 412 11.70 60.62 -2.50
N LEU C 413 12.48 60.20 -1.50
CA LEU C 413 12.29 58.92 -0.86
C LEU C 413 11.88 59.10 0.60
N ARG C 414 10.72 58.57 0.96
CA ARG C 414 10.23 58.69 2.33
C ARG C 414 10.22 57.35 3.06
N SER C 415 10.76 57.34 4.27
CA SER C 415 10.81 56.14 5.08
C SER C 415 9.56 56.03 5.95
N ARG C 416 9.00 54.84 6.04
CA ARG C 416 7.81 54.61 6.85
C ARG C 416 8.13 54.71 8.33
N ASP C 417 9.26 54.13 8.71
CA ASP C 417 9.72 54.10 10.09
C ASP C 417 10.03 55.46 10.70
N THR C 418 10.82 56.27 10.01
CA THR C 418 11.21 57.59 10.51
C THR C 418 10.31 58.72 10.04
N THR C 419 9.69 58.56 8.86
CA THR C 419 8.81 59.57 8.29
C THR C 419 9.61 60.72 7.70
N MET C 420 10.92 60.51 7.53
CA MET C 420 11.79 61.54 6.99
C MET C 420 12.05 61.38 5.49
N LYS C 421 11.86 62.47 4.76
CA LYS C 421 12.07 62.48 3.32
C LYS C 421 13.51 62.87 3.02
N GLU C 422 13.99 62.46 1.84
CA GLU C 422 15.35 62.77 1.43
C GLU C 422 15.54 62.50 -0.06
N MET C 423 16.37 63.31 -0.71
CA MET C 423 16.61 63.17 -2.14
C MET C 423 17.60 62.05 -2.41
N MET C 424 17.50 61.46 -3.59
CA MET C 424 18.38 60.36 -3.98
C MET C 424 18.26 60.17 -5.48
N HIS C 425 19.37 59.85 -6.15
CA HIS C 425 19.34 59.67 -7.60
C HIS C 425 18.63 58.39 -8.01
N ILE C 426 17.70 58.53 -8.94
CA ILE C 426 16.90 57.41 -9.45
C ILE C 426 17.73 56.19 -9.87
N SER C 427 19.02 56.39 -10.10
CA SER C 427 19.88 55.29 -10.51
C SER C 427 20.43 54.48 -9.34
N LYS C 428 20.22 54.99 -8.13
CA LYS C 428 20.71 54.32 -6.93
C LYS C 428 19.60 53.69 -6.11
N LEU C 429 18.35 53.92 -6.50
CA LEU C 429 17.21 53.39 -5.75
C LEU C 429 17.18 51.88 -5.62
N ARG C 430 17.33 51.16 -6.73
CA ARG C 430 17.30 49.71 -6.71
C ARG C 430 18.37 49.13 -5.79
N ASP C 431 19.58 49.68 -5.85
CA ASP C 431 20.67 49.18 -5.02
C ASP C 431 20.39 49.39 -3.54
N PHE C 432 19.74 50.50 -3.20
CA PHE C 432 19.43 50.81 -1.82
C PHE C 432 18.41 49.82 -1.23
N LEU C 433 17.29 49.64 -1.93
CA LEU C 433 16.26 48.73 -1.47
C LEU C 433 16.75 47.29 -1.37
N VAL C 434 17.48 46.85 -2.40
CA VAL C 434 18.01 45.50 -2.41
C VAL C 434 18.94 45.30 -1.22
N LYS C 435 19.76 46.31 -0.93
CA LYS C 435 20.70 46.21 0.18
C LYS C 435 19.99 46.31 1.53
N TYR C 436 18.99 47.18 1.61
CA TYR C 436 18.25 47.37 2.85
C TYR C 436 17.54 46.09 3.25
N LEU C 437 16.90 45.44 2.28
CA LEU C 437 16.19 44.20 2.54
C LEU C 437 17.17 43.07 2.87
N ALA C 438 18.28 43.02 2.14
CA ALA C 438 19.28 42.00 2.38
C ALA C 438 19.84 42.17 3.79
N SER C 439 19.96 43.43 4.21
CA SER C 439 20.49 43.73 5.54
C SER C 439 19.54 43.24 6.63
N ALA C 440 18.27 43.62 6.54
CA ALA C 440 17.26 43.22 7.53
C ALA C 440 17.18 41.70 7.60
N SER C 441 17.22 41.07 6.44
CA SER C 441 17.16 39.62 6.37
C SER C 441 18.36 39.02 7.09
N ASN C 442 19.56 39.54 6.83
CA ASN C 442 20.76 39.01 7.48
C ASN C 442 20.72 39.14 9.00
N VAL C 443 20.16 40.24 9.50
CA VAL C 443 20.05 40.45 10.94
C VAL C 443 19.18 39.35 11.57
N ALA C 444 18.05 39.07 10.94
CA ALA C 444 17.13 38.06 11.44
C ALA C 444 17.69 36.64 11.30
N ALA C 445 18.67 36.45 10.42
CA ALA C 445 19.24 35.12 10.24
C ALA C 445 20.46 34.87 11.12
N ALA C 446 20.83 35.88 11.91
CA ALA C 446 22.00 35.80 12.77
C ALA C 446 22.06 34.56 13.65
N LEU C 447 20.96 34.25 14.32
CA LEU C 447 20.95 33.12 15.23
C LEU C 447 20.35 31.82 14.67
N ASP C 448 20.13 31.75 13.36
CA ASP C 448 19.53 30.54 12.82
C ASP C 448 20.33 29.28 13.13
N HIS C 449 21.65 29.41 13.30
CA HIS C 449 22.46 28.24 13.61
C HIS C 449 22.92 28.24 15.06
N HIS C 450 22.30 29.08 15.89
CA HIS C 450 22.66 29.14 17.30
C HIS C 450 22.50 27.73 17.90
N HIS C 451 23.47 27.30 18.70
CA HIS C 451 23.44 25.96 19.27
C HIS C 451 23.11 25.85 20.77
N HIS C 452 23.05 24.61 21.24
CA HIS C 452 22.76 24.29 22.63
C HIS C 452 21.38 24.76 23.07
N HIS C 453 20.64 25.35 22.15
CA HIS C 453 19.30 25.85 22.43
C HIS C 453 18.76 26.61 21.21
N ARG D 24 9.47 -2.66 -14.06
CA ARG D 24 9.15 -1.24 -13.76
C ARG D 24 9.88 -0.29 -14.71
N GLU D 25 9.16 0.67 -15.28
CA GLU D 25 9.75 1.64 -16.20
C GLU D 25 10.91 2.39 -15.52
N ALA D 26 12.06 2.45 -16.20
CA ALA D 26 13.26 3.09 -15.68
C ALA D 26 13.14 4.44 -14.97
N LEU D 27 12.46 5.39 -15.60
CA LEU D 27 12.31 6.72 -15.00
C LEU D 27 11.59 6.68 -13.66
N VAL D 28 10.42 6.04 -13.62
CA VAL D 28 9.64 5.95 -12.39
C VAL D 28 10.37 5.15 -11.31
N ASP D 29 11.09 4.12 -11.70
CA ASP D 29 11.83 3.31 -10.75
C ASP D 29 12.91 4.18 -10.10
N LEU D 30 13.62 4.93 -10.93
CA LEU D 30 14.69 5.81 -10.47
C LEU D 30 14.11 6.83 -9.51
N CYS D 31 12.98 7.43 -9.90
CA CYS D 31 12.34 8.44 -9.08
C CYS D 31 11.90 7.89 -7.72
N ARG D 32 11.47 6.64 -7.67
CA ARG D 32 11.07 6.06 -6.41
C ARG D 32 12.30 5.78 -5.56
N ARG D 33 13.33 5.21 -6.18
CA ARG D 33 14.56 4.88 -5.50
C ARG D 33 15.28 6.10 -4.93
N ARG D 34 15.21 7.22 -5.64
CA ARG D 34 15.88 8.45 -5.20
C ARG D 34 14.95 9.39 -4.44
N HIS D 35 13.75 8.90 -4.14
CA HIS D 35 12.77 9.65 -3.38
C HIS D 35 12.18 10.93 -3.97
N PHE D 36 12.03 10.97 -5.29
CA PHE D 36 11.38 12.09 -5.94
C PHE D 36 9.92 11.69 -5.78
N LEU D 37 9.69 10.39 -5.89
CA LEU D 37 8.37 9.82 -5.77
C LEU D 37 8.22 8.99 -4.48
N SER D 38 6.98 8.80 -4.07
CA SER D 38 6.66 8.01 -2.88
C SER D 38 5.74 6.85 -3.28
N GLY D 39 5.19 6.16 -2.29
CA GLY D 39 4.27 5.07 -2.55
C GLY D 39 4.80 3.67 -2.76
N THR D 40 3.86 2.72 -2.72
CA THR D 40 4.16 1.31 -2.92
C THR D 40 4.32 1.06 -4.42
N PRO D 41 4.91 -0.10 -4.79
CA PRO D 41 5.10 -0.41 -6.21
C PRO D 41 3.83 -0.31 -7.05
N GLN D 42 2.70 -0.68 -6.46
CA GLN D 42 1.41 -0.64 -7.15
C GLN D 42 0.92 0.79 -7.39
N GLN D 43 1.40 1.73 -6.58
CA GLN D 43 0.99 3.12 -6.72
C GLN D 43 1.90 3.86 -7.68
N LEU D 44 2.75 3.12 -8.38
CA LEU D 44 3.68 3.72 -9.32
C LEU D 44 3.25 3.51 -10.78
N SER D 45 2.05 2.96 -10.98
CA SER D 45 1.54 2.75 -12.32
C SER D 45 1.11 4.11 -12.84
N THR D 46 0.92 4.21 -14.14
CA THR D 46 0.53 5.48 -14.73
C THR D 46 -0.82 5.96 -14.18
N ALA D 47 -1.78 5.05 -14.06
CA ALA D 47 -3.10 5.40 -13.55
C ALA D 47 -3.03 5.97 -12.12
N ALA D 48 -2.24 5.33 -11.27
CA ALA D 48 -2.08 5.76 -9.90
C ALA D 48 -1.43 7.16 -9.83
N LEU D 49 -0.34 7.34 -10.57
CA LEU D 49 0.35 8.62 -10.58
C LEU D 49 -0.53 9.76 -11.11
N LEU D 50 -1.51 9.43 -11.96
CA LEU D 50 -2.40 10.44 -12.54
C LEU D 50 -3.65 10.75 -11.71
N SER D 51 -4.13 9.75 -10.96
CA SER D 51 -5.35 9.91 -10.16
C SER D 51 -5.21 10.86 -8.97
N GLY D 52 -4.03 10.87 -8.35
CA GLY D 52 -3.80 11.73 -7.21
C GLY D 52 -4.44 11.18 -5.94
N CYS D 53 -4.68 9.87 -5.91
CA CYS D 53 -5.30 9.25 -4.75
C CYS D 53 -4.33 8.87 -3.64
N HIS D 54 -3.07 9.23 -3.82
CA HIS D 54 -2.07 8.98 -2.81
C HIS D 54 -1.09 10.13 -2.94
N ALA D 55 -0.40 10.46 -1.84
CA ALA D 55 0.61 11.51 -1.88
C ALA D 55 1.72 10.96 -2.78
N ARG D 56 1.86 11.53 -3.96
CA ARG D 56 2.82 11.08 -4.97
C ARG D 56 4.28 11.31 -4.74
N PHE D 57 4.61 12.45 -4.14
CA PHE D 57 5.99 12.81 -3.99
C PHE D 57 6.71 12.50 -2.68
N GLY D 58 8.00 12.24 -2.83
CA GLY D 58 8.87 11.98 -1.70
C GLY D 58 9.56 13.31 -1.42
N PRO D 59 10.48 13.37 -0.46
CA PRO D 59 11.19 14.62 -0.13
C PRO D 59 11.79 15.38 -1.32
N LEU D 60 12.49 14.68 -2.22
CA LEU D 60 13.09 15.37 -3.37
C LEU D 60 12.02 15.88 -4.34
N GLY D 61 10.96 15.10 -4.51
CA GLY D 61 9.88 15.51 -5.39
C GLY D 61 9.12 16.67 -4.77
N VAL D 62 8.97 16.67 -3.46
CA VAL D 62 8.25 17.74 -2.79
C VAL D 62 9.03 19.03 -2.95
N GLU D 63 10.35 18.95 -2.84
CA GLU D 63 11.19 20.14 -3.00
C GLU D 63 11.14 20.63 -4.46
N LEU D 64 11.11 19.69 -5.39
CA LEU D 64 11.06 20.05 -6.82
C LEU D 64 9.75 20.80 -7.08
N ARG D 65 8.65 20.27 -6.56
CA ARG D 65 7.35 20.90 -6.77
C ARG D 65 7.33 22.30 -6.18
N LYS D 66 7.92 22.44 -5.00
CA LYS D 66 7.97 23.72 -4.33
C LYS D 66 8.78 24.71 -5.17
N ASN D 67 9.83 24.22 -5.82
CA ASN D 67 10.64 25.09 -6.67
C ASN D 67 9.82 25.52 -7.87
N LEU D 68 9.05 24.59 -8.43
CA LEU D 68 8.22 24.88 -9.58
C LEU D 68 7.19 25.94 -9.20
N ALA D 69 6.52 25.72 -8.07
CA ALA D 69 5.49 26.64 -7.58
C ALA D 69 6.05 28.05 -7.33
N SER D 70 7.28 28.14 -6.86
CA SER D 70 7.91 29.44 -6.61
C SER D 70 8.12 30.20 -7.90
N GLN D 71 8.56 29.48 -8.93
CA GLN D 71 8.79 30.09 -10.23
C GLN D 71 7.46 30.54 -10.83
N TRP D 72 6.37 29.84 -10.50
CA TRP D 72 5.06 30.21 -11.01
C TRP D 72 4.64 31.52 -10.33
N TRP D 73 4.83 31.59 -9.03
CA TRP D 73 4.47 32.80 -8.29
C TRP D 73 5.28 34.01 -8.78
N SER D 74 6.54 33.77 -9.12
CA SER D 74 7.40 34.84 -9.60
C SER D 74 6.93 35.41 -10.93
N SER D 75 6.65 34.51 -11.87
CA SER D 75 6.22 34.93 -13.19
C SER D 75 4.81 35.51 -13.21
N MET D 76 3.91 34.87 -12.46
CA MET D 76 2.51 35.23 -12.42
C MET D 76 2.04 36.26 -11.40
N VAL D 77 2.81 36.47 -10.34
CA VAL D 77 2.41 37.41 -9.30
C VAL D 77 3.44 38.49 -9.01
N VAL D 78 4.63 38.07 -8.58
CA VAL D 78 5.70 39.00 -8.23
C VAL D 78 6.04 39.99 -9.34
N PHE D 79 6.22 39.50 -10.56
CA PHE D 79 6.58 40.34 -11.69
C PHE D 79 5.42 41.04 -12.39
N ARG D 80 4.23 40.97 -11.79
CA ARG D 80 3.06 41.63 -12.37
C ARG D 80 2.39 42.44 -11.26
N GLU D 81 2.32 43.75 -11.46
CA GLU D 81 1.73 44.68 -10.48
C GLU D 81 0.20 44.64 -10.41
N GLN D 82 -0.45 44.06 -11.43
CA GLN D 82 -1.89 43.98 -11.42
C GLN D 82 -2.41 42.64 -10.89
N VAL D 83 -1.52 41.81 -10.37
CA VAL D 83 -1.90 40.49 -9.84
C VAL D 83 -1.73 40.40 -8.32
N PHE D 84 -2.78 40.00 -7.62
CA PHE D 84 -2.72 39.90 -6.17
C PHE D 84 -3.02 38.49 -5.67
N ALA D 85 -2.47 38.17 -4.51
CA ALA D 85 -2.68 36.86 -3.92
C ALA D 85 -4.05 36.76 -3.28
N VAL D 86 -4.63 35.58 -3.34
CA VAL D 86 -5.93 35.33 -2.74
C VAL D 86 -5.88 33.96 -2.07
N ASP D 87 -6.59 33.82 -0.96
CA ASP D 87 -6.63 32.57 -0.22
C ASP D 87 -8.10 32.31 0.06
N SER D 88 -8.55 31.08 -0.19
CA SER D 88 -9.93 30.74 0.06
C SER D 88 -10.01 29.38 0.74
N LEU D 89 -11.18 29.05 1.27
CA LEU D 89 -11.39 27.78 1.96
C LEU D 89 -11.40 26.58 1.00
N HIS D 90 -11.05 25.42 1.54
CA HIS D 90 -11.03 24.20 0.76
C HIS D 90 -12.46 23.73 0.54
N GLN D 91 -13.40 24.37 1.24
CA GLN D 91 -14.80 23.99 1.11
C GLN D 91 -15.66 25.14 0.59
N GLU D 92 -16.61 24.82 -0.27
CA GLU D 92 -17.54 25.77 -0.86
C GLU D 92 -18.95 25.44 -0.34
N PRO D 93 -19.91 26.37 -0.51
CA PRO D 93 -21.27 26.11 -0.04
C PRO D 93 -22.02 25.14 -0.96
N GLY D 94 -22.92 24.34 -0.39
CA GLY D 94 -23.69 23.39 -1.17
C GLY D 94 -24.86 23.99 -1.90
N ARG D 99 -21.40 20.55 -6.33
CA ARG D 99 -21.83 20.67 -7.75
C ARG D 99 -22.14 19.28 -8.31
N ASP D 100 -21.18 18.73 -9.04
CA ASP D 100 -21.34 17.41 -9.61
C ASP D 100 -21.27 16.39 -8.48
N SER D 101 -20.20 15.58 -8.51
CA SER D 101 -20.00 14.56 -7.49
C SER D 101 -19.19 15.08 -6.30
N ALA D 102 -18.95 16.38 -6.25
CA ALA D 102 -18.17 16.96 -5.15
C ALA D 102 -18.63 16.40 -3.79
N PHE D 103 -17.70 15.74 -3.10
CA PHE D 103 -18.01 15.16 -1.81
C PHE D 103 -18.43 16.24 -0.81
N ARG D 104 -19.36 15.88 0.08
CA ARG D 104 -19.86 16.82 1.08
C ARG D 104 -19.21 16.61 2.44
N LEU D 105 -19.03 17.70 3.17
CA LEU D 105 -18.43 17.60 4.50
C LEU D 105 -19.58 17.41 5.48
N VAL D 106 -19.54 16.31 6.21
CA VAL D 106 -20.59 15.98 7.17
C VAL D 106 -20.07 15.78 8.60
N SER D 107 -20.75 16.40 9.55
CA SER D 107 -20.39 16.29 10.95
C SER D 107 -20.81 14.93 11.48
N PRO D 108 -19.86 14.16 12.03
CA PRO D 108 -20.17 12.84 12.57
C PRO D 108 -21.21 12.96 13.67
N GLU D 109 -21.18 14.07 14.38
CA GLU D 109 -22.11 14.33 15.47
C GLU D 109 -23.55 14.33 14.98
N SER D 110 -23.81 14.97 13.85
CA SER D 110 -25.15 15.02 13.30
C SER D 110 -25.67 13.63 12.93
N ILE D 111 -24.76 12.75 12.52
CA ILE D 111 -25.13 11.39 12.14
C ILE D 111 -25.37 10.57 13.41
N ARG D 112 -24.54 10.81 14.42
CA ARG D 112 -24.64 10.12 15.69
C ARG D 112 -25.98 10.41 16.37
N GLU D 113 -26.30 11.70 16.47
CA GLU D 113 -27.54 12.12 17.10
C GLU D 113 -28.79 11.44 16.52
N ILE D 114 -28.88 11.41 15.19
CA ILE D 114 -30.04 10.78 14.56
C ILE D 114 -30.02 9.27 14.73
N LEU D 115 -28.82 8.70 14.82
CA LEU D 115 -28.67 7.25 15.00
C LEU D 115 -28.96 6.88 16.45
N GLN D 116 -28.85 7.87 17.34
CA GLN D 116 -29.11 7.67 18.75
C GLN D 116 -30.61 7.72 19.00
N ASP D 117 -31.33 8.30 18.05
CA ASP D 117 -32.78 8.43 18.13
C ASP D 117 -33.46 7.06 18.09
N ARG D 118 -34.50 6.90 18.89
CA ARG D 118 -35.24 5.65 18.94
C ARG D 118 -36.51 5.79 18.10
N GLU D 119 -36.92 4.69 17.46
CA GLU D 119 -38.10 4.68 16.60
C GLU D 119 -38.01 5.70 15.47
N PRO D 120 -36.85 5.79 14.79
CA PRO D 120 -36.72 6.77 13.70
C PRO D 120 -37.58 6.43 12.49
N SER D 121 -38.59 7.26 12.24
CA SER D 121 -39.48 7.03 11.10
C SER D 121 -38.72 7.19 9.80
N LYS D 122 -39.16 6.48 8.77
CA LYS D 122 -38.51 6.55 7.46
C LYS D 122 -38.50 7.99 6.98
N GLU D 123 -39.49 8.78 7.41
CA GLU D 123 -39.58 10.18 7.02
C GLU D 123 -38.58 11.02 7.80
N GLN D 124 -38.22 10.54 8.99
CA GLN D 124 -37.25 11.22 9.84
C GLN D 124 -35.87 11.06 9.25
N LEU D 125 -35.58 9.86 8.76
CA LEU D 125 -34.29 9.54 8.16
C LEU D 125 -34.12 10.14 6.78
N VAL D 126 -35.16 10.08 5.96
CA VAL D 126 -35.11 10.63 4.62
C VAL D 126 -34.95 12.15 4.67
N ALA D 127 -35.57 12.78 5.66
CA ALA D 127 -35.48 14.22 5.81
C ALA D 127 -34.09 14.59 6.30
N PHE D 128 -33.36 13.60 6.80
CA PHE D 128 -32.01 13.84 7.28
C PHE D 128 -31.06 13.82 6.09
N LEU D 129 -31.19 12.80 5.25
CA LEU D 129 -30.35 12.66 4.07
C LEU D 129 -30.65 13.79 3.08
N GLU D 130 -31.89 14.25 3.06
CA GLU D 130 -32.27 15.34 2.16
C GLU D 130 -31.53 16.60 2.58
N ASN D 131 -31.62 16.91 3.87
CA ASN D 131 -30.96 18.08 4.42
C ASN D 131 -29.47 18.06 4.12
N LEU D 132 -28.85 16.90 4.31
CA LEU D 132 -27.42 16.73 4.05
C LEU D 132 -27.06 17.25 2.66
N LEU D 133 -27.80 16.79 1.66
CA LEU D 133 -27.57 17.17 0.28
C LEU D 133 -27.90 18.63 0.01
N LYS D 134 -28.70 19.24 0.88
CA LYS D 134 -29.11 20.63 0.71
C LYS D 134 -28.33 21.68 1.50
N THR D 135 -27.71 21.28 2.60
CA THR D 135 -26.99 22.24 3.43
C THR D 135 -25.48 22.01 3.60
N SER D 136 -25.02 20.80 3.33
CA SER D 136 -23.61 20.46 3.49
C SER D 136 -22.64 21.13 2.53
N GLY D 137 -21.57 21.69 3.08
CA GLY D 137 -20.56 22.32 2.26
C GLY D 137 -19.88 21.22 1.46
N LYS D 138 -19.19 21.57 0.39
CA LYS D 138 -18.53 20.57 -0.44
C LYS D 138 -17.07 20.93 -0.71
N LEU D 139 -16.27 19.92 -1.04
CA LEU D 139 -14.86 20.12 -1.35
C LEU D 139 -14.71 20.76 -2.72
N ARG D 140 -13.91 21.81 -2.80
CA ARG D 140 -13.69 22.52 -4.07
C ARG D 140 -13.02 21.67 -5.14
N ALA D 141 -13.45 21.84 -6.38
CA ALA D 141 -12.86 21.12 -7.50
C ALA D 141 -11.87 22.02 -8.23
N THR D 142 -12.02 23.32 -8.06
CA THR D 142 -11.14 24.31 -8.68
C THR D 142 -10.98 25.49 -7.73
N LEU D 143 -10.10 26.42 -8.08
CA LEU D 143 -9.86 27.59 -7.25
C LEU D 143 -10.66 28.81 -7.74
N LEU D 144 -11.42 28.62 -8.82
CA LEU D 144 -12.19 29.70 -9.41
C LEU D 144 -13.13 30.41 -8.46
N HIS D 145 -13.98 29.66 -7.81
CA HIS D 145 -14.93 30.23 -6.88
C HIS D 145 -14.28 31.06 -5.78
N GLY D 146 -13.14 30.59 -5.27
CA GLY D 146 -12.45 31.34 -4.22
C GLY D 146 -12.04 32.72 -4.71
N ALA D 147 -11.59 32.79 -5.95
CA ALA D 147 -11.18 34.05 -6.52
C ALA D 147 -12.37 35.00 -6.66
N LEU D 148 -13.47 34.50 -7.22
CA LEU D 148 -14.67 35.32 -7.41
C LEU D 148 -15.21 35.88 -6.10
N GLU D 149 -15.19 35.07 -5.06
CA GLU D 149 -15.68 35.48 -3.75
C GLU D 149 -14.83 36.61 -3.17
N HIS D 150 -13.58 36.72 -3.61
CA HIS D 150 -12.73 37.77 -3.09
C HIS D 150 -12.56 38.91 -4.08
N TYR D 151 -13.30 38.85 -5.18
CA TYR D 151 -13.25 39.88 -6.24
C TYR D 151 -13.60 41.29 -5.80
N VAL D 152 -14.67 41.44 -5.02
CA VAL D 152 -15.09 42.78 -4.58
C VAL D 152 -14.06 43.45 -3.68
N ASN D 153 -13.47 42.68 -2.78
CA ASN D 153 -12.45 43.22 -1.89
C ASN D 153 -11.29 43.78 -2.70
N CYS D 154 -10.77 42.99 -3.63
CA CYS D 154 -9.66 43.42 -4.46
C CYS D 154 -10.04 44.58 -5.38
N LEU D 155 -11.29 44.62 -5.82
CA LEU D 155 -11.74 45.69 -6.68
C LEU D 155 -11.56 46.99 -5.91
N ASP D 156 -11.89 46.96 -4.62
CA ASP D 156 -11.75 48.12 -3.76
C ASP D 156 -10.28 48.49 -3.63
N LEU D 157 -9.41 47.49 -3.49
CA LEU D 157 -7.98 47.71 -3.34
C LEU D 157 -7.35 48.46 -4.52
N VAL D 158 -7.82 48.15 -5.74
CA VAL D 158 -7.29 48.80 -6.93
C VAL D 158 -8.20 49.95 -7.38
N ASN D 159 -9.08 50.37 -6.48
CA ASN D 159 -10.00 51.46 -6.77
C ASN D 159 -10.85 51.22 -8.01
N ARG D 160 -11.32 49.99 -8.16
CA ARG D 160 -12.17 49.63 -9.29
C ARG D 160 -11.49 49.65 -10.66
N LYS D 161 -10.18 49.78 -10.69
CA LYS D 161 -9.44 49.82 -11.95
C LYS D 161 -9.22 48.45 -12.60
N LEU D 162 -9.76 48.26 -13.80
CA LEU D 162 -9.57 47.01 -14.52
C LEU D 162 -8.43 47.24 -15.48
N PRO D 163 -7.68 46.19 -15.87
CA PRO D 163 -7.82 44.79 -15.48
C PRO D 163 -6.91 44.47 -14.29
N PHE D 164 -7.22 43.40 -13.59
CA PHE D 164 -6.42 42.94 -12.46
C PHE D 164 -6.70 41.47 -12.24
N GLY D 165 -5.81 40.79 -11.53
CA GLY D 165 -5.99 39.37 -11.30
C GLY D 165 -5.78 38.91 -9.88
N LEU D 166 -6.35 37.74 -9.58
CA LEU D 166 -6.24 37.10 -8.28
C LEU D 166 -5.57 35.76 -8.52
N ALA D 167 -4.52 35.48 -7.78
CA ALA D 167 -3.77 34.24 -7.94
C ALA D 167 -3.68 33.43 -6.65
N GLN D 168 -3.78 32.11 -6.80
CA GLN D 168 -3.68 31.19 -5.67
C GLN D 168 -3.16 29.82 -6.10
N ILE D 169 -2.36 29.21 -5.24
CA ILE D 169 -1.85 27.86 -5.49
C ILE D 169 -2.38 27.02 -4.32
N GLY D 170 -3.22 26.04 -4.62
CA GLY D 170 -3.74 25.21 -3.55
C GLY D 170 -4.32 23.90 -4.06
N VAL D 171 -4.59 22.99 -3.12
CA VAL D 171 -5.12 21.69 -3.46
C VAL D 171 -6.63 21.69 -3.72
N CYS D 172 -7.02 20.95 -4.75
CA CYS D 172 -8.42 20.80 -5.13
C CYS D 172 -8.72 19.31 -5.15
N PHE D 173 -10.00 18.97 -5.03
CA PHE D 173 -10.39 17.56 -4.98
C PHE D 173 -11.25 17.15 -6.17
N HIS D 174 -10.95 15.99 -6.74
CA HIS D 174 -11.71 15.50 -7.88
C HIS D 174 -12.12 14.04 -7.71
N PRO D 175 -13.43 13.76 -7.75
CA PRO D 175 -13.89 12.37 -7.61
C PRO D 175 -13.32 11.47 -8.71
N VAL D 176 -12.90 10.26 -8.33
CA VAL D 176 -12.32 9.30 -9.27
C VAL D 176 -13.19 8.03 -9.34
N SER D 177 -13.22 7.40 -10.51
CA SER D 177 -14.01 6.18 -10.70
C SER D 177 -13.24 4.94 -10.24
N ARG D 188 -12.89 6.97 -4.01
CA ARG D 188 -11.71 7.79 -3.63
C ARG D 188 -11.66 9.10 -4.41
N VAL D 189 -11.39 10.20 -3.72
CA VAL D 189 -11.31 11.50 -4.37
C VAL D 189 -9.84 11.90 -4.46
N GLY D 190 -9.39 12.17 -5.68
CA GLY D 190 -7.99 12.53 -5.89
C GLY D 190 -7.71 13.95 -5.43
N GLU D 191 -6.46 14.20 -5.07
CA GLU D 191 -6.07 15.53 -4.64
C GLU D 191 -5.01 16.04 -5.61
N LYS D 192 -5.13 17.29 -6.02
CA LYS D 192 -4.18 17.88 -6.96
C LYS D 192 -3.89 19.34 -6.65
N THR D 193 -2.64 19.73 -6.81
CA THR D 193 -2.24 21.10 -6.54
C THR D 193 -2.45 21.92 -7.80
N GLU D 194 -3.35 22.89 -7.72
CA GLU D 194 -3.64 23.74 -8.86
C GLU D 194 -3.02 25.11 -8.65
N ALA D 195 -2.48 25.68 -9.73
CA ALA D 195 -1.90 27.03 -9.71
C ALA D 195 -2.88 27.85 -10.55
N SER D 196 -3.67 28.69 -9.90
CA SER D 196 -4.68 29.47 -10.61
C SER D 196 -4.59 30.99 -10.64
N LEU D 197 -4.80 31.54 -11.83
CA LEU D 197 -4.83 32.98 -12.02
C LEU D 197 -6.20 33.30 -12.62
N VAL D 198 -6.95 34.14 -11.94
CA VAL D 198 -8.27 34.56 -12.41
C VAL D 198 -8.07 36.02 -12.80
N TRP D 199 -8.26 36.30 -14.10
CA TRP D 199 -8.07 37.63 -14.65
C TRP D 199 -9.40 38.34 -14.94
N PHE D 200 -9.55 39.56 -14.43
CA PHE D 200 -10.76 40.36 -14.65
C PHE D 200 -10.47 41.50 -15.60
N THR D 201 -11.15 41.50 -16.74
CA THR D 201 -10.91 42.51 -17.75
C THR D 201 -12.16 42.82 -18.58
N PRO D 202 -12.27 44.06 -19.10
CA PRO D 202 -13.45 44.38 -19.91
C PRO D 202 -13.52 43.41 -21.07
N THR D 203 -14.73 42.98 -21.41
CA THR D 203 -14.92 42.04 -22.48
C THR D 203 -14.21 42.39 -23.78
N ARG D 204 -14.13 43.68 -24.09
CA ARG D 204 -13.50 44.11 -25.32
C ARG D 204 -12.00 43.78 -25.44
N THR D 205 -11.35 43.46 -24.32
CA THR D 205 -9.93 43.11 -24.34
C THR D 205 -9.74 41.64 -23.89
N SER D 206 -10.85 40.97 -23.58
CA SER D 206 -10.79 39.59 -23.12
C SER D 206 -10.06 38.65 -24.07
N SER D 207 -10.26 38.81 -25.38
CA SER D 207 -9.61 37.93 -26.35
C SER D 207 -8.10 38.14 -26.44
N GLN D 208 -7.69 39.39 -26.40
CA GLN D 208 -6.27 39.73 -26.49
C GLN D 208 -5.53 39.25 -25.25
N TRP D 209 -6.17 39.38 -24.09
CA TRP D 209 -5.56 38.95 -22.84
C TRP D 209 -5.46 37.43 -22.81
N LEU D 210 -6.50 36.75 -23.29
CA LEU D 210 -6.48 35.29 -23.30
C LEU D 210 -5.28 34.83 -24.10
N ASP D 211 -5.10 35.48 -25.25
CA ASP D 211 -4.00 35.17 -26.15
C ASP D 211 -2.63 35.47 -25.52
N PHE D 212 -2.56 36.57 -24.79
CA PHE D 212 -1.31 36.94 -24.14
C PHE D 212 -0.94 35.87 -23.09
N TRP D 213 -1.93 35.48 -22.28
CA TRP D 213 -1.73 34.48 -21.24
C TRP D 213 -1.40 33.11 -21.82
N LEU D 214 -2.01 32.76 -22.95
CA LEU D 214 -1.73 31.47 -23.57
C LEU D 214 -0.23 31.38 -23.90
N ARG D 215 0.27 32.40 -24.58
CA ARG D 215 1.70 32.44 -24.95
C ARG D 215 2.59 32.53 -23.73
N HIS D 216 2.21 33.38 -22.79
CA HIS D 216 2.97 33.55 -21.56
C HIS D 216 3.10 32.22 -20.78
N ARG D 217 2.01 31.48 -20.64
CA ARG D 217 2.10 30.24 -19.89
C ARG D 217 2.85 29.15 -20.65
N LEU D 218 2.62 29.05 -21.96
CA LEU D 218 3.31 28.04 -22.73
C LEU D 218 4.81 28.30 -22.72
N LEU D 219 5.21 29.58 -22.78
CA LEU D 219 6.62 29.92 -22.76
C LEU D 219 7.23 29.61 -21.38
N TRP D 220 6.44 29.80 -20.33
CA TRP D 220 6.91 29.51 -18.97
C TRP D 220 7.27 28.03 -18.84
N TRP D 221 6.38 27.15 -19.28
CA TRP D 221 6.64 25.71 -19.21
C TRP D 221 7.89 25.35 -20.01
N ARG D 222 8.00 25.91 -21.20
CA ARG D 222 9.14 25.60 -22.07
C ARG D 222 10.50 26.08 -21.57
N LYS D 223 10.53 27.19 -20.83
CA LYS D 223 11.82 27.69 -20.39
C LYS D 223 12.62 26.79 -19.45
N PHE D 224 11.95 25.84 -18.78
CA PHE D 224 12.64 24.93 -17.87
C PHE D 224 12.85 23.56 -18.51
N ALA D 225 12.37 23.38 -19.75
CA ALA D 225 12.46 22.09 -20.43
C ALA D 225 13.73 21.77 -21.22
N MET D 226 14.07 20.48 -21.22
CA MET D 226 15.21 19.98 -21.98
C MET D 226 14.70 19.85 -23.40
N SER D 227 13.45 19.41 -23.52
CA SER D 227 12.77 19.23 -24.82
C SER D 227 11.50 20.06 -24.82
N PRO D 228 11.63 21.39 -25.00
CA PRO D 228 10.46 22.28 -25.00
C PRO D 228 9.35 21.92 -26.00
N SER D 229 9.69 21.27 -27.11
CA SER D 229 8.66 20.92 -28.08
C SER D 229 7.68 19.90 -27.51
N ASN D 230 8.03 19.26 -26.40
CA ASN D 230 7.14 18.27 -25.80
C ASN D 230 6.01 18.94 -25.02
N PHE D 231 6.07 20.28 -24.96
CA PHE D 231 5.05 21.09 -24.31
C PHE D 231 4.29 21.74 -25.46
N SER D 232 3.03 21.36 -25.63
CA SER D 232 2.23 21.88 -26.73
C SER D 232 0.88 22.47 -26.31
N SER D 233 0.17 23.06 -27.28
CA SER D 233 -1.12 23.68 -27.02
C SER D 233 -2.14 23.47 -28.13
N ALA D 234 -3.41 23.72 -27.79
CA ALA D 234 -4.52 23.56 -28.71
C ALA D 234 -5.68 24.40 -28.23
N ASP D 235 -6.58 24.75 -29.14
CA ASP D 235 -7.76 25.52 -28.78
C ASP D 235 -8.82 24.53 -28.28
N CYS D 236 -9.75 25.02 -27.48
CA CYS D 236 -10.81 24.18 -26.98
C CYS D 236 -12.04 25.02 -26.72
N GLN D 237 -13.16 24.35 -26.51
CA GLN D 237 -14.42 25.04 -26.27
C GLN D 237 -15.18 24.22 -25.25
N ASP D 238 -15.88 24.87 -24.34
CA ASP D 238 -16.64 24.12 -23.35
C ASP D 238 -18.07 23.89 -23.85
N GLU D 239 -18.88 23.25 -23.03
CA GLU D 239 -20.26 22.94 -23.39
C GLU D 239 -21.16 24.17 -23.49
N LEU D 240 -20.60 25.35 -23.24
CA LEU D 240 -21.37 26.59 -23.31
C LEU D 240 -20.94 27.39 -24.53
N GLY D 241 -20.03 26.81 -25.31
CA GLY D 241 -19.53 27.46 -26.50
C GLY D 241 -18.44 28.47 -26.21
N ARG D 242 -17.97 28.49 -24.97
CA ARG D 242 -16.92 29.42 -24.58
C ARG D 242 -15.53 29.00 -25.05
N LYS D 243 -14.78 29.97 -25.55
CA LYS D 243 -13.44 29.73 -26.07
C LYS D 243 -12.37 29.58 -24.97
N GLY D 244 -11.31 28.86 -25.30
CA GLY D 244 -10.22 28.65 -24.37
C GLY D 244 -9.12 27.89 -25.06
N SER D 245 -8.13 27.46 -24.29
CA SER D 245 -7.00 26.70 -24.79
C SER D 245 -6.50 25.74 -23.73
N LYS D 246 -5.67 24.79 -24.15
CA LYS D 246 -5.09 23.81 -23.24
C LYS D 246 -3.62 23.59 -23.57
N LEU D 247 -2.82 23.37 -22.54
CA LEU D 247 -1.40 23.11 -22.73
C LEU D 247 -1.20 21.67 -22.33
N TYR D 248 -0.42 20.95 -23.11
CA TYR D 248 -0.18 19.53 -22.85
C TYR D 248 1.30 19.23 -22.75
N TYR D 249 1.60 18.11 -22.11
CA TYR D 249 2.99 17.66 -22.06
C TYR D 249 2.92 16.27 -22.68
N SER D 250 3.93 15.92 -23.46
CA SER D 250 3.96 14.61 -24.13
C SER D 250 4.60 13.52 -23.30
N PHE D 251 3.79 12.85 -22.49
CA PHE D 251 4.27 11.76 -21.67
C PHE D 251 4.49 10.55 -22.59
N PRO D 252 5.29 9.57 -22.14
CA PRO D 252 5.54 8.39 -22.97
C PRO D 252 4.28 7.65 -23.41
N TRP D 253 3.21 7.73 -22.63
CA TRP D 253 1.98 7.03 -22.97
C TRP D 253 1.03 7.89 -23.81
N GLY D 254 1.35 9.17 -23.93
CA GLY D 254 0.50 10.07 -24.69
C GLY D 254 0.53 11.46 -24.10
N LYS D 255 -0.30 12.34 -24.66
CA LYS D 255 -0.38 13.71 -24.19
C LYS D 255 -1.35 13.83 -23.03
N GLU D 256 -1.02 14.69 -22.08
CA GLU D 256 -1.89 14.92 -20.93
C GLU D 256 -2.01 16.41 -20.72
N PRO D 257 -3.24 16.91 -20.47
CA PRO D 257 -3.40 18.35 -20.25
C PRO D 257 -2.85 18.74 -18.88
N ILE D 258 -2.00 19.77 -18.85
CA ILE D 258 -1.39 20.26 -17.63
C ILE D 258 -1.87 21.67 -17.29
N GLU D 259 -2.60 22.29 -18.21
CA GLU D 259 -3.11 23.64 -17.99
C GLU D 259 -4.26 23.99 -18.92
N THR D 260 -5.28 24.67 -18.40
CA THR D 260 -6.39 25.08 -19.23
C THR D 260 -6.70 26.56 -19.00
N LEU D 261 -6.95 27.28 -20.09
CA LEU D 261 -7.27 28.70 -20.05
C LEU D 261 -8.67 28.86 -20.63
N TRP D 262 -9.52 29.63 -19.95
CA TRP D 262 -10.89 29.84 -20.39
C TRP D 262 -11.32 31.31 -20.38
N ASN D 263 -12.07 31.70 -21.41
CA ASN D 263 -12.63 33.04 -21.43
C ASN D 263 -14.04 32.71 -20.95
N LEU D 264 -14.29 32.95 -19.68
CA LEU D 264 -15.59 32.61 -19.07
C LEU D 264 -16.73 33.61 -19.21
N GLY D 265 -16.45 34.85 -19.59
CA GLY D 265 -17.51 35.84 -19.68
C GLY D 265 -17.82 36.28 -18.26
N ASP D 266 -19.06 36.63 -17.96
CA ASP D 266 -19.39 37.07 -16.59
C ASP D 266 -20.37 36.19 -15.82
N GLN D 267 -20.83 35.12 -16.47
CA GLN D 267 -21.79 34.20 -15.86
C GLN D 267 -21.55 33.88 -14.39
N GLU D 268 -20.41 33.27 -14.08
CA GLU D 268 -20.06 32.89 -12.71
C GLU D 268 -19.95 34.09 -11.76
N LEU D 269 -19.46 35.20 -12.26
CA LEU D 269 -19.33 36.38 -11.42
C LEU D 269 -20.70 36.88 -10.96
N LEU D 270 -21.61 37.03 -11.91
CA LEU D 270 -22.96 37.50 -11.62
C LEU D 270 -23.64 36.57 -10.63
N HIS D 271 -23.44 35.27 -10.82
CA HIS D 271 -24.04 34.27 -9.94
C HIS D 271 -23.47 34.38 -8.53
N THR D 272 -22.21 34.82 -8.43
CA THR D 272 -21.56 34.96 -7.13
C THR D 272 -22.09 36.18 -6.37
N TYR D 273 -22.46 37.22 -7.10
CA TYR D 273 -22.99 38.42 -6.46
C TYR D 273 -24.37 38.75 -7.01
N PRO D 274 -25.40 37.98 -6.60
CA PRO D 274 -26.75 38.23 -7.09
C PRO D 274 -27.23 39.62 -6.67
N GLY D 275 -28.23 40.15 -7.37
CA GLY D 275 -28.75 41.47 -7.05
C GLY D 275 -28.13 42.52 -7.94
N ASN D 276 -28.40 43.80 -7.68
CA ASN D 276 -27.84 44.89 -8.48
C ASN D 276 -26.32 44.82 -8.57
N VAL D 277 -25.79 44.97 -9.78
CA VAL D 277 -24.35 44.87 -10.03
C VAL D 277 -23.51 46.12 -9.76
N SER D 278 -24.13 47.18 -9.28
CA SER D 278 -23.38 48.40 -8.99
C SER D 278 -22.12 48.13 -8.16
N THR D 279 -22.17 47.15 -7.27
CA THR D 279 -21.03 46.84 -6.41
C THR D 279 -19.88 46.08 -7.06
N ILE D 280 -20.17 45.28 -8.08
CA ILE D 280 -19.13 44.53 -8.76
C ILE D 280 -18.60 45.18 -10.03
N GLN D 281 -19.17 46.32 -10.42
CA GLN D 281 -18.73 47.00 -11.62
C GLN D 281 -17.37 47.65 -11.49
N GLY D 282 -16.53 47.42 -12.50
CA GLY D 282 -15.19 47.99 -12.51
C GLY D 282 -15.08 49.11 -13.51
N ARG D 283 -13.93 49.77 -13.55
CA ARG D 283 -13.76 50.87 -14.49
C ARG D 283 -12.95 50.53 -15.73
N ASP D 284 -13.55 50.79 -16.88
CA ASP D 284 -12.89 50.59 -18.15
C ASP D 284 -12.84 52.02 -18.67
N GLY D 285 -11.78 52.73 -18.28
CA GLY D 285 -11.65 54.11 -18.68
C GLY D 285 -12.68 54.94 -17.92
N ARG D 286 -13.76 55.29 -18.60
CA ARG D 286 -14.82 56.10 -18.02
C ARG D 286 -16.08 55.28 -17.70
N LYS D 287 -16.26 54.17 -18.43
CA LYS D 287 -17.44 53.33 -18.25
C LYS D 287 -17.35 52.37 -17.07
N ASN D 288 -18.50 52.11 -16.47
CA ASN D 288 -18.62 51.18 -15.35
C ASN D 288 -19.18 49.90 -15.93
N VAL D 289 -18.39 48.83 -15.87
CA VAL D 289 -18.81 47.57 -16.44
C VAL D 289 -18.51 46.35 -15.56
N VAL D 290 -19.33 45.32 -15.73
CA VAL D 290 -19.11 44.09 -15.02
C VAL D 290 -18.02 43.48 -15.89
N PRO D 291 -16.87 43.14 -15.30
CA PRO D 291 -15.80 42.57 -16.12
C PRO D 291 -16.05 41.15 -16.60
N CYS D 292 -15.29 40.79 -17.63
CA CYS D 292 -15.35 39.46 -18.20
C CYS D 292 -14.22 38.77 -17.42
N VAL D 293 -14.36 37.48 -17.12
CA VAL D 293 -13.28 36.83 -16.39
C VAL D 293 -12.60 35.73 -17.18
N LEU D 294 -11.28 35.67 -17.07
CA LEU D 294 -10.49 34.65 -17.73
C LEU D 294 -9.90 33.79 -16.62
N SER D 295 -10.00 32.48 -16.79
CA SER D 295 -9.46 31.53 -15.83
C SER D 295 -8.25 30.86 -16.46
N VAL D 296 -7.12 30.90 -15.76
CA VAL D 296 -5.88 30.29 -16.23
C VAL D 296 -5.42 29.35 -15.11
N SER D 297 -5.54 28.06 -15.33
CA SER D 297 -5.20 27.09 -14.29
C SER D 297 -4.28 25.93 -14.67
N GLY D 298 -3.19 25.79 -13.93
CA GLY D 298 -2.23 24.73 -14.20
C GLY D 298 -2.20 23.67 -13.10
N ASP D 299 -1.81 22.46 -13.49
CA ASP D 299 -1.70 21.34 -12.57
C ASP D 299 -0.22 21.20 -12.21
N VAL D 300 0.14 21.72 -11.04
CA VAL D 300 1.53 21.69 -10.56
C VAL D 300 2.08 20.29 -10.33
N ASP D 301 1.22 19.34 -9.94
CA ASP D 301 1.67 17.98 -9.69
C ASP D 301 2.02 17.31 -11.02
N LEU D 302 1.10 17.41 -11.98
CA LEU D 302 1.33 16.82 -13.28
C LEU D 302 2.55 17.48 -13.90
N GLY D 303 2.68 18.79 -13.72
CA GLY D 303 3.83 19.51 -14.24
C GLY D 303 5.12 19.00 -13.60
N THR D 304 5.06 18.68 -12.33
CA THR D 304 6.25 18.17 -11.64
C THR D 304 6.63 16.84 -12.29
N LEU D 305 5.65 15.97 -12.51
CA LEU D 305 5.92 14.69 -13.15
C LEU D 305 6.46 14.92 -14.58
N ALA D 306 5.90 15.90 -15.29
CA ALA D 306 6.36 16.19 -16.64
C ALA D 306 7.84 16.55 -16.67
N TYR D 307 8.28 17.37 -15.71
CA TYR D 307 9.69 17.73 -15.68
C TYR D 307 10.60 16.55 -15.33
N LEU D 308 10.09 15.62 -14.53
CA LEU D 308 10.90 14.46 -14.17
C LEU D 308 11.15 13.61 -15.42
N TYR D 309 10.10 13.39 -16.21
CA TYR D 309 10.23 12.60 -17.44
C TYR D 309 11.10 13.34 -18.44
N ASP D 310 10.90 14.65 -18.55
CA ASP D 310 11.66 15.50 -19.48
C ASP D 310 13.16 15.56 -19.17
N SER D 311 13.51 15.41 -17.89
CA SER D 311 14.91 15.50 -17.46
C SER D 311 15.72 14.21 -17.66
N PHE D 312 15.02 13.11 -17.89
CA PHE D 312 15.65 11.81 -18.04
C PHE D 312 16.55 11.62 -19.27
N GLN D 313 17.76 11.15 -19.03
CA GLN D 313 18.74 10.90 -20.07
C GLN D 313 19.52 9.65 -19.66
N LEU D 314 19.87 8.81 -20.64
CA LEU D 314 20.59 7.59 -20.36
C LEU D 314 21.82 7.41 -21.25
N ALA D 315 22.78 6.63 -20.77
CA ALA D 315 24.01 6.38 -21.53
C ALA D 315 24.55 4.98 -21.25
N GLU D 316 24.79 4.21 -22.29
CA GLU D 316 25.30 2.85 -22.15
C GLU D 316 26.77 2.72 -22.58
N ASN D 317 27.50 1.84 -21.90
CA ASN D 317 28.90 1.60 -22.21
C ASN D 317 29.30 0.16 -21.86
N SER D 318 29.66 -0.61 -22.89
CA SER D 318 30.06 -2.01 -22.70
C SER D 318 31.56 -2.12 -22.43
N PHE D 319 32.26 -1.00 -22.56
CA PHE D 319 33.70 -0.94 -22.34
C PHE D 319 34.14 -1.55 -21.01
N ALA D 320 33.26 -1.50 -20.00
CA ALA D 320 33.61 -2.03 -18.69
C ALA D 320 32.99 -3.38 -18.38
N ARG D 321 33.17 -3.82 -17.13
CA ARG D 321 32.64 -5.09 -16.65
C ARG D 321 32.06 -4.90 -15.25
N LYS D 322 32.83 -4.25 -14.39
CA LYS D 322 32.43 -3.98 -13.02
C LYS D 322 31.46 -2.79 -13.00
N LYS D 323 31.87 -1.70 -13.61
CA LYS D 323 31.05 -0.49 -13.68
C LYS D 323 29.75 -0.79 -14.44
N SER D 324 28.62 -0.47 -13.83
CA SER D 324 27.31 -0.70 -14.43
C SER D 324 27.24 -0.35 -15.91
N LEU D 325 26.50 -1.15 -16.67
CA LEU D 325 26.35 -0.94 -18.11
C LEU D 325 25.63 0.36 -18.41
N GLN D 326 24.55 0.64 -17.67
CA GLN D 326 23.75 1.84 -17.87
C GLN D 326 24.01 2.91 -16.82
N ARG D 327 23.93 4.16 -17.24
CA ARG D 327 24.13 5.30 -16.36
C ARG D 327 22.99 6.28 -16.65
N LYS D 328 22.14 6.49 -15.65
CA LYS D 328 21.00 7.38 -15.80
C LYS D 328 21.23 8.70 -15.08
N VAL D 329 20.69 9.78 -15.64
CA VAL D 329 20.84 11.09 -15.03
C VAL D 329 19.56 11.90 -15.19
N LEU D 330 19.23 12.71 -14.18
CA LEU D 330 18.06 13.58 -14.25
C LEU D 330 18.61 15.00 -14.42
N LYS D 331 18.48 15.56 -15.62
CA LYS D 331 18.97 16.92 -15.88
C LYS D 331 17.92 17.99 -15.62
N LEU D 332 17.39 18.02 -14.40
CA LEU D 332 16.41 19.03 -14.04
C LEU D 332 17.06 20.41 -14.17
N HIS D 333 16.29 21.40 -14.61
CA HIS D 333 16.81 22.76 -14.72
C HIS D 333 17.37 23.20 -13.36
N PRO D 334 18.48 23.96 -13.35
CA PRO D 334 19.12 24.45 -12.12
C PRO D 334 18.22 25.13 -11.11
N CYS D 335 17.21 25.85 -11.59
CA CYS D 335 16.27 26.55 -10.71
C CYS D 335 15.27 25.55 -10.11
N LEU D 336 15.18 24.36 -10.69
CA LEU D 336 14.23 23.37 -10.21
C LEU D 336 14.83 22.23 -9.39
N ALA D 337 16.04 21.81 -9.75
CA ALA D 337 16.71 20.74 -9.03
C ALA D 337 16.58 20.97 -7.52
N PRO D 338 16.10 19.96 -6.77
CA PRO D 338 15.93 20.07 -5.31
C PRO D 338 17.25 20.23 -4.56
N ILE D 339 18.25 19.45 -4.92
CA ILE D 339 19.56 19.54 -4.27
C ILE D 339 20.58 20.16 -5.21
N LYS D 340 21.17 21.29 -4.81
CA LYS D 340 22.13 21.95 -5.67
C LYS D 340 23.56 21.43 -5.59
N VAL D 341 24.00 21.12 -4.38
CA VAL D 341 25.38 20.66 -4.18
C VAL D 341 25.50 19.52 -3.20
N ALA D 342 26.46 18.63 -3.44
CA ALA D 342 26.71 17.53 -2.52
C ALA D 342 28.14 17.69 -1.99
N LEU D 343 28.38 17.30 -0.74
CA LEU D 343 29.72 17.41 -0.15
C LEU D 343 30.17 16.09 0.43
N ASP D 344 31.37 15.65 0.03
CA ASP D 344 31.92 14.39 0.50
C ASP D 344 33.40 14.49 0.90
N VAL D 345 33.89 13.51 1.67
CA VAL D 345 35.29 13.52 2.07
C VAL D 345 36.01 12.36 1.41
N GLY D 346 37.21 12.64 0.89
CA GLY D 346 38.00 11.61 0.27
C GLY D 346 38.91 10.98 1.31
N LYS D 347 40.04 10.45 0.86
CA LYS D 347 41.00 9.82 1.77
C LYS D 347 41.60 10.88 2.69
N GLY D 348 41.74 10.53 3.97
CA GLY D 348 42.31 11.47 4.92
C GLY D 348 41.76 11.33 6.32
N PRO D 349 42.12 12.26 7.21
CA PRO D 349 41.66 12.24 8.61
C PRO D 349 40.17 12.56 8.76
N THR D 350 39.39 11.54 9.08
CA THR D 350 37.94 11.62 9.23
C THR D 350 37.41 12.90 9.88
N VAL D 351 37.63 13.05 11.18
CA VAL D 351 37.15 14.21 11.91
C VAL D 351 37.59 15.57 11.33
N GLU D 352 38.85 15.67 10.91
CA GLU D 352 39.37 16.91 10.35
C GLU D 352 38.68 17.28 9.04
N LEU D 353 38.46 16.29 8.18
CA LEU D 353 37.83 16.53 6.89
C LEU D 353 36.35 16.86 7.03
N ARG D 354 35.67 16.19 7.95
CA ARG D 354 34.26 16.41 8.20
C ARG D 354 34.04 17.82 8.73
N GLN D 355 35.03 18.31 9.47
CA GLN D 355 34.98 19.65 10.05
C GLN D 355 35.03 20.68 8.93
N VAL D 356 35.90 20.46 7.96
CA VAL D 356 36.01 21.39 6.83
C VAL D 356 34.70 21.36 6.04
N CYS D 357 34.07 20.20 5.97
CA CYS D 357 32.81 20.05 5.25
C CYS D 357 31.71 20.80 6.00
N GLN D 358 31.66 20.60 7.32
CA GLN D 358 30.67 21.26 8.15
C GLN D 358 30.67 22.76 7.93
N GLY D 359 31.86 23.34 7.86
CA GLY D 359 31.97 24.78 7.65
C GLY D 359 31.47 25.19 6.28
N LEU D 360 31.81 24.41 5.27
CA LEU D 360 31.38 24.70 3.90
C LEU D 360 29.85 24.64 3.81
N LEU D 361 29.27 23.65 4.48
CA LEU D 361 27.83 23.46 4.49
C LEU D 361 27.14 24.70 5.06
N ASN D 362 27.53 25.08 6.27
CA ASN D 362 26.95 26.26 6.93
C ASN D 362 27.02 27.48 6.03
N GLU D 363 28.15 27.66 5.36
CA GLU D 363 28.34 28.79 4.46
C GLU D 363 27.36 28.74 3.29
N LEU D 364 27.12 27.52 2.79
CA LEU D 364 26.19 27.34 1.68
C LEU D 364 24.74 27.44 2.16
N LEU D 365 24.41 26.75 3.25
CA LEU D 365 23.03 26.79 3.75
C LEU D 365 22.60 28.21 4.09
N GLU D 366 23.49 28.97 4.71
CA GLU D 366 23.18 30.35 5.07
C GLU D 366 22.95 31.22 3.83
N ASN D 367 23.41 30.74 2.68
CA ASN D 367 23.21 31.47 1.44
C ASN D 367 22.00 30.85 0.73
N GLY D 368 21.24 30.04 1.47
CA GLY D 368 20.06 29.40 0.92
C GLY D 368 20.30 28.35 -0.14
N ILE D 369 21.54 27.86 -0.24
CA ILE D 369 21.87 26.82 -1.23
C ILE D 369 21.70 25.44 -0.59
N SER D 370 20.85 24.61 -1.17
CA SER D 370 20.60 23.26 -0.65
C SER D 370 21.85 22.40 -0.81
N VAL D 371 22.14 21.63 0.24
CA VAL D 371 23.34 20.79 0.26
C VAL D 371 23.09 19.37 0.76
N TRP D 372 23.70 18.40 0.09
CA TRP D 372 23.61 17.01 0.50
C TRP D 372 24.89 16.71 1.29
N PRO D 373 24.77 16.45 2.60
CA PRO D 373 25.95 16.15 3.43
C PRO D 373 26.41 14.71 3.34
N GLY D 374 26.96 14.34 2.18
CA GLY D 374 27.43 12.98 1.99
C GLY D 374 28.46 12.58 3.04
N TYR D 375 29.29 13.54 3.42
CA TYR D 375 30.33 13.31 4.42
C TYR D 375 29.79 12.73 5.72
N SER D 376 28.53 12.99 6.03
CA SER D 376 27.91 12.50 7.25
C SER D 376 27.78 10.99 7.22
N GLU D 377 27.77 10.43 6.02
CA GLU D 377 27.63 8.99 5.84
C GLU D 377 28.80 8.24 6.45
N THR D 378 28.50 7.19 7.20
CA THR D 378 29.54 6.37 7.83
C THR D 378 30.00 5.27 6.88
N VAL D 379 29.08 4.78 6.05
CA VAL D 379 29.41 3.75 5.07
C VAL D 379 30.17 4.37 3.91
N HIS D 380 31.14 3.63 3.38
CA HIS D 380 31.95 4.12 2.27
C HIS D 380 31.35 3.77 0.91
N SER D 381 31.62 4.62 -0.06
CA SER D 381 31.14 4.40 -1.43
C SER D 381 32.23 4.88 -2.36
N SER D 382 32.44 4.15 -3.44
CA SER D 382 33.45 4.54 -4.42
C SER D 382 33.00 5.87 -5.00
N LEU D 383 33.93 6.59 -5.62
CA LEU D 383 33.62 7.87 -6.22
C LEU D 383 32.61 7.68 -7.34
N GLU D 384 32.74 6.58 -8.07
CA GLU D 384 31.84 6.28 -9.17
C GLU D 384 30.44 6.06 -8.64
N GLN D 385 30.32 5.33 -7.54
CA GLN D 385 29.02 5.06 -6.94
C GLN D 385 28.36 6.35 -6.48
N LEU D 386 29.18 7.28 -5.97
CA LEU D 386 28.68 8.56 -5.49
C LEU D 386 28.16 9.40 -6.64
N HIS D 387 28.96 9.51 -7.70
CA HIS D 387 28.57 10.31 -8.83
C HIS D 387 27.34 9.80 -9.58
N SER D 388 27.17 8.48 -9.67
CA SER D 388 25.99 7.94 -10.35
C SER D 388 24.75 8.29 -9.53
N LYS D 389 24.87 8.15 -8.22
CA LYS D 389 23.75 8.44 -7.32
C LYS D 389 23.40 9.91 -7.41
N TYR D 390 24.42 10.76 -7.35
CA TYR D 390 24.21 12.19 -7.41
C TYR D 390 23.59 12.60 -8.75
N ASP D 391 23.99 11.93 -9.83
CA ASP D 391 23.44 12.22 -11.14
C ASP D 391 21.96 11.84 -11.19
N GLU D 392 21.61 10.73 -10.53
CA GLU D 392 20.23 10.25 -10.46
C GLU D 392 19.38 11.19 -9.62
N MET D 393 20.02 11.90 -8.70
CA MET D 393 19.34 12.84 -7.81
C MET D 393 19.30 14.23 -8.41
N SER D 394 19.91 14.39 -9.59
CA SER D 394 19.95 15.67 -10.29
C SER D 394 20.82 16.73 -9.61
N VAL D 395 21.68 16.29 -8.69
CA VAL D 395 22.57 17.20 -7.98
C VAL D 395 23.38 17.97 -9.01
N LEU D 396 23.38 19.29 -8.91
CA LEU D 396 24.12 20.13 -9.86
C LEU D 396 25.65 20.01 -9.76
N PHE D 397 26.18 20.07 -8.54
CA PHE D 397 27.62 19.96 -8.33
C PHE D 397 27.97 19.10 -7.13
N SER D 398 28.98 18.24 -7.26
CA SER D 398 29.45 17.44 -6.13
C SER D 398 30.88 17.91 -5.78
N VAL D 399 31.12 18.10 -4.49
CA VAL D 399 32.40 18.59 -4.00
C VAL D 399 33.10 17.55 -3.12
N LEU D 400 34.39 17.34 -3.39
CA LEU D 400 35.16 16.38 -2.61
C LEU D 400 36.28 17.08 -1.84
N VAL D 401 36.27 16.91 -0.53
CA VAL D 401 37.27 17.50 0.35
C VAL D 401 38.21 16.36 0.73
N THR D 402 39.51 16.57 0.57
CA THR D 402 40.49 15.52 0.89
C THR D 402 41.72 16.01 1.67
N GLU D 403 42.71 15.14 1.79
CA GLU D 403 43.96 15.46 2.49
C GLU D 403 44.57 16.68 1.79
N THR D 404 44.58 16.62 0.47
CA THR D 404 45.09 17.70 -0.37
C THR D 404 44.51 19.02 0.08
N THR D 405 43.20 19.04 0.31
CA THR D 405 42.49 20.23 0.73
C THR D 405 43.06 20.82 2.01
N LEU D 406 43.49 19.94 2.91
CA LEU D 406 44.03 20.36 4.18
C LEU D 406 45.35 21.12 4.06
N GLU D 407 46.09 20.90 2.97
CA GLU D 407 47.35 21.59 2.77
C GLU D 407 47.23 22.68 1.72
N ASN D 408 46.52 22.37 0.65
CA ASN D 408 46.32 23.28 -0.48
C ASN D 408 45.03 24.10 -0.45
N GLY D 409 44.02 23.62 0.27
CA GLY D 409 42.76 24.34 0.32
C GLY D 409 41.99 24.12 -0.97
N LEU D 410 42.48 23.19 -1.79
CA LEU D 410 41.83 22.87 -3.06
C LEU D 410 40.88 21.69 -2.92
N ILE D 411 39.73 21.79 -3.56
CA ILE D 411 38.75 20.73 -3.55
C ILE D 411 38.43 20.34 -4.98
N GLN D 412 37.94 19.11 -5.17
CA GLN D 412 37.57 18.62 -6.48
C GLN D 412 36.09 18.90 -6.71
N LEU D 413 35.79 19.62 -7.79
CA LEU D 413 34.41 19.97 -8.13
C LEU D 413 34.00 19.29 -9.43
N ARG D 414 32.92 18.51 -9.38
CA ARG D 414 32.42 17.83 -10.57
C ARG D 414 31.03 18.31 -10.93
N SER D 415 30.88 18.71 -12.19
CA SER D 415 29.61 19.20 -12.69
C SER D 415 28.74 18.04 -13.18
N ARG D 416 27.44 18.14 -12.91
CA ARG D 416 26.52 17.10 -13.33
C ARG D 416 26.38 17.12 -14.84
N ASP D 417 26.25 18.33 -15.38
CA ASP D 417 26.04 18.54 -16.82
C ASP D 417 27.21 18.19 -17.75
N THR D 418 28.43 18.43 -17.30
CA THR D 418 29.60 18.12 -18.12
C THR D 418 30.39 16.92 -17.57
N THR D 419 30.04 16.49 -16.36
CA THR D 419 30.69 15.37 -15.70
C THR D 419 32.21 15.48 -15.67
N MET D 420 32.73 16.68 -15.93
CA MET D 420 34.17 16.91 -15.92
C MET D 420 34.60 17.46 -14.57
N LYS D 421 35.67 16.87 -14.03
CA LYS D 421 36.18 17.29 -12.73
C LYS D 421 37.27 18.34 -12.87
N GLU D 422 37.43 19.16 -11.83
CA GLU D 422 38.43 20.21 -11.83
C GLU D 422 38.68 20.69 -10.40
N MET D 423 39.88 21.21 -10.15
CA MET D 423 40.24 21.70 -8.83
C MET D 423 39.81 23.16 -8.68
N MET D 424 39.60 23.57 -7.44
CA MET D 424 39.15 24.92 -7.13
C MET D 424 39.37 25.17 -5.65
N HIS D 425 39.94 26.32 -5.31
CA HIS D 425 40.20 26.65 -3.91
C HIS D 425 38.89 26.82 -3.14
N ILE D 426 38.80 26.12 -2.01
CA ILE D 426 37.61 26.14 -1.16
C ILE D 426 37.06 27.54 -0.89
N SER D 427 37.93 28.54 -0.88
CA SER D 427 37.51 29.91 -0.60
C SER D 427 36.81 30.60 -1.76
N LYS D 428 36.58 29.85 -2.85
CA LYS D 428 35.91 30.42 -4.02
C LYS D 428 34.62 29.68 -4.37
N LEU D 429 34.41 28.53 -3.73
CA LEU D 429 33.23 27.72 -3.97
C LEU D 429 31.93 28.48 -3.78
N ARG D 430 31.70 29.00 -2.58
CA ARG D 430 30.48 29.74 -2.29
C ARG D 430 30.17 30.80 -3.34
N ASP D 431 31.19 31.55 -3.75
CA ASP D 431 31.03 32.59 -4.75
C ASP D 431 30.61 32.01 -6.09
N PHE D 432 31.31 30.96 -6.53
CA PHE D 432 30.99 30.33 -7.80
C PHE D 432 29.54 29.86 -7.88
N LEU D 433 29.09 29.12 -6.85
CA LEU D 433 27.73 28.60 -6.82
C LEU D 433 26.68 29.70 -6.76
N VAL D 434 26.86 30.65 -5.83
CA VAL D 434 25.90 31.74 -5.67
C VAL D 434 25.72 32.47 -6.99
N LYS D 435 26.81 32.59 -7.74
CA LYS D 435 26.77 33.27 -9.03
C LYS D 435 26.11 32.38 -10.08
N TYR D 436 26.56 31.14 -10.19
CA TYR D 436 26.00 30.20 -11.16
C TYR D 436 24.48 30.11 -11.01
N LEU D 437 24.03 29.99 -9.78
CA LEU D 437 22.59 29.90 -9.52
C LEU D 437 21.87 31.19 -9.89
N ALA D 438 22.50 32.32 -9.56
CA ALA D 438 21.92 33.63 -9.86
C ALA D 438 21.76 33.78 -11.37
N SER D 439 22.79 33.37 -12.11
CA SER D 439 22.79 33.45 -13.57
C SER D 439 21.70 32.59 -14.21
N ALA D 440 21.55 31.37 -13.70
CA ALA D 440 20.55 30.45 -14.24
C ALA D 440 19.14 30.98 -13.97
N SER D 441 18.99 31.60 -12.81
CA SER D 441 17.71 32.17 -12.42
C SER D 441 17.50 33.58 -12.97
N ASN D 442 18.58 34.19 -13.43
CA ASN D 442 18.51 35.53 -13.98
C ASN D 442 18.00 35.53 -15.41
N VAL D 443 18.84 35.02 -16.32
CA VAL D 443 18.49 34.94 -17.74
C VAL D 443 17.27 35.85 -17.98
N ALA D 444 17.49 37.13 -17.71
CA ALA D 444 16.52 38.25 -17.81
C ALA D 444 15.38 38.14 -18.81
N ALA D 445 14.36 38.98 -18.59
CA ALA D 445 13.16 39.03 -19.42
C ALA D 445 13.40 38.85 -20.93
N ALA D 446 14.24 39.71 -21.50
CA ALA D 446 14.54 39.66 -22.92
C ALA D 446 15.51 38.54 -23.34
N LEU D 447 15.94 37.73 -22.38
CA LEU D 447 16.86 36.62 -22.64
C LEU D 447 16.25 35.37 -22.03
N ASP D 448 15.09 35.57 -21.40
CA ASP D 448 14.31 34.53 -20.72
C ASP D 448 14.15 33.21 -21.49
N HIS D 449 13.80 33.32 -22.76
CA HIS D 449 13.52 32.14 -23.57
C HIS D 449 14.50 31.72 -24.66
N HIS D 450 15.79 31.69 -24.35
CA HIS D 450 16.80 31.28 -25.33
C HIS D 450 16.78 29.76 -25.53
N HIS D 451 16.23 29.03 -24.56
CA HIS D 451 16.13 27.57 -24.61
C HIS D 451 17.46 26.83 -24.77
N HIS D 452 18.57 27.51 -24.46
CA HIS D 452 19.91 26.93 -24.57
C HIS D 452 20.38 26.89 -26.01
#